data_5UVN
#
_entry.id   5UVN
#
_cell.length_a   1.000
_cell.length_b   1.000
_cell.length_c   1.000
_cell.angle_alpha   90.00
_cell.angle_beta   90.00
_cell.angle_gamma   90.00
#
_symmetry.space_group_name_H-M   'P 1'
#
_entity_poly.entity_id   1
_entity_poly.type   'polypeptide(L)'
_entity_poly.pdbx_seq_one_letter_code
;MHHHHHHENLYFQSHQGPEVTLITANAEGIEGGKTTIKSRSVDVGVVESATLADDLTHVEIKARLNSGMEKLLHKDTVFW
VVKPQIGREGISGLGTLLSGVYIELQPGAKGSKMDKYDLLDSPPLAPPDAKGIRVILDSKKAGQLSPGDPVLFRGYRVGS
VETSTFDTQKRNISYQLFINAPYDRLVTNNVRFWKDSGIAVDLTSAGMRVEMGSLTTLLSGGVSFDVPEGLDLGQPVAPK
TAFVLYDDQKSIQDSLYTDHIDYLMFFKDSVRGLQPGAPVEFRGIRLGTVSKVPFFAPNMRQTFNDDYRIPVLIRIEPER
LKMQLGENADVVEHLGELLKRGLRGSLKTGNLVTGALYVDLDFYPNTPAITGIREFNGYQIIPTVSGGLAQIQQRLMEAL
DKINKL(UNK)(UNK)(UNK)(UNK)(UNK)(UNK)(UNK)(UNK)(UNK)(UNK)(UNK)(UNK)(UNK)(UNK)
(UNK)(UNK)(UNK)(UNK)(UNK)(UNK)(UNK)(UNK)(UNK)(UNK)(UNK)(UNK)(UNK)(UNK)(UNK)(UNK)
(UNK)(UNK)(UNK)(UNK)(UNK)(UNK)(UNK)(UNK)(UNK)(UNK)(UNK)(UNK)(UNK)(UNK)(UNK)(UNK)
(UNK)
;
_entity_poly.pdbx_strand_id   A,B,C,D,E,F
#
# COMPACT_ATOMS: atom_id res chain seq x y z
N GLY A 17 -1.77 -25.70 -61.30
CA GLY A 17 -1.86 -26.62 -60.17
C GLY A 17 -3.23 -26.64 -59.52
N PRO A 18 -3.38 -27.45 -58.48
CA PRO A 18 -4.69 -27.58 -57.82
C PRO A 18 -5.12 -26.26 -57.23
N GLU A 19 -6.43 -26.04 -57.20
CA GLU A 19 -6.98 -24.78 -56.72
C GLU A 19 -8.20 -25.07 -55.86
N VAL A 20 -8.32 -24.34 -54.77
CA VAL A 20 -9.25 -24.64 -53.70
C VAL A 20 -10.08 -23.41 -53.41
N THR A 21 -11.31 -23.63 -52.96
CA THR A 21 -12.18 -22.56 -52.51
C THR A 21 -12.29 -22.57 -51.00
N LEU A 22 -12.45 -21.40 -50.41
CA LEU A 22 -12.56 -21.23 -48.98
C LEU A 22 -13.74 -20.34 -48.67
N ILE A 23 -14.25 -20.43 -47.45
CA ILE A 23 -15.42 -19.67 -47.03
C ILE A 23 -15.16 -19.05 -45.66
N THR A 24 -15.52 -17.77 -45.50
CA THR A 24 -15.48 -17.12 -44.20
C THR A 24 -16.70 -16.24 -44.02
N ALA A 25 -16.91 -15.80 -42.79
CA ALA A 25 -17.89 -14.76 -42.55
C ALA A 25 -17.29 -13.38 -42.81
N ASN A 26 -16.01 -13.21 -42.50
CA ASN A 26 -15.36 -11.93 -42.69
C ASN A 26 -13.93 -12.18 -43.15
N ALA A 27 -13.49 -11.42 -44.14
CA ALA A 27 -12.27 -11.72 -44.86
C ALA A 27 -11.05 -10.97 -44.33
N GLU A 28 -11.23 -10.13 -43.33
CA GLU A 28 -10.09 -9.46 -42.70
C GLU A 28 -9.18 -8.82 -43.73
N GLY A 29 -7.87 -8.91 -43.51
CA GLY A 29 -6.95 -8.19 -44.36
C GLY A 29 -6.47 -8.97 -45.56
N ILE A 30 -7.21 -9.99 -45.96
CA ILE A 30 -6.76 -10.81 -47.08
C ILE A 30 -6.95 -10.04 -48.37
N GLU A 31 -5.86 -9.83 -49.09
CA GLU A 31 -5.88 -9.08 -50.34
C GLU A 31 -5.56 -10.01 -51.50
N GLY A 32 -6.33 -9.88 -52.56
CA GLY A 32 -6.18 -10.74 -53.72
C GLY A 32 -4.79 -10.75 -54.31
N GLY A 33 -4.20 -11.93 -54.42
CA GLY A 33 -2.93 -12.10 -55.08
C GLY A 33 -1.72 -11.79 -54.24
N LYS A 34 -1.85 -11.01 -53.17
CA LYS A 34 -0.70 -10.71 -52.33
C LYS A 34 -0.57 -11.61 -51.10
N THR A 35 -1.59 -12.38 -50.76
CA THR A 35 -1.56 -13.19 -49.54
C THR A 35 -1.28 -14.63 -49.94
N THR A 36 -0.25 -15.20 -49.36
CA THR A 36 0.31 -16.45 -49.86
C THR A 36 0.05 -17.57 -48.86
N ILE A 37 -0.82 -18.50 -49.23
CA ILE A 37 -1.06 -19.65 -48.38
C ILE A 37 0.24 -20.40 -48.18
N LYS A 38 0.58 -20.68 -46.94
CA LYS A 38 1.80 -21.41 -46.67
C LYS A 38 1.67 -22.22 -45.39
N SER A 39 2.25 -23.41 -45.39
CA SER A 39 2.29 -24.25 -44.22
C SER A 39 3.72 -24.31 -43.71
N ARG A 40 3.88 -24.22 -42.40
CA ARG A 40 5.21 -24.18 -41.81
C ARG A 40 6.04 -23.10 -42.49
N SER A 41 5.40 -21.97 -42.76
CA SER A 41 6.09 -20.81 -43.31
C SER A 41 6.87 -21.17 -44.56
N VAL A 42 6.26 -21.97 -45.42
CA VAL A 42 6.81 -22.30 -46.73
C VAL A 42 5.71 -22.15 -47.75
N ASP A 43 5.95 -21.37 -48.80
CA ASP A 43 4.84 -20.93 -49.63
C ASP A 43 4.32 -22.09 -50.46
N VAL A 44 3.06 -22.45 -50.24
CA VAL A 44 2.42 -23.49 -51.02
C VAL A 44 1.49 -22.93 -52.08
N GLY A 45 1.30 -21.63 -52.13
CA GLY A 45 0.37 -21.08 -53.11
C GLY A 45 -0.16 -19.74 -52.67
N VAL A 46 -0.97 -19.16 -53.54
CA VAL A 46 -1.42 -17.78 -53.43
C VAL A 46 -2.94 -17.73 -53.49
N VAL A 47 -3.54 -16.93 -52.60
CA VAL A 47 -4.95 -16.61 -52.73
C VAL A 47 -5.15 -15.86 -54.04
N GLU A 48 -6.01 -16.37 -54.89
CA GLU A 48 -6.25 -15.64 -56.12
C GLU A 48 -7.14 -14.42 -55.90
N SER A 49 -8.32 -14.61 -55.32
CA SER A 49 -9.25 -13.51 -55.26
C SER A 49 -10.31 -13.75 -54.20
N ALA A 50 -10.97 -12.67 -53.79
CA ALA A 50 -12.04 -12.73 -52.81
C ALA A 50 -13.31 -12.17 -53.42
N THR A 51 -14.43 -12.83 -53.19
CA THR A 51 -15.69 -12.41 -53.78
C THR A 51 -16.83 -12.66 -52.80
N LEU A 52 -17.73 -11.69 -52.68
CA LEU A 52 -18.90 -11.88 -51.83
C LEU A 52 -19.75 -13.01 -52.35
N ALA A 53 -20.42 -13.70 -51.43
CA ALA A 53 -21.39 -14.68 -51.86
C ALA A 53 -22.65 -13.97 -52.35
N ASP A 54 -23.41 -14.65 -53.18
CA ASP A 54 -24.64 -14.10 -53.70
C ASP A 54 -25.67 -13.89 -52.61
N ASP A 55 -25.44 -14.50 -51.44
CA ASP A 55 -26.28 -14.28 -50.28
C ASP A 55 -25.77 -13.17 -49.39
N LEU A 56 -24.58 -12.63 -49.68
CA LEU A 56 -24.02 -11.53 -48.93
C LEU A 56 -23.70 -11.95 -47.50
N THR A 57 -24.10 -13.15 -47.13
CA THR A 57 -23.90 -13.60 -45.76
C THR A 57 -22.48 -14.08 -45.52
N HIS A 58 -21.81 -14.64 -46.52
CA HIS A 58 -20.45 -15.11 -46.35
C HIS A 58 -19.63 -14.73 -47.56
N VAL A 59 -18.33 -14.92 -47.45
CA VAL A 59 -17.39 -14.52 -48.48
C VAL A 59 -16.62 -15.74 -48.95
N GLU A 60 -16.43 -15.83 -50.25
CA GLU A 60 -15.67 -16.89 -50.89
C GLU A 60 -14.28 -16.40 -51.22
N ILE A 61 -13.32 -17.31 -51.14
CA ILE A 61 -11.93 -17.01 -51.42
C ILE A 61 -11.40 -18.08 -52.35
N LYS A 62 -11.03 -17.69 -53.56
CA LYS A 62 -10.46 -18.62 -54.53
C LYS A 62 -8.95 -18.57 -54.43
N ALA A 63 -8.34 -19.73 -54.16
CA ALA A 63 -6.91 -19.83 -53.94
C ALA A 63 -6.31 -20.88 -54.86
N ARG A 64 -5.05 -20.68 -55.22
CA ARG A 64 -4.33 -21.58 -56.12
C ARG A 64 -3.09 -22.09 -55.41
N LEU A 65 -3.06 -23.39 -55.10
CA LEU A 65 -1.88 -24.02 -54.56
C LEU A 65 -0.83 -24.24 -55.64
N ASN A 66 0.39 -24.48 -55.20
CA ASN A 66 1.48 -24.74 -56.12
C ASN A 66 1.25 -26.05 -56.87
N SER A 67 1.99 -26.18 -57.97
CA SER A 67 1.71 -27.22 -58.96
C SER A 67 1.76 -28.62 -58.34
N GLY A 68 2.89 -29.00 -57.78
CA GLY A 68 3.04 -30.38 -57.38
C GLY A 68 2.39 -30.76 -56.07
N MET A 69 1.72 -29.82 -55.41
CA MET A 69 1.31 -30.01 -54.02
C MET A 69 -0.11 -30.53 -53.87
N GLU A 70 -0.77 -30.94 -54.95
CA GLU A 70 -2.13 -31.44 -54.85
C GLU A 70 -2.28 -32.53 -53.80
N LYS A 71 -1.17 -33.14 -53.37
CA LYS A 71 -1.23 -34.16 -52.34
C LYS A 71 -1.74 -33.64 -51.01
N LEU A 72 -1.92 -32.33 -50.88
CA LEU A 72 -2.02 -31.74 -49.56
C LEU A 72 -3.46 -31.56 -49.06
N LEU A 73 -4.47 -31.76 -49.91
CA LEU A 73 -5.87 -31.50 -49.56
C LEU A 73 -6.40 -32.30 -48.37
N HIS A 74 -6.52 -33.62 -48.53
CA HIS A 74 -6.70 -34.54 -47.41
C HIS A 74 -7.98 -34.45 -46.57
N LYS A 75 -8.82 -33.44 -46.80
CA LYS A 75 -10.15 -33.37 -46.17
C LYS A 75 -10.11 -33.17 -44.66
N ASP A 76 -8.97 -33.40 -44.03
CA ASP A 76 -8.79 -33.07 -42.63
C ASP A 76 -8.05 -31.76 -42.45
N THR A 77 -7.58 -31.15 -43.54
CA THR A 77 -6.77 -29.95 -43.43
C THR A 77 -7.58 -28.81 -42.83
N VAL A 78 -6.86 -27.90 -42.17
CA VAL A 78 -7.50 -26.79 -41.50
C VAL A 78 -6.78 -25.52 -41.90
N PHE A 79 -7.50 -24.57 -42.45
CA PHE A 79 -6.94 -23.28 -42.79
C PHE A 79 -7.23 -22.26 -41.69
N TRP A 80 -6.25 -21.44 -41.36
CA TRP A 80 -6.56 -20.34 -40.46
C TRP A 80 -5.73 -19.14 -40.85
N VAL A 81 -6.30 -17.96 -40.64
CA VAL A 81 -5.61 -16.72 -40.96
C VAL A 81 -4.65 -16.37 -39.84
N VAL A 82 -3.43 -16.00 -40.20
CA VAL A 82 -2.50 -15.41 -39.24
C VAL A 82 -2.70 -13.91 -39.28
N LYS A 83 -3.13 -13.33 -38.17
CA LYS A 83 -3.68 -12.00 -38.21
C LYS A 83 -2.93 -11.09 -37.24
N PRO A 84 -2.97 -9.79 -37.43
CA PRO A 84 -2.41 -8.88 -36.42
C PRO A 84 -3.38 -8.56 -35.30
N GLN A 85 -3.96 -9.60 -34.70
CA GLN A 85 -4.96 -9.39 -33.67
C GLN A 85 -4.30 -9.01 -32.37
N ILE A 86 -4.98 -8.14 -31.62
CA ILE A 86 -4.53 -7.75 -30.29
C ILE A 86 -5.77 -7.39 -29.49
N GLY A 87 -5.73 -7.63 -28.19
CA GLY A 87 -6.89 -7.39 -27.36
C GLY A 87 -6.85 -8.26 -26.13
N ARG A 88 -8.05 -8.54 -25.61
CA ARG A 88 -8.16 -9.40 -24.44
C ARG A 88 -7.70 -10.82 -24.72
N GLU A 89 -8.27 -11.47 -25.73
CA GLU A 89 -8.06 -12.90 -25.93
C GLU A 89 -6.63 -13.27 -26.29
N GLY A 90 -5.76 -12.30 -26.54
CA GLY A 90 -4.36 -12.59 -26.80
C GLY A 90 -3.74 -11.50 -27.64
N ILE A 91 -2.48 -11.71 -27.99
CA ILE A 91 -1.74 -10.80 -28.85
C ILE A 91 -1.07 -11.62 -29.94
N SER A 92 -1.35 -11.29 -31.19
CA SER A 92 -0.87 -12.09 -32.32
C SER A 92 -0.56 -11.20 -33.50
N GLY A 93 0.59 -11.43 -34.14
CA GLY A 93 0.98 -10.56 -35.25
C GLY A 93 2.48 -10.60 -35.48
N LEU A 94 2.98 -9.49 -36.05
CA LEU A 94 4.36 -9.21 -36.42
C LEU A 94 4.83 -9.89 -37.70
N GLY A 95 4.15 -10.93 -38.14
CA GLY A 95 4.43 -11.43 -39.46
C GLY A 95 3.51 -10.67 -40.38
N THR A 96 2.46 -10.16 -39.75
CA THR A 96 1.43 -9.42 -40.43
C THR A 96 1.84 -7.99 -40.71
N LEU A 97 2.45 -7.33 -39.74
CA LEU A 97 2.90 -5.95 -39.95
C LEU A 97 4.02 -5.83 -40.96
N LEU A 98 4.56 -6.95 -41.42
CA LEU A 98 5.60 -6.93 -42.44
C LEU A 98 5.21 -7.73 -43.66
N SER A 99 4.98 -9.04 -43.53
CA SER A 99 4.66 -9.87 -44.67
C SER A 99 3.17 -9.88 -45.01
N GLY A 100 2.33 -9.18 -44.24
CA GLY A 100 0.96 -9.00 -44.65
C GLY A 100 0.02 -10.19 -44.64
N VAL A 101 -0.18 -10.81 -43.48
CA VAL A 101 -1.33 -11.67 -43.24
C VAL A 101 -1.36 -12.86 -44.19
N TYR A 102 -0.47 -13.82 -43.99
CA TYR A 102 -0.53 -15.05 -44.75
C TYR A 102 -1.55 -16.00 -44.16
N ILE A 103 -2.09 -16.88 -44.99
CA ILE A 103 -2.98 -17.94 -44.55
C ILE A 103 -2.17 -19.20 -44.30
N GLU A 104 -2.39 -19.85 -43.18
CA GLU A 104 -1.73 -21.12 -42.90
C GLU A 104 -2.64 -22.29 -43.17
N LEU A 105 -2.01 -23.38 -43.61
CA LEU A 105 -2.69 -24.59 -44.03
C LEU A 105 -2.11 -25.76 -43.27
N GLN A 106 -2.90 -26.35 -42.40
CA GLN A 106 -2.44 -27.52 -41.67
C GLN A 106 -2.89 -28.78 -42.39
N PRO A 107 -1.96 -29.60 -42.85
CA PRO A 107 -2.31 -30.82 -43.57
C PRO A 107 -2.85 -31.88 -42.62
N GLY A 108 -3.42 -32.92 -43.22
CA GLY A 108 -3.92 -34.05 -42.48
C GLY A 108 -3.71 -35.32 -43.27
N ALA A 109 -3.89 -36.44 -42.57
CA ALA A 109 -3.76 -37.76 -43.19
C ALA A 109 -5.10 -38.40 -43.53
N LYS A 110 -6.22 -37.76 -43.22
CA LYS A 110 -7.46 -38.52 -43.14
C LYS A 110 -8.13 -38.77 -44.49
N GLY A 111 -8.75 -37.75 -45.08
CA GLY A 111 -9.71 -37.93 -46.13
C GLY A 111 -9.22 -37.52 -47.50
N SER A 112 -10.17 -37.30 -48.40
CA SER A 112 -9.93 -37.00 -49.80
C SER A 112 -9.84 -35.49 -49.99
N LYS A 113 -9.95 -35.01 -51.24
CA LYS A 113 -10.00 -33.58 -51.48
C LYS A 113 -11.10 -32.92 -50.66
N MET A 114 -12.32 -33.42 -50.77
CA MET A 114 -13.47 -32.92 -50.00
C MET A 114 -13.58 -31.41 -50.08
N ASP A 115 -13.61 -30.90 -51.30
CA ASP A 115 -13.35 -29.49 -51.54
C ASP A 115 -14.53 -28.63 -51.06
N LYS A 116 -14.38 -27.31 -51.24
CA LYS A 116 -15.19 -26.28 -50.60
C LYS A 116 -15.02 -26.35 -49.07
N TYR A 117 -13.81 -25.98 -48.65
CA TYR A 117 -13.44 -25.97 -47.24
C TYR A 117 -14.03 -24.74 -46.56
N ASP A 118 -13.60 -24.50 -45.33
CA ASP A 118 -13.92 -23.28 -44.63
C ASP A 118 -12.68 -22.77 -43.91
N LEU A 119 -12.55 -21.47 -43.83
CA LEU A 119 -11.38 -20.82 -43.27
C LEU A 119 -11.69 -20.34 -41.86
N LEU A 120 -10.73 -20.53 -40.96
CA LEU A 120 -10.91 -20.20 -39.56
C LEU A 120 -10.05 -19.02 -39.18
N ASP A 121 -10.63 -18.11 -38.42
CA ASP A 121 -9.85 -17.12 -37.72
C ASP A 121 -9.34 -17.76 -36.45
N SER A 122 -8.15 -17.36 -36.03
CA SER A 122 -7.42 -17.90 -34.89
C SER A 122 -6.95 -19.32 -35.16
N PRO A 123 -5.80 -19.70 -34.62
CA PRO A 123 -5.21 -21.01 -34.90
C PRO A 123 -5.72 -22.08 -33.96
N PRO A 124 -6.78 -22.81 -34.31
CA PRO A 124 -7.29 -23.84 -33.41
C PRO A 124 -6.19 -24.76 -32.92
N LEU A 125 -6.17 -24.98 -31.61
CA LEU A 125 -5.16 -25.80 -30.94
C LEU A 125 -5.57 -27.25 -30.71
N ALA A 126 -6.83 -27.61 -30.93
CA ALA A 126 -7.29 -28.98 -30.72
C ALA A 126 -8.31 -29.38 -31.76
N PRO A 127 -8.30 -30.65 -32.21
CA PRO A 127 -7.38 -31.80 -32.12
C PRO A 127 -6.39 -32.01 -33.26
N PRO A 128 -5.26 -31.30 -33.31
CA PRO A 128 -4.26 -31.63 -34.34
C PRO A 128 -3.71 -33.05 -34.18
N ASP A 129 -3.31 -33.41 -32.96
CA ASP A 129 -2.81 -34.75 -32.68
C ASP A 129 -3.83 -35.66 -32.02
N ALA A 130 -5.00 -35.14 -31.64
CA ALA A 130 -6.08 -35.95 -31.09
C ALA A 130 -5.73 -36.63 -29.76
N LYS A 131 -4.47 -36.53 -29.34
CA LYS A 131 -4.03 -37.15 -28.09
C LYS A 131 -4.39 -36.28 -26.90
N GLY A 132 -4.52 -36.90 -25.74
CA GLY A 132 -4.81 -36.20 -24.50
C GLY A 132 -6.23 -36.43 -24.02
N ILE A 133 -6.58 -35.72 -22.95
CA ILE A 133 -7.88 -35.87 -22.30
C ILE A 133 -8.63 -34.56 -22.45
N ARG A 134 -9.97 -34.64 -22.38
CA ARG A 134 -10.81 -33.46 -22.42
C ARG A 134 -11.76 -33.52 -21.24
N VAL A 135 -11.82 -32.44 -20.47
CA VAL A 135 -12.58 -32.41 -19.25
C VAL A 135 -13.62 -31.31 -19.37
N ILE A 136 -14.65 -31.36 -18.55
CA ILE A 136 -15.71 -30.38 -18.56
C ILE A 136 -15.79 -29.74 -17.19
N LEU A 137 -16.17 -28.46 -17.14
CA LEU A 137 -16.27 -27.75 -15.88
C LEU A 137 -17.59 -27.00 -15.79
N ASP A 138 -17.92 -26.59 -14.57
CA ASP A 138 -19.01 -25.68 -14.28
C ASP A 138 -18.48 -24.60 -13.35
N SER A 139 -19.22 -23.49 -13.22
CA SER A 139 -18.82 -22.50 -12.23
C SER A 139 -19.99 -21.60 -11.92
N LYS A 140 -19.87 -20.86 -10.82
CA LYS A 140 -20.86 -19.84 -10.50
C LYS A 140 -20.61 -18.56 -11.28
N LYS A 141 -19.35 -18.15 -11.43
CA LYS A 141 -19.03 -16.87 -12.03
C LYS A 141 -18.14 -17.05 -13.26
N ALA A 142 -18.35 -16.19 -14.25
CA ALA A 142 -17.54 -16.26 -15.48
C ALA A 142 -16.09 -15.96 -15.18
N GLY A 143 -15.81 -14.76 -14.69
CA GLY A 143 -14.56 -14.51 -14.03
C GLY A 143 -13.31 -14.85 -14.80
N GLN A 144 -12.56 -15.77 -14.22
CA GLN A 144 -11.17 -16.02 -14.52
C GLN A 144 -10.95 -16.93 -15.71
N LEU A 145 -12.00 -17.32 -16.43
CA LEU A 145 -11.84 -18.36 -17.42
C LEU A 145 -12.19 -17.80 -18.78
N SER A 146 -11.21 -17.73 -19.68
CA SER A 146 -11.45 -17.37 -21.06
C SER A 146 -10.53 -18.19 -21.94
N PRO A 147 -10.98 -18.63 -23.12
CA PRO A 147 -10.23 -19.62 -23.88
C PRO A 147 -8.83 -19.12 -24.20
N GLY A 148 -7.90 -20.07 -24.25
CA GLY A 148 -6.49 -19.77 -24.33
C GLY A 148 -5.78 -19.71 -23.00
N ASP A 149 -6.50 -19.48 -21.91
CA ASP A 149 -5.85 -19.41 -20.60
C ASP A 149 -5.35 -20.79 -20.22
N PRO A 150 -4.13 -20.91 -19.74
CA PRO A 150 -3.54 -22.23 -19.56
C PRO A 150 -4.01 -22.94 -18.30
N VAL A 151 -3.95 -24.26 -18.34
CA VAL A 151 -4.29 -25.12 -17.23
C VAL A 151 -3.00 -25.60 -16.57
N LEU A 152 -2.82 -25.24 -15.31
CA LEU A 152 -1.58 -25.47 -14.61
C LEU A 152 -1.72 -26.62 -13.63
N PHE A 153 -0.65 -27.40 -13.49
CA PHE A 153 -0.54 -28.39 -12.43
C PHE A 153 0.68 -28.03 -11.60
N ARG A 154 0.46 -27.63 -10.36
CA ARG A 154 1.55 -27.13 -9.54
C ARG A 154 2.40 -26.14 -10.31
N GLY A 155 1.72 -25.24 -11.02
CA GLY A 155 2.38 -24.20 -11.76
C GLY A 155 2.88 -24.58 -13.13
N TYR A 156 3.02 -25.86 -13.42
CA TYR A 156 3.58 -26.30 -14.69
C TYR A 156 2.46 -26.56 -15.68
N ARG A 157 2.57 -25.99 -16.87
CA ARG A 157 1.42 -25.92 -17.75
C ARG A 157 1.21 -27.26 -18.45
N VAL A 158 0.09 -27.92 -18.15
CA VAL A 158 -0.20 -29.20 -18.77
C VAL A 158 -1.22 -29.12 -19.89
N GLY A 159 -1.79 -27.95 -20.13
CA GLY A 159 -2.84 -27.90 -21.13
C GLY A 159 -3.60 -26.60 -21.03
N SER A 160 -4.54 -26.44 -21.94
CA SER A 160 -5.17 -25.15 -22.11
C SER A 160 -6.67 -25.31 -22.23
N VAL A 161 -7.37 -24.19 -22.15
CA VAL A 161 -8.83 -24.20 -22.16
C VAL A 161 -9.31 -24.29 -23.59
N GLU A 162 -10.05 -25.34 -23.90
CA GLU A 162 -10.53 -25.49 -25.27
C GLU A 162 -11.65 -24.51 -25.57
N THR A 163 -12.73 -24.54 -24.79
CA THR A 163 -13.86 -23.66 -25.08
C THR A 163 -14.57 -23.25 -23.80
N SER A 164 -15.35 -22.18 -23.91
CA SER A 164 -16.19 -21.71 -22.81
C SER A 164 -17.61 -21.56 -23.33
N THR A 165 -18.53 -22.37 -22.83
CA THR A 165 -19.91 -22.34 -23.25
C THR A 165 -20.77 -21.82 -22.11
N PHE A 166 -21.66 -20.89 -22.43
CA PHE A 166 -22.64 -20.43 -21.46
C PHE A 166 -23.91 -21.24 -21.62
N ASP A 167 -24.59 -21.48 -20.52
CA ASP A 167 -25.89 -22.13 -20.56
C ASP A 167 -26.93 -21.14 -20.06
N THR A 168 -27.86 -20.77 -20.94
CA THR A 168 -28.87 -19.80 -20.56
C THR A 168 -29.71 -20.34 -19.40
N GLN A 169 -30.35 -21.48 -19.61
CA GLN A 169 -31.30 -21.99 -18.63
C GLN A 169 -30.60 -22.29 -17.31
N LYS A 170 -29.58 -23.16 -17.34
CA LYS A 170 -28.97 -23.59 -16.10
C LYS A 170 -28.26 -22.48 -15.37
N ARG A 171 -27.97 -21.37 -16.04
CA ARG A 171 -27.25 -20.24 -15.46
C ARG A 171 -25.86 -20.62 -14.98
N ASN A 172 -25.29 -21.69 -15.52
CA ASN A 172 -23.93 -22.10 -15.21
C ASN A 172 -23.10 -22.20 -16.47
N ILE A 173 -21.83 -21.87 -16.34
CA ILE A 173 -20.91 -21.74 -17.46
C ILE A 173 -20.07 -23.00 -17.54
N SER A 174 -20.33 -23.83 -18.53
CA SER A 174 -19.59 -25.07 -18.66
C SER A 174 -18.40 -24.85 -19.57
N TYR A 175 -17.25 -25.39 -19.18
CA TYR A 175 -16.04 -25.24 -19.95
C TYR A 175 -15.57 -26.59 -20.46
N GLN A 176 -14.73 -26.55 -21.49
CA GLN A 176 -14.08 -27.75 -21.98
C GLN A 176 -12.58 -27.50 -21.99
N LEU A 177 -11.86 -28.28 -21.20
CA LEU A 177 -10.43 -28.20 -21.05
C LEU A 177 -9.77 -29.33 -21.81
N PHE A 178 -8.55 -29.08 -22.27
CA PHE A 178 -7.79 -30.06 -23.01
C PHE A 178 -6.44 -30.26 -22.35
N ILE A 179 -6.20 -31.45 -21.85
CA ILE A 179 -4.95 -31.81 -21.19
C ILE A 179 -4.10 -32.60 -22.17
N ASN A 180 -2.83 -32.21 -22.30
CA ASN A 180 -1.93 -32.81 -23.26
C ASN A 180 -1.63 -34.26 -22.91
N ALA A 181 -1.10 -34.97 -23.91
CA ALA A 181 -1.05 -36.43 -23.86
C ALA A 181 -0.20 -36.99 -22.71
N PRO A 182 1.09 -36.66 -22.58
CA PRO A 182 1.87 -37.29 -21.52
C PRO A 182 1.40 -36.94 -20.13
N TYR A 183 0.66 -35.85 -19.98
CA TYR A 183 0.14 -35.46 -18.69
C TYR A 183 -1.29 -35.92 -18.48
N ASP A 184 -1.86 -36.63 -19.45
CA ASP A 184 -3.21 -37.16 -19.28
C ASP A 184 -3.32 -38.01 -18.03
N ARG A 185 -2.27 -38.78 -17.74
CA ARG A 185 -2.31 -39.70 -16.61
C ARG A 185 -2.45 -39.00 -15.27
N LEU A 186 -2.40 -37.68 -15.23
CA LEU A 186 -2.43 -36.98 -13.96
C LEU A 186 -3.82 -36.75 -13.42
N VAL A 187 -4.88 -36.88 -14.23
CA VAL A 187 -6.20 -36.49 -13.77
C VAL A 187 -6.85 -37.72 -13.17
N THR A 188 -6.86 -37.79 -11.86
CA THR A 188 -7.54 -38.82 -11.09
C THR A 188 -8.98 -38.41 -10.79
N ASN A 189 -9.77 -39.41 -10.41
CA ASN A 189 -11.08 -39.12 -9.83
C ASN A 189 -11.00 -38.03 -8.78
N ASN A 190 -9.96 -38.04 -7.97
CA ASN A 190 -9.91 -37.17 -6.82
C ASN A 190 -9.34 -35.81 -7.12
N VAL A 191 -8.68 -35.62 -8.27
CA VAL A 191 -8.15 -34.31 -8.61
C VAL A 191 -9.26 -33.29 -8.65
N ARG A 192 -8.98 -32.09 -8.15
CA ARG A 192 -9.97 -31.03 -8.22
C ARG A 192 -9.31 -29.73 -8.67
N PHE A 193 -10.09 -28.96 -9.42
CA PHE A 193 -9.67 -27.73 -10.05
C PHE A 193 -10.01 -26.55 -9.17
N TRP A 194 -9.14 -25.55 -9.14
CA TRP A 194 -9.57 -24.28 -8.63
C TRP A 194 -9.22 -23.18 -9.62
N LYS A 195 -10.06 -22.16 -9.62
CA LYS A 195 -10.07 -21.08 -10.58
C LYS A 195 -9.17 -19.95 -10.12
N ASP A 196 -8.32 -19.46 -11.01
CA ASP A 196 -7.37 -18.43 -10.64
C ASP A 196 -7.40 -17.28 -11.62
N SER A 197 -7.48 -16.07 -11.07
CA SER A 197 -7.03 -14.87 -11.76
C SER A 197 -6.61 -13.86 -10.72
N GLY A 198 -5.56 -13.12 -11.02
CA GLY A 198 -5.16 -12.02 -10.18
C GLY A 198 -4.54 -12.47 -8.87
N ILE A 199 -3.96 -11.51 -8.19
CA ILE A 199 -3.29 -11.76 -6.92
C ILE A 199 -4.35 -11.97 -5.85
N ALA A 200 -4.17 -13.00 -5.04
CA ALA A 200 -5.00 -13.20 -3.85
C ALA A 200 -4.11 -13.09 -2.63
N VAL A 201 -4.24 -12.01 -1.87
CA VAL A 201 -3.45 -11.84 -0.66
C VAL A 201 -4.23 -12.47 0.48
N ASP A 202 -3.59 -13.39 1.19
CA ASP A 202 -4.22 -14.10 2.29
C ASP A 202 -3.46 -13.83 3.58
N LEU A 203 -4.14 -13.24 4.55
CA LEU A 203 -3.62 -13.07 5.90
C LEU A 203 -4.31 -14.15 6.74
N THR A 204 -3.58 -15.19 7.12
CA THR A 204 -4.20 -16.32 7.79
C THR A 204 -3.42 -16.64 9.06
N SER A 205 -3.89 -17.65 9.79
CA SER A 205 -3.24 -18.03 11.03
C SER A 205 -1.86 -18.62 10.81
N ALA A 206 -1.57 -19.10 9.60
CA ALA A 206 -0.20 -19.47 9.29
C ALA A 206 0.67 -18.23 9.12
N GLY A 207 0.30 -17.37 8.20
CA GLY A 207 1.09 -16.20 7.87
C GLY A 207 0.75 -15.78 6.46
N MET A 208 1.26 -14.61 6.07
CA MET A 208 0.82 -14.01 4.82
C MET A 208 1.12 -14.95 3.67
N ARG A 209 0.33 -14.81 2.62
CA ARG A 209 0.47 -15.65 1.44
C ARG A 209 -0.08 -14.90 0.25
N VAL A 210 0.28 -15.36 -0.94
CA VAL A 210 -0.22 -14.78 -2.17
C VAL A 210 -0.57 -15.92 -3.12
N GLU A 211 -1.60 -15.73 -3.93
CA GLU A 211 -2.06 -16.74 -4.87
C GLU A 211 -2.14 -16.13 -6.26
N MET A 212 -1.37 -16.70 -7.18
CA MET A 212 -1.29 -16.19 -8.54
C MET A 212 -0.82 -17.32 -9.44
N GLY A 213 -0.99 -17.13 -10.75
CA GLY A 213 -0.38 -18.02 -11.72
C GLY A 213 0.79 -17.37 -12.41
N SER A 214 1.32 -16.31 -11.80
CA SER A 214 2.43 -15.52 -12.31
C SER A 214 2.09 -14.83 -13.63
N LEU A 215 2.93 -15.07 -14.64
CA LEU A 215 2.86 -14.32 -15.88
C LEU A 215 1.45 -14.31 -16.47
N THR A 216 1.00 -15.46 -16.99
CA THR A 216 -0.21 -15.45 -17.81
C THR A 216 -1.44 -15.29 -16.97
N THR A 217 -1.54 -16.05 -15.87
CA THR A 217 -2.80 -16.12 -15.15
C THR A 217 -3.17 -14.79 -14.50
N LEU A 218 -2.19 -13.98 -14.13
CA LEU A 218 -2.51 -12.61 -13.71
C LEU A 218 -3.20 -11.86 -14.83
N LEU A 219 -2.66 -11.92 -16.04
CA LEU A 219 -2.99 -10.93 -17.05
C LEU A 219 -4.30 -11.23 -17.77
N SER A 220 -4.74 -12.48 -17.76
CA SER A 220 -6.08 -12.78 -18.27
C SER A 220 -6.83 -13.72 -17.34
N GLY A 221 -6.44 -14.97 -17.23
CA GLY A 221 -7.14 -15.92 -16.39
C GLY A 221 -6.35 -17.19 -16.25
N GLY A 222 -6.98 -18.18 -15.63
CA GLY A 222 -6.29 -19.45 -15.46
C GLY A 222 -7.02 -20.46 -14.60
N VAL A 223 -6.61 -21.72 -14.68
CA VAL A 223 -7.20 -22.80 -13.91
C VAL A 223 -6.07 -23.72 -13.48
N SER A 224 -6.17 -24.29 -12.29
CA SER A 224 -5.14 -25.24 -11.88
C SER A 224 -5.80 -26.41 -11.18
N PHE A 225 -5.02 -27.44 -10.88
CA PHE A 225 -5.62 -28.54 -10.14
C PHE A 225 -4.60 -29.25 -9.28
N ASP A 226 -5.12 -30.02 -8.33
CA ASP A 226 -4.28 -30.88 -7.51
C ASP A 226 -5.04 -32.12 -7.10
N VAL A 227 -4.39 -32.92 -6.27
CA VAL A 227 -5.05 -33.87 -5.39
C VAL A 227 -5.10 -33.21 -4.03
N PRO A 228 -6.26 -32.74 -3.56
CA PRO A 228 -6.28 -31.94 -2.36
C PRO A 228 -5.73 -32.73 -1.19
N GLU A 229 -5.38 -32.02 -0.12
CA GLU A 229 -4.53 -32.58 0.92
C GLU A 229 -5.08 -33.88 1.45
N GLY A 230 -4.24 -34.92 1.41
CA GLY A 230 -4.55 -36.17 2.07
C GLY A 230 -5.72 -36.95 1.51
N LEU A 231 -5.70 -37.28 0.23
CA LEU A 231 -6.63 -38.22 -0.36
C LEU A 231 -5.87 -39.18 -1.25
N ASP A 232 -6.55 -40.23 -1.67
CA ASP A 232 -5.95 -41.20 -2.58
C ASP A 232 -6.03 -40.71 -4.01
N LEU A 233 -5.03 -41.08 -4.81
CA LEU A 233 -5.06 -40.81 -6.24
C LEU A 233 -6.26 -41.48 -6.89
N GLY A 234 -6.24 -42.81 -6.95
CA GLY A 234 -7.43 -43.55 -7.33
C GLY A 234 -7.82 -43.52 -8.79
N GLN A 235 -6.88 -43.89 -9.66
CA GLN A 235 -7.12 -44.20 -11.07
C GLN A 235 -7.41 -42.96 -11.89
N PRO A 236 -7.06 -42.96 -13.17
CA PRO A 236 -7.42 -41.83 -14.02
C PRO A 236 -8.90 -41.88 -14.38
N VAL A 237 -9.33 -41.00 -15.26
CA VAL A 237 -10.74 -40.75 -15.48
C VAL A 237 -11.07 -40.88 -16.96
N ALA A 238 -12.23 -41.47 -17.26
CA ALA A 238 -12.75 -41.49 -18.61
C ALA A 238 -12.94 -40.06 -19.12
N PRO A 239 -12.94 -39.86 -20.43
CA PRO A 239 -13.02 -38.50 -20.95
C PRO A 239 -14.33 -37.82 -20.61
N LYS A 240 -14.30 -36.50 -20.64
CA LYS A 240 -15.46 -35.62 -20.62
C LYS A 240 -16.20 -35.60 -19.28
N THR A 241 -15.76 -36.36 -18.29
CA THR A 241 -16.42 -36.30 -17.00
C THR A 241 -16.35 -34.91 -16.41
N ALA A 242 -17.33 -34.58 -15.58
CA ALA A 242 -17.53 -33.23 -15.10
C ALA A 242 -16.89 -33.02 -13.74
N PHE A 243 -16.29 -31.85 -13.55
CA PHE A 243 -15.80 -31.40 -12.27
C PHE A 243 -16.47 -30.08 -11.92
N VAL A 244 -16.34 -29.66 -10.67
CA VAL A 244 -16.85 -28.38 -10.22
C VAL A 244 -15.67 -27.46 -10.00
N LEU A 245 -15.78 -26.23 -10.45
CA LEU A 245 -14.68 -25.28 -10.34
C LEU A 245 -14.85 -24.46 -9.08
N TYR A 246 -13.97 -24.67 -8.13
CA TYR A 246 -14.02 -23.98 -6.85
C TYR A 246 -13.16 -22.74 -6.94
N ASP A 247 -13.59 -21.68 -6.28
CA ASP A 247 -12.97 -20.39 -6.54
C ASP A 247 -11.61 -20.25 -5.87
N ASP A 248 -11.40 -20.94 -4.77
CA ASP A 248 -10.05 -21.08 -4.23
C ASP A 248 -10.03 -22.26 -3.29
N GLN A 249 -8.82 -22.71 -2.97
CA GLN A 249 -8.63 -23.93 -2.18
C GLN A 249 -9.54 -23.94 -0.97
N LYS A 250 -9.74 -22.79 -0.33
CA LYS A 250 -10.61 -22.74 0.84
C LYS A 250 -11.96 -23.36 0.54
N SER A 251 -12.62 -22.89 -0.52
CA SER A 251 -13.91 -23.46 -0.87
C SER A 251 -13.79 -24.95 -1.16
N ILE A 252 -12.66 -25.40 -1.71
CA ILE A 252 -12.47 -26.83 -1.91
C ILE A 252 -12.60 -27.57 -0.60
N GLN A 253 -11.78 -27.19 0.38
CA GLN A 253 -11.74 -27.97 1.60
C GLN A 253 -13.03 -27.84 2.39
N ASP A 254 -13.89 -26.89 2.01
CA ASP A 254 -15.27 -26.95 2.49
C ASP A 254 -16.09 -27.90 1.63
N SER A 255 -15.64 -28.20 0.42
CA SER A 255 -16.43 -29.10 -0.41
C SER A 255 -16.01 -30.55 -0.26
N LEU A 256 -14.90 -30.81 0.43
CA LEU A 256 -14.44 -32.18 0.58
C LEU A 256 -15.48 -33.04 1.30
N TYR A 257 -16.03 -32.52 2.39
CA TYR A 257 -16.64 -33.41 3.37
C TYR A 257 -18.10 -33.69 3.05
N THR A 258 -18.94 -32.66 3.07
CA THR A 258 -20.25 -32.72 2.43
C THR A 258 -21.24 -33.58 3.19
N ASP A 259 -20.76 -34.43 4.10
CA ASP A 259 -21.63 -35.33 4.84
C ASP A 259 -21.82 -34.74 6.23
N HIS A 260 -23.01 -34.21 6.48
CA HIS A 260 -23.20 -33.33 7.61
C HIS A 260 -24.29 -33.85 8.51
N ILE A 261 -23.98 -33.96 9.80
CA ILE A 261 -24.98 -34.15 10.82
C ILE A 261 -25.33 -32.77 11.34
N ASP A 262 -26.55 -32.32 11.10
CA ASP A 262 -26.93 -31.00 11.52
C ASP A 262 -27.25 -30.98 13.00
N TYR A 263 -26.97 -29.85 13.63
CA TYR A 263 -27.42 -29.55 14.98
C TYR A 263 -28.00 -28.15 15.00
N LEU A 264 -28.64 -27.85 16.11
CA LEU A 264 -29.22 -26.55 16.34
C LEU A 264 -28.62 -25.99 17.61
N MET A 265 -28.58 -24.67 17.72
CA MET A 265 -28.17 -24.03 18.97
C MET A 265 -29.01 -22.79 19.16
N PHE A 266 -29.25 -22.45 20.42
CA PHE A 266 -29.96 -21.22 20.75
C PHE A 266 -29.01 -20.32 21.52
N PHE A 267 -28.60 -19.23 20.90
CA PHE A 267 -27.78 -18.26 21.59
C PHE A 267 -28.65 -17.17 22.16
N LYS A 268 -28.23 -16.65 23.32
CA LYS A 268 -28.67 -15.30 23.61
C LYS A 268 -27.52 -14.36 23.32
N ASP A 269 -26.60 -14.18 24.27
CA ASP A 269 -25.30 -13.55 24.03
C ASP A 269 -25.45 -12.41 23.03
N SER A 270 -24.73 -12.49 21.91
CA SER A 270 -25.17 -11.82 20.70
C SER A 270 -24.60 -12.56 19.52
N VAL A 271 -25.33 -12.55 18.42
CA VAL A 271 -24.83 -13.05 17.17
C VAL A 271 -24.65 -11.85 16.28
N ARG A 272 -23.42 -11.37 16.14
CA ARG A 272 -23.12 -10.34 15.16
C ARG A 272 -21.78 -10.69 14.56
N GLY A 273 -21.74 -10.87 13.26
CA GLY A 273 -20.51 -11.21 12.60
C GLY A 273 -20.36 -12.66 12.27
N LEU A 274 -21.20 -13.55 12.77
CA LEU A 274 -21.08 -14.91 12.29
C LEU A 274 -21.45 -14.94 10.83
N GLN A 275 -20.57 -15.30 10.06
CA GLN A 275 -20.98 -15.49 8.71
C GLN A 275 -21.14 -16.97 8.47
N PRO A 276 -22.24 -17.41 7.89
CA PRO A 276 -22.36 -18.82 7.58
C PRO A 276 -21.13 -19.30 6.81
N GLY A 277 -20.52 -20.36 7.30
CA GLY A 277 -19.21 -20.76 6.85
C GLY A 277 -18.12 -20.49 7.84
N ALA A 278 -18.42 -19.93 8.99
CA ALA A 278 -17.39 -19.74 10.00
C ALA A 278 -17.24 -21.01 10.84
N PRO A 279 -16.02 -21.39 11.17
CA PRO A 279 -15.79 -22.74 11.67
C PRO A 279 -16.40 -22.94 13.03
N VAL A 280 -16.55 -24.21 13.40
CA VAL A 280 -16.98 -24.65 14.72
C VAL A 280 -15.87 -25.51 15.28
N GLU A 281 -15.21 -25.04 16.31
CA GLU A 281 -14.00 -25.68 16.79
C GLU A 281 -14.23 -26.30 18.14
N PHE A 282 -13.52 -27.39 18.42
CA PHE A 282 -13.44 -27.97 19.74
C PHE A 282 -12.02 -27.75 20.24
N ARG A 283 -11.85 -26.82 21.18
CA ARG A 283 -10.52 -26.47 21.68
C ARG A 283 -9.58 -26.12 20.54
N GLY A 284 -10.14 -25.74 19.40
CA GLY A 284 -9.33 -25.47 18.24
C GLY A 284 -9.10 -26.62 17.29
N ILE A 285 -9.98 -27.60 17.25
CA ILE A 285 -9.96 -28.62 16.22
C ILE A 285 -11.28 -28.54 15.49
N ARG A 286 -11.23 -28.36 14.18
CA ARG A 286 -12.44 -27.96 13.47
C ARG A 286 -13.33 -29.17 13.26
N LEU A 287 -14.51 -29.14 13.88
CA LEU A 287 -15.47 -30.22 13.73
C LEU A 287 -16.53 -29.96 12.68
N GLY A 288 -16.65 -28.75 12.17
CA GLY A 288 -17.76 -28.46 11.29
C GLY A 288 -18.02 -26.98 11.27
N THR A 289 -18.98 -26.61 10.44
CA THR A 289 -19.12 -25.23 10.02
C THR A 289 -20.54 -24.76 10.26
N VAL A 290 -20.67 -23.48 10.62
CA VAL A 290 -21.99 -22.89 10.78
C VAL A 290 -22.63 -22.75 9.41
N SER A 291 -23.86 -23.25 9.29
CA SER A 291 -24.53 -23.33 8.00
C SER A 291 -25.48 -22.15 7.78
N LYS A 292 -26.48 -22.01 8.64
CA LYS A 292 -27.43 -20.92 8.51
C LYS A 292 -27.47 -20.07 9.76
N VAL A 293 -27.48 -18.77 9.59
CA VAL A 293 -27.80 -17.88 10.68
C VAL A 293 -28.65 -16.73 10.19
N PRO A 294 -29.68 -16.37 10.96
CA PRO A 294 -30.28 -17.20 11.99
C PRO A 294 -31.13 -18.24 11.29
N PHE A 295 -31.93 -18.99 12.02
CA PHE A 295 -32.65 -20.11 11.42
C PHE A 295 -34.16 -19.83 11.43
N PHE A 296 -34.74 -19.79 10.23
CA PHE A 296 -36.15 -19.49 10.05
C PHE A 296 -36.92 -20.77 9.76
N ALA A 297 -37.86 -21.12 10.64
CA ALA A 297 -38.80 -22.18 10.35
C ALA A 297 -40.16 -21.72 10.81
N PRO A 298 -41.22 -22.03 10.05
CA PRO A 298 -42.57 -21.66 10.50
C PRO A 298 -42.95 -22.32 11.80
N ASN A 299 -42.33 -23.46 12.13
CA ASN A 299 -42.47 -24.00 13.47
C ASN A 299 -41.74 -23.11 14.47
N MET A 300 -40.54 -22.66 14.11
CA MET A 300 -39.84 -21.70 14.94
C MET A 300 -40.51 -20.33 14.90
N ARG A 301 -41.49 -20.14 14.01
CA ARG A 301 -42.28 -18.92 14.07
C ARG A 301 -43.11 -18.90 15.34
N GLN A 302 -43.71 -20.04 15.69
CA GLN A 302 -44.46 -20.12 16.95
C GLN A 302 -43.52 -20.34 18.14
N THR A 303 -42.59 -21.29 18.03
CA THR A 303 -41.79 -21.66 19.19
C THR A 303 -40.71 -20.63 19.48
N PHE A 304 -40.06 -20.12 18.44
CA PHE A 304 -39.04 -19.09 18.62
C PHE A 304 -39.65 -17.79 19.13
N ASN A 305 -40.86 -17.45 18.69
CA ASN A 305 -41.56 -16.30 19.25
C ASN A 305 -41.82 -16.47 20.74
N ASP A 306 -41.81 -17.71 21.24
CA ASP A 306 -41.76 -17.95 22.68
C ASP A 306 -40.33 -17.85 23.21
N ASP A 307 -39.35 -18.21 22.38
CA ASP A 307 -37.96 -18.29 22.84
C ASP A 307 -37.32 -16.92 23.02
N TYR A 308 -37.40 -16.06 22.01
CA TYR A 308 -36.63 -14.80 21.96
C TYR A 308 -35.15 -15.05 22.17
N ARG A 309 -34.68 -16.17 21.64
CA ARG A 309 -33.28 -16.45 21.45
C ARG A 309 -33.04 -16.68 19.98
N ILE A 310 -31.79 -16.68 19.56
CA ILE A 310 -31.43 -16.71 18.16
C ILE A 310 -31.02 -18.14 17.80
N PRO A 311 -31.72 -18.80 16.89
CA PRO A 311 -31.31 -20.13 16.45
C PRO A 311 -30.17 -20.06 15.45
N VAL A 312 -29.31 -21.05 15.52
CA VAL A 312 -28.16 -21.18 14.62
C VAL A 312 -28.01 -22.64 14.26
N LEU A 313 -27.79 -22.92 12.99
CA LEU A 313 -27.52 -24.30 12.59
C LEU A 313 -26.03 -24.59 12.56
N ILE A 314 -25.70 -25.82 12.88
CA ILE A 314 -24.33 -26.29 12.75
C ILE A 314 -24.33 -27.50 11.84
N ARG A 315 -23.36 -27.57 10.96
CA ARG A 315 -23.10 -28.79 10.22
C ARG A 315 -21.88 -29.42 10.84
N ILE A 316 -22.06 -30.51 11.57
CA ILE A 316 -20.92 -31.28 12.06
C ILE A 316 -20.48 -32.22 10.96
N GLU A 317 -19.23 -32.12 10.55
CA GLU A 317 -18.73 -32.92 9.46
C GLU A 317 -17.78 -33.96 10.01
N PRO A 318 -18.18 -35.21 10.12
CA PRO A 318 -17.40 -36.16 10.93
C PRO A 318 -16.01 -36.40 10.40
N GLU A 319 -15.84 -36.42 9.08
CA GLU A 319 -14.57 -36.85 8.53
C GLU A 319 -13.42 -36.00 9.03
N ARG A 320 -13.70 -34.76 9.42
CA ARG A 320 -12.63 -33.88 9.86
C ARG A 320 -11.82 -34.49 10.98
N LEU A 321 -12.44 -35.36 11.77
CA LEU A 321 -11.69 -36.11 12.77
C LEU A 321 -10.97 -37.32 12.17
N LYS A 322 -11.70 -38.13 11.41
CA LYS A 322 -11.21 -39.42 10.94
C LYS A 322 -12.28 -40.12 10.12
N ASP A 330 -22.85 -43.64 14.85
CA ASP A 330 -22.18 -43.90 16.11
C ASP A 330 -21.88 -42.61 16.85
N VAL A 331 -21.56 -41.56 16.08
CA VAL A 331 -21.17 -40.29 16.68
C VAL A 331 -22.30 -39.74 17.54
N VAL A 332 -23.54 -39.95 17.12
CA VAL A 332 -24.68 -39.46 17.89
C VAL A 332 -24.62 -40.01 19.30
N GLU A 333 -24.22 -41.26 19.46
CA GLU A 333 -23.99 -41.82 20.78
C GLU A 333 -22.95 -41.00 21.54
N HIS A 334 -21.80 -40.78 20.90
CA HIS A 334 -20.70 -40.06 21.55
C HIS A 334 -21.17 -38.70 22.05
N LEU A 335 -21.68 -37.87 21.15
CA LEU A 335 -22.02 -36.51 21.51
C LEU A 335 -23.22 -36.48 22.45
N GLY A 336 -24.30 -37.16 22.08
CA GLY A 336 -25.47 -37.23 22.95
C GLY A 336 -25.12 -37.63 24.36
N GLU A 337 -24.11 -38.49 24.51
CA GLU A 337 -23.60 -38.79 25.84
C GLU A 337 -22.70 -37.67 26.35
N LEU A 338 -22.13 -36.86 25.47
CA LEU A 338 -21.21 -35.83 25.94
C LEU A 338 -21.94 -34.64 26.52
N LEU A 339 -23.12 -34.29 26.00
CA LEU A 339 -23.85 -33.17 26.58
C LEU A 339 -24.08 -33.41 28.06
N LYS A 340 -24.57 -34.60 28.40
CA LYS A 340 -24.68 -34.99 29.80
C LYS A 340 -23.32 -34.96 30.49
N ARG A 341 -22.23 -35.07 29.72
CA ARG A 341 -20.89 -34.96 30.28
C ARG A 341 -20.34 -33.56 30.22
N GLY A 342 -21.12 -32.58 29.76
CA GLY A 342 -20.74 -31.19 29.86
C GLY A 342 -20.25 -30.42 28.62
N LEU A 343 -20.49 -30.91 27.40
CA LEU A 343 -20.26 -30.05 26.24
C LEU A 343 -21.21 -28.87 26.24
N ARG A 344 -20.70 -27.72 25.80
CA ARG A 344 -21.49 -26.51 25.75
C ARG A 344 -20.98 -25.64 24.62
N GLY A 345 -21.90 -24.97 23.94
CA GLY A 345 -21.52 -24.08 22.88
C GLY A 345 -21.26 -22.67 23.37
N SER A 346 -20.36 -21.97 22.68
CA SER A 346 -19.97 -20.63 23.05
C SER A 346 -19.55 -19.89 21.79
N LEU A 347 -19.48 -18.57 21.89
CA LEU A 347 -18.99 -17.75 20.80
C LEU A 347 -17.67 -17.13 21.20
N LYS A 348 -16.63 -17.45 20.46
CA LYS A 348 -15.35 -16.79 20.65
C LYS A 348 -15.02 -15.97 19.43
N THR A 349 -13.91 -15.25 19.51
CA THR A 349 -13.58 -14.22 18.54
C THR A 349 -12.24 -14.52 17.89
N GLY A 350 -12.25 -14.90 16.62
CA GLY A 350 -11.05 -14.91 15.82
C GLY A 350 -10.73 -13.49 15.42
N ASN A 351 -9.71 -13.34 14.56
CA ASN A 351 -9.35 -12.00 14.15
C ASN A 351 -9.01 -11.17 15.37
N LEU A 352 -9.98 -10.36 15.83
CA LEU A 352 -9.88 -9.20 16.70
C LEU A 352 -9.83 -7.97 15.83
N VAL A 353 -9.78 -8.17 14.52
CA VAL A 353 -10.02 -7.12 13.56
C VAL A 353 -11.00 -7.64 12.53
N THR A 354 -12.07 -6.88 12.30
CA THR A 354 -13.32 -7.30 11.69
C THR A 354 -14.12 -8.10 12.70
N GLY A 355 -13.46 -8.55 13.75
CA GLY A 355 -14.14 -9.22 14.85
C GLY A 355 -15.11 -10.29 14.42
N ALA A 356 -14.70 -11.14 13.49
CA ALA A 356 -15.55 -12.27 13.16
C ALA A 356 -15.61 -13.22 14.34
N LEU A 357 -16.68 -14.00 14.40
CA LEU A 357 -16.93 -14.91 15.49
C LEU A 357 -16.91 -16.35 15.00
N TYR A 358 -16.65 -17.27 15.91
CA TYR A 358 -16.83 -18.67 15.61
C TYR A 358 -17.36 -19.35 16.86
N VAL A 359 -17.69 -20.62 16.76
CA VAL A 359 -18.39 -21.31 17.82
C VAL A 359 -17.41 -22.25 18.50
N ASP A 360 -16.99 -21.91 19.71
CA ASP A 360 -16.17 -22.81 20.48
C ASP A 360 -17.04 -23.82 21.17
N LEU A 361 -16.51 -25.01 21.38
CA LEU A 361 -17.31 -26.11 21.90
C LEU A 361 -16.47 -26.79 22.97
N ASP A 362 -16.89 -26.72 24.22
CA ASP A 362 -16.05 -27.22 25.30
C ASP A 362 -16.77 -27.32 26.64
N ASN A 377 -36.62 -28.76 18.22
CA ASN A 377 -37.26 -28.89 16.93
C ASN A 377 -36.77 -30.19 16.29
N GLY A 378 -37.07 -30.38 15.00
CA GLY A 378 -36.72 -31.63 14.35
C GLY A 378 -35.25 -31.97 14.44
N TYR A 379 -34.39 -30.96 14.53
CA TYR A 379 -32.97 -31.14 14.75
C TYR A 379 -32.65 -31.26 16.23
N GLN A 380 -31.59 -31.99 16.54
CA GLN A 380 -31.12 -32.04 17.92
C GLN A 380 -30.61 -30.66 18.34
N ILE A 381 -30.52 -30.44 19.64
CA ILE A 381 -30.16 -29.13 20.19
C ILE A 381 -28.96 -29.25 21.11
N ILE A 382 -28.00 -28.37 20.94
CA ILE A 382 -26.85 -28.26 21.83
C ILE A 382 -27.06 -27.06 22.74
N PRO A 383 -26.89 -27.19 24.04
CA PRO A 383 -27.02 -26.04 24.93
C PRO A 383 -25.86 -25.07 24.77
N THR A 384 -26.06 -23.86 25.26
CA THR A 384 -25.11 -22.77 25.04
C THR A 384 -24.79 -22.09 26.36
N VAL A 385 -23.53 -22.15 26.77
CA VAL A 385 -23.06 -21.30 27.85
C VAL A 385 -22.85 -19.89 27.34
N SER A 386 -23.22 -18.92 28.15
CA SER A 386 -23.09 -17.52 27.76
C SER A 386 -21.63 -17.16 27.53
N GLY A 387 -21.39 -16.20 26.64
CA GLY A 387 -20.03 -15.80 26.35
C GLY A 387 -19.37 -15.30 27.61
N GLY A 388 -18.10 -15.66 27.79
CA GLY A 388 -17.37 -15.27 28.98
C GLY A 388 -17.19 -13.78 29.17
N LEU A 389 -16.87 -13.06 28.10
CA LEU A 389 -16.69 -11.61 28.24
C LEU A 389 -17.98 -10.95 28.69
N ALA A 390 -19.09 -11.37 28.10
CA ALA A 390 -20.39 -10.83 28.45
C ALA A 390 -20.74 -11.19 29.89
N GLN A 391 -20.44 -12.42 30.28
CA GLN A 391 -20.74 -12.91 31.62
C GLN A 391 -19.99 -12.11 32.69
N ILE A 392 -18.76 -11.76 32.37
CA ILE A 392 -17.89 -11.01 33.26
C ILE A 392 -18.14 -9.52 33.13
N GLN A 393 -18.31 -9.03 31.90
CA GLN A 393 -18.64 -7.61 31.76
C GLN A 393 -19.95 -7.30 32.47
N GLN A 394 -20.70 -8.33 32.80
CA GLN A 394 -22.10 -8.16 33.14
C GLN A 394 -22.27 -8.21 34.63
N ARG A 395 -21.98 -9.35 35.25
CA ARG A 395 -21.78 -9.34 36.69
C ARG A 395 -20.86 -8.21 37.07
N LEU A 396 -19.88 -7.93 36.20
CA LEU A 396 -19.03 -6.78 36.38
C LEU A 396 -19.86 -5.53 36.51
N MET A 397 -20.63 -5.22 35.47
CA MET A 397 -21.48 -4.05 35.53
C MET A 397 -22.42 -4.14 36.72
N GLU A 398 -22.62 -5.35 37.23
CA GLU A 398 -23.69 -5.61 38.17
C GLU A 398 -23.26 -5.24 39.57
N ALA A 399 -22.39 -6.05 40.16
CA ALA A 399 -21.79 -5.67 41.42
C ALA A 399 -21.17 -4.30 41.32
N LEU A 400 -20.85 -3.86 40.09
CA LEU A 400 -20.55 -2.46 39.89
C LEU A 400 -21.68 -1.57 40.39
N ASP A 401 -22.88 -1.78 39.85
CA ASP A 401 -24.02 -1.02 40.34
C ASP A 401 -24.17 -1.19 41.85
N LYS A 402 -24.17 -2.43 42.32
CA LYS A 402 -24.30 -2.69 43.76
C LYS A 402 -23.25 -1.91 44.54
N ILE A 403 -22.13 -1.61 43.91
CA ILE A 403 -21.12 -0.81 44.56
C ILE A 403 -21.53 0.66 44.58
N ASN A 404 -22.06 1.15 43.46
CA ASN A 404 -22.69 2.45 43.49
C ASN A 404 -23.71 2.52 44.60
N LYS A 405 -24.28 1.37 44.97
CA LYS A 405 -25.21 1.32 46.09
C LYS A 405 -24.52 1.63 47.40
N LEU A 406 -23.21 1.78 47.37
CA LEU A 406 -22.50 2.29 48.53
C LEU A 406 -22.14 3.74 48.32
N UNK A 407 -23.80 4.29 55.91
CA UNK A 407 -22.64 3.83 55.14
C UNK A 407 -21.40 4.52 55.64
N UNK A 408 -20.64 5.08 54.69
CA UNK A 408 -19.48 5.90 55.06
C UNK A 408 -19.86 6.89 56.14
N UNK A 409 -21.05 7.47 56.01
CA UNK A 409 -21.61 8.21 57.12
C UNK A 409 -21.69 7.35 58.37
N UNK A 410 -22.52 6.31 58.33
CA UNK A 410 -22.72 5.47 59.51
C UNK A 410 -21.38 5.09 60.12
N UNK A 411 -20.40 4.81 59.27
CA UNK A 411 -19.05 4.56 59.73
C UNK A 411 -18.52 5.74 60.54
N UNK A 412 -18.50 6.93 59.93
CA UNK A 412 -17.98 8.11 60.61
C UNK A 412 -18.62 8.27 61.98
N UNK A 413 -19.91 7.96 62.08
CA UNK A 413 -20.58 7.99 63.37
C UNK A 413 -19.94 6.99 64.33
N UNK A 414 -19.80 5.74 63.89
CA UNK A 414 -19.21 4.73 64.75
C UNK A 414 -17.88 5.22 65.33
N UNK A 415 -17.03 5.79 64.48
CA UNK A 415 -15.74 6.29 64.97
C UNK A 415 -15.92 7.20 66.17
N UNK A 416 -16.87 8.13 66.06
CA UNK A 416 -17.17 9.00 67.19
C UNK A 416 -17.56 8.18 68.41
N UNK A 417 -18.58 7.34 68.27
CA UNK A 417 -19.02 6.54 69.40
C UNK A 417 -17.82 5.89 70.06
N UNK A 418 -16.88 5.43 69.25
CA UNK A 418 -15.64 4.90 69.77
C UNK A 418 -14.94 5.91 70.64
N UNK A 419 -14.36 6.95 70.05
CA UNK A 419 -13.50 7.84 70.83
C UNK A 419 -14.19 8.26 72.12
N UNK A 420 -15.46 8.64 72.02
CA UNK A 420 -16.25 8.94 73.21
C UNK A 420 -16.10 7.82 74.22
N UNK A 421 -16.33 6.59 73.77
CA UNK A 421 -16.13 5.46 74.65
C UNK A 421 -14.73 5.47 75.23
N UNK A 422 -13.72 5.67 74.38
CA UNK A 422 -12.33 5.62 74.85
C UNK A 422 -12.16 6.48 76.09
N UNK A 423 -12.54 7.75 75.98
CA UNK A 423 -12.50 8.62 77.14
C UNK A 423 -13.25 8.01 78.31
N UNK A 424 -14.50 7.62 78.07
CA UNK A 424 -15.31 7.06 79.15
C UNK A 424 -14.57 5.97 79.89
N UNK A 425 -14.00 5.01 79.15
CA UNK A 425 -13.29 3.90 79.76
C UNK A 425 -12.13 4.39 80.59
N UNK A 426 -11.40 5.38 80.09
CA UNK A 426 -10.37 5.98 80.92
C UNK A 426 -10.93 6.35 82.28
N UNK A 427 -12.02 7.14 82.28
CA UNK A 427 -12.68 7.44 83.54
C UNK A 427 -12.93 6.17 84.35
N UNK A 428 -13.41 5.13 83.67
CA UNK A 428 -13.72 3.89 84.37
C UNK A 428 -12.51 3.37 85.12
N UNK A 429 -11.53 2.87 84.40
CA UNK A 429 -10.37 2.24 85.03
C UNK A 429 -9.77 3.15 86.07
N UNK A 430 -9.97 4.45 85.88
CA UNK A 430 -9.55 5.44 86.85
C UNK A 430 -10.43 5.09 88.05
N UNK A 431 -11.71 4.87 87.76
CA UNK A 431 -12.69 4.40 88.71
C UNK A 431 -12.20 3.02 89.12
N UNK A 432 -11.67 2.30 88.12
CA UNK A 432 -11.09 0.97 88.29
C UNK A 432 -9.88 1.08 89.20
N UNK A 433 -9.12 2.17 89.05
CA UNK A 433 -7.94 2.43 89.88
C UNK A 433 -8.38 2.63 91.33
N UNK A 434 -9.50 3.33 91.49
CA UNK A 434 -10.10 3.59 92.78
C UNK A 434 -10.53 2.26 93.40
N UNK A 435 -11.05 1.39 92.55
CA UNK A 435 -11.49 0.05 92.93
C UNK A 435 -10.30 -0.77 93.41
N UNK A 436 -9.16 -0.57 92.74
CA UNK A 436 -7.90 -1.22 93.07
C UNK A 436 -7.44 -0.74 94.45
N UNK A 437 -7.62 0.54 94.71
CA UNK A 437 -7.28 1.13 96.01
C UNK A 437 -8.19 0.51 97.07
N UNK A 438 -9.44 0.33 96.67
CA UNK A 438 -10.52 -0.25 97.49
C UNK A 438 -10.16 -1.68 97.83
N UNK A 439 -9.43 -2.33 96.94
CA UNK A 439 -9.00 -3.71 97.13
C UNK A 439 -8.21 -3.65 98.42
N UNK A 440 6.26 -12.26 12.62
CA UNK A 440 6.81 -13.29 11.76
C UNK A 440 6.01 -13.38 10.46
N UNK A 441 5.32 -12.30 10.11
CA UNK A 441 4.44 -12.27 8.95
C UNK A 441 5.27 -12.02 7.69
N UNK A 442 5.12 -12.90 6.70
CA UNK A 442 5.89 -12.78 5.48
C UNK A 442 4.97 -12.83 4.27
N UNK A 443 4.83 -11.70 3.57
CA UNK A 443 4.05 -11.62 2.35
C UNK A 443 4.97 -11.71 1.15
N UNK A 444 4.89 -12.82 0.43
CA UNK A 444 5.73 -13.05 -0.74
C UNK A 444 4.92 -12.76 -1.98
N UNK A 445 5.22 -11.66 -2.65
CA UNK A 445 4.44 -11.24 -3.79
C UNK A 445 5.04 -11.86 -5.03
N UNK A 446 4.32 -12.80 -5.62
CA UNK A 446 4.83 -13.52 -6.78
C UNK A 446 4.72 -12.60 -7.99
N UNK A 447 5.87 -12.36 -8.63
CA UNK A 447 5.92 -11.50 -9.80
C UNK A 447 6.06 -12.34 -11.05
N UNK A 448 6.24 -11.65 -12.17
CA UNK A 448 6.25 -12.22 -13.50
C UNK A 448 4.85 -12.65 -13.87
N UNK A 449 -2.56 -14.17 -22.04
CA UNK A 449 -1.99 -13.05 -22.76
C UNK A 449 -0.47 -13.11 -22.78
N UNK A 450 0.08 -13.87 -23.72
CA UNK A 450 1.52 -13.88 -23.96
C UNK A 450 1.74 -13.20 -25.30
N UNK A 451 2.99 -13.03 -25.69
CA UNK A 451 3.35 -12.18 -26.83
C UNK A 451 3.67 -13.05 -28.03
N UNK A 452 3.29 -12.57 -29.21
CA UNK A 452 3.50 -13.29 -30.45
C UNK A 452 4.47 -12.50 -31.31
N UNK A 453 5.07 -13.19 -32.27
CA UNK A 453 6.24 -12.68 -32.97
C UNK A 453 6.22 -13.10 -34.43
N GLY B 17 -21.01 1.69 -63.05
CA GLY B 17 -21.87 1.07 -62.07
C GLY B 17 -22.62 2.07 -61.21
N PRO B 18 -23.43 1.56 -60.28
CA PRO B 18 -24.23 2.45 -59.43
C PRO B 18 -23.35 3.35 -58.59
N GLU B 19 -23.85 4.56 -58.33
CA GLU B 19 -23.08 5.54 -57.60
C GLU B 19 -23.99 6.24 -56.59
N VAL B 20 -23.46 6.46 -55.40
CA VAL B 20 -24.23 6.86 -54.24
C VAL B 20 -23.62 8.12 -53.65
N THR B 21 -24.45 8.94 -53.03
CA THR B 21 -24.01 10.12 -52.30
C THR B 21 -24.13 9.87 -50.81
N LEU B 22 -23.22 10.47 -50.05
CA LEU B 22 -23.19 10.34 -48.61
C LEU B 22 -23.04 11.71 -47.99
N ILE B 23 -23.42 11.84 -46.72
CA ILE B 23 -23.39 13.10 -46.01
C ILE B 23 -22.78 12.91 -44.64
N THR B 24 -21.88 13.81 -44.24
CA THR B 24 -21.34 13.82 -42.89
C THR B 24 -21.23 15.25 -42.39
N ALA B 25 -21.00 15.38 -41.09
CA ALA B 25 -20.62 16.67 -40.55
C ALA B 25 -19.13 16.92 -40.71
N ASN B 26 -18.33 15.88 -40.61
CA ASN B 26 -16.89 16.01 -40.73
C ASN B 26 -16.35 14.79 -41.46
N ALA B 27 -15.44 15.02 -42.39
CA ALA B 27 -15.04 13.99 -43.33
C ALA B 27 -13.79 13.25 -42.91
N GLU B 28 -13.18 13.60 -41.80
CA GLU B 28 -12.04 12.85 -41.28
C GLU B 28 -10.99 12.63 -42.34
N GLY B 29 -10.40 11.44 -42.38
CA GLY B 29 -9.27 11.21 -43.25
C GLY B 29 -9.65 10.68 -44.61
N ILE B 30 -10.89 10.87 -45.03
CA ILE B 30 -11.32 10.32 -46.30
C ILE B 30 -10.72 11.14 -47.42
N GLU B 31 -9.96 10.50 -48.29
CA GLU B 31 -9.30 11.15 -49.40
C GLU B 31 -9.89 10.66 -50.71
N GLY B 32 -10.14 11.61 -51.61
CA GLY B 32 -10.77 11.29 -52.88
C GLY B 32 -10.02 10.26 -53.69
N GLY B 33 -10.73 9.19 -54.06
CA GLY B 33 -10.20 8.19 -54.93
C GLY B 33 -9.32 7.14 -54.28
N LYS B 34 -8.75 7.42 -53.10
CA LYS B 34 -7.94 6.42 -52.43
C LYS B 34 -8.67 5.60 -51.38
N THR B 35 -9.87 5.99 -50.97
CA THR B 35 -10.58 5.30 -49.91
C THR B 35 -11.65 4.42 -50.54
N THR B 36 -11.62 3.14 -50.23
CA THR B 36 -12.38 2.16 -50.98
C THR B 36 -13.49 1.60 -50.12
N ILE B 37 -14.73 1.95 -50.46
CA ILE B 37 -15.86 1.38 -49.74
C ILE B 37 -15.83 -0.12 -49.87
N LYS B 38 -15.94 -0.82 -48.75
CA LYS B 38 -15.92 -2.27 -48.79
C LYS B 38 -16.72 -2.83 -47.63
N SER B 39 -17.45 -3.92 -47.89
CA SER B 39 -18.18 -4.64 -46.86
C SER B 39 -17.50 -5.96 -46.63
N ARG B 40 -17.38 -6.34 -45.35
CA ARG B 40 -16.66 -7.55 -44.99
C ARG B 40 -15.28 -7.57 -45.65
N SER B 41 -14.65 -6.40 -45.66
CA SER B 41 -13.30 -6.27 -46.15
C SER B 41 -13.16 -6.84 -47.56
N VAL B 42 -14.12 -6.54 -48.40
CA VAL B 42 -14.08 -6.90 -49.81
C VAL B 42 -14.49 -5.68 -50.60
N ASP B 43 -13.67 -5.27 -51.55
CA ASP B 43 -13.85 -3.94 -52.12
C ASP B 43 -15.07 -3.90 -53.00
N VAL B 44 -16.06 -3.08 -52.63
CA VAL B 44 -17.24 -2.90 -53.42
C VAL B 44 -17.23 -1.61 -54.23
N GLY B 45 -16.22 -0.79 -54.07
CA GLY B 45 -16.20 0.47 -54.80
C GLY B 45 -15.34 1.50 -54.09
N VAL B 46 -15.24 2.67 -54.73
CA VAL B 46 -14.31 3.70 -54.35
C VAL B 46 -15.05 5.02 -54.15
N VAL B 47 -14.71 5.72 -53.08
CA VAL B 47 -15.16 7.10 -52.92
C VAL B 47 -14.58 7.93 -54.06
N GLU B 48 -15.45 8.58 -54.82
CA GLU B 48 -14.91 9.41 -55.88
C GLU B 48 -14.34 10.71 -55.35
N SER B 49 -15.14 11.47 -54.61
CA SER B 49 -14.69 12.81 -54.24
C SER B 49 -15.47 13.34 -53.05
N ALA B 50 -14.90 14.35 -52.40
CA ALA B 50 -15.54 15.01 -51.27
C ALA B 50 -15.70 16.48 -51.58
N THR B 51 -16.86 17.03 -51.26
CA THR B 51 -17.14 18.43 -51.56
C THR B 51 -17.98 19.04 -50.45
N LEU B 52 -17.63 20.27 -50.06
CA LEU B 52 -18.41 20.95 -49.06
C LEU B 52 -19.82 21.22 -49.57
N ALA B 53 -20.77 21.24 -48.65
CA ALA B 53 -22.10 21.65 -49.05
C ALA B 53 -22.13 23.16 -49.21
N ASP B 54 -23.10 23.63 -50.00
CA ASP B 54 -23.24 25.05 -50.22
C ASP B 54 -23.64 25.78 -48.95
N ASP B 55 -24.07 25.04 -47.93
CA ASP B 55 -24.36 25.61 -46.62
C ASP B 55 -23.16 25.54 -45.69
N LEU B 56 -22.08 24.89 -46.10
CA LEU B 56 -20.86 24.81 -45.31
C LEU B 56 -21.10 24.02 -44.03
N THR B 57 -22.35 23.66 -43.76
CA THR B 57 -22.67 22.99 -42.52
C THR B 57 -22.35 21.50 -42.59
N HIS B 58 -22.45 20.88 -43.75
CA HIS B 58 -22.15 19.47 -43.88
C HIS B 58 -21.36 19.23 -45.15
N VAL B 59 -20.85 18.02 -45.28
CA VAL B 59 -19.98 17.65 -46.39
C VAL B 59 -20.61 16.50 -47.14
N GLU B 60 -20.55 16.57 -48.47
CA GLU B 60 -21.05 15.55 -49.36
C GLU B 60 -19.89 14.69 -49.85
N ILE B 61 -20.17 13.41 -50.05
CA ILE B 61 -19.18 12.46 -50.52
C ILE B 61 -19.78 11.67 -51.67
N LYS B 62 -19.23 11.82 -52.86
CA LYS B 62 -19.70 11.09 -54.02
C LYS B 62 -18.87 9.82 -54.18
N ALA B 63 -19.55 8.67 -54.18
CA ALA B 63 -18.90 7.38 -54.21
C ALA B 63 -19.45 6.55 -55.35
N ARG B 64 -18.62 5.67 -55.89
CA ARG B 64 -18.99 4.81 -57.01
C ARG B 64 -18.80 3.35 -56.60
N LEU B 65 -19.89 2.62 -56.47
CA LEU B 65 -19.83 1.19 -56.23
C LEU B 65 -19.44 0.44 -57.49
N ASN B 66 -19.03 -0.81 -57.30
CA ASN B 66 -18.65 -1.66 -58.41
C ASN B 66 -19.86 -1.95 -59.29
N SER B 67 -19.57 -2.40 -60.51
CA SER B 67 -20.56 -2.49 -61.57
C SER B 67 -21.76 -3.35 -61.17
N GLY B 68 -21.51 -4.62 -60.86
CA GLY B 68 -22.61 -5.53 -60.68
C GLY B 68 -23.32 -5.44 -59.35
N MET B 69 -22.89 -4.56 -58.46
CA MET B 69 -23.31 -4.61 -57.07
C MET B 69 -24.48 -3.72 -56.75
N GLU B 70 -25.15 -3.14 -57.75
CA GLU B 70 -26.28 -2.27 -57.48
C GLU B 70 -27.33 -2.92 -56.59
N LYS B 71 -27.29 -4.25 -56.44
CA LYS B 71 -28.22 -4.93 -55.56
C LYS B 71 -28.07 -4.53 -54.11
N LEU B 72 -27.05 -3.75 -53.77
CA LEU B 72 -26.64 -3.65 -52.38
C LEU B 72 -27.25 -2.46 -51.64
N LEU B 73 -27.92 -1.53 -52.31
CA LEU B 73 -28.45 -0.30 -51.71
C LEU B 73 -29.44 -0.52 -50.57
N HIS B 74 -30.62 -1.03 -50.88
CA HIS B 74 -31.54 -1.60 -49.88
C HIS B 74 -32.15 -0.66 -48.84
N LYS B 75 -31.73 0.60 -48.77
CA LYS B 75 -32.36 1.61 -47.93
C LYS B 75 -32.23 1.35 -46.44
N ASP B 76 -31.85 0.15 -46.05
CA ASP B 76 -31.51 -0.13 -44.66
C ASP B 76 -30.01 -0.13 -44.44
N THR B 77 -29.22 0.02 -45.49
CA THR B 77 -27.77 -0.07 -45.36
C THR B 77 -27.23 1.04 -44.48
N VAL B 78 -26.13 0.76 -43.83
CA VAL B 78 -25.52 1.70 -42.92
C VAL B 78 -24.05 1.82 -43.26
N PHE B 79 -23.59 3.03 -43.54
CA PHE B 79 -22.18 3.28 -43.79
C PHE B 79 -21.51 3.80 -42.53
N TRP B 80 -20.31 3.31 -42.26
CA TRP B 80 -19.55 3.94 -41.18
C TRP B 80 -18.08 3.93 -41.53
N VAL B 81 -17.38 4.95 -41.07
CA VAL B 81 -15.95 5.07 -41.33
C VAL B 81 -15.19 4.21 -40.35
N VAL B 82 -14.23 3.44 -40.84
CA VAL B 82 -13.27 2.76 -39.99
C VAL B 82 -12.09 3.70 -39.80
N LYS B 83 -11.87 4.11 -38.56
CA LYS B 83 -11.01 5.24 -38.33
C LYS B 83 -9.88 4.87 -37.39
N PRO B 84 -8.78 5.60 -37.37
CA PRO B 84 -7.73 5.37 -36.37
C PRO B 84 -8.00 6.10 -35.06
N GLN B 85 -9.21 5.93 -34.53
CA GLN B 85 -9.59 6.65 -33.33
C GLN B 85 -8.96 6.01 -32.10
N ILE B 86 -8.58 6.86 -31.14
CA ILE B 86 -8.07 6.39 -29.86
C ILE B 86 -8.43 7.44 -28.83
N GLY B 87 -8.64 7.01 -27.60
CA GLY B 87 -9.06 7.92 -26.56
C GLY B 87 -9.83 7.20 -25.49
N ARG B 88 -10.71 7.94 -24.82
CA ARG B 88 -11.53 7.35 -23.77
C ARG B 88 -12.49 6.31 -24.32
N GLU B 89 -13.32 6.68 -25.30
CA GLU B 89 -14.42 5.83 -25.72
C GLU B 89 -13.98 4.52 -26.35
N GLY B 90 -12.70 4.32 -26.62
CA GLY B 90 -12.21 3.07 -27.15
C GLY B 90 -10.93 3.28 -27.93
N ILE B 91 -10.44 2.18 -28.50
CA ILE B 91 -9.25 2.22 -29.35
C ILE B 91 -9.56 1.47 -30.64
N SER B 92 -9.40 2.15 -31.77
CA SER B 92 -9.80 1.58 -33.05
C SER B 92 -8.83 2.03 -34.14
N GLY B 93 -8.42 1.08 -34.98
CA GLY B 93 -7.45 1.43 -36.01
C GLY B 93 -6.68 0.21 -36.50
N LEU B 94 -5.47 0.48 -36.98
CA LEU B 94 -4.49 -0.47 -37.54
C LEU B 94 -4.79 -0.93 -38.96
N GLY B 95 -6.02 -0.80 -39.42
CA GLY B 95 -6.27 -1.00 -40.83
C GLY B 95 -6.05 0.35 -41.46
N THR B 96 -6.18 1.35 -40.60
CA THR B 96 -6.09 2.74 -41.00
C THR B 96 -4.64 3.17 -41.15
N LEU B 97 -3.77 2.78 -40.21
CA LEU B 97 -2.37 3.14 -40.29
C LEU B 97 -1.65 2.49 -41.45
N LEU B 98 -2.32 1.56 -42.15
CA LEU B 98 -1.73 0.92 -43.31
C LEU B 98 -2.57 1.11 -44.56
N SER B 99 -3.81 0.62 -44.56
CA SER B 99 -4.67 0.72 -45.73
C SER B 99 -5.42 2.03 -45.81
N GLY B 100 -5.29 2.92 -44.84
CA GLY B 100 -5.84 4.26 -44.98
C GLY B 100 -7.35 4.43 -44.98
N VAL B 101 -8.01 4.03 -43.90
CA VAL B 101 -9.35 4.51 -43.59
C VAL B 101 -10.35 4.15 -44.67
N TYR B 102 -10.71 2.88 -44.75
CA TYR B 102 -11.77 2.48 -45.66
C TYR B 102 -13.13 2.72 -45.04
N ILE B 103 -14.14 2.91 -45.88
CA ILE B 103 -15.52 3.03 -45.44
C ILE B 103 -16.18 1.67 -45.51
N GLU B 104 -16.89 1.28 -44.46
CA GLU B 104 -17.63 0.03 -44.48
C GLU B 104 -19.10 0.27 -44.75
N LEU B 105 -19.68 -0.71 -45.43
CA LEU B 105 -21.06 -0.67 -45.90
C LEU B 105 -21.78 -1.91 -45.40
N GLN B 106 -22.72 -1.73 -44.51
CA GLN B 106 -23.50 -2.85 -44.03
C GLN B 106 -24.78 -2.96 -44.83
N PRO B 107 -24.99 -4.05 -45.56
CA PRO B 107 -26.19 -4.22 -46.36
C PRO B 107 -27.40 -4.51 -45.49
N GLY B 108 -28.57 -4.43 -46.13
CA GLY B 108 -29.81 -4.74 -45.46
C GLY B 108 -30.77 -5.38 -46.44
N ALA B 109 -31.84 -5.94 -45.90
CA ALA B 109 -32.88 -6.57 -46.70
C ALA B 109 -34.11 -5.71 -46.89
N LYS B 110 -34.17 -4.52 -46.31
CA LYS B 110 -35.46 -3.87 -46.13
C LYS B 110 -35.98 -3.16 -47.37
N GLY B 111 -35.41 -2.00 -47.70
CA GLY B 111 -36.04 -1.06 -48.59
C GLY B 111 -35.39 -0.97 -49.96
N SER B 112 -35.67 0.13 -50.64
CA SER B 112 -35.24 0.38 -52.01
C SER B 112 -33.90 1.11 -52.01
N LYS B 113 -33.52 1.70 -53.14
CA LYS B 113 -32.31 2.52 -53.17
C LYS B 113 -32.34 3.59 -52.10
N MET B 114 -33.41 4.40 -52.07
CA MET B 114 -33.61 5.44 -51.05
C MET B 114 -32.36 6.31 -50.91
N ASP B 115 -31.90 6.85 -52.03
CA ASP B 115 -30.56 7.40 -52.10
C ASP B 115 -30.46 8.71 -51.33
N LYS B 116 -29.26 9.29 -51.35
CA LYS B 116 -28.82 10.35 -50.43
C LYS B 116 -28.83 9.85 -48.99
N TYR B 117 -27.89 8.93 -48.73
CA TYR B 117 -27.73 8.32 -47.41
C TYR B 117 -27.01 9.29 -46.48
N ASP B 118 -26.63 8.78 -45.31
CA ASP B 118 -25.76 9.52 -44.41
C ASP B 118 -24.72 8.58 -43.85
N LEU B 119 -23.54 9.12 -43.62
CA LEU B 119 -22.39 8.34 -43.17
C LEU B 119 -22.19 8.54 -41.68
N LEU B 120 -21.87 7.45 -40.99
CA LEU B 120 -21.74 7.46 -39.55
C LEU B 120 -20.28 7.25 -39.16
N ASP B 121 -19.83 8.03 -38.20
CA ASP B 121 -18.60 7.72 -37.51
C ASP B 121 -18.92 6.70 -36.44
N SER B 122 -17.97 5.82 -36.18
CA SER B 122 -18.09 4.69 -35.25
C SER B 122 -19.05 3.65 -35.80
N PRO B 123 -18.79 2.37 -35.52
CA PRO B 123 -19.58 1.28 -36.07
C PRO B 123 -20.80 0.97 -35.21
N PRO B 124 -21.96 1.57 -35.47
CA PRO B 124 -23.13 1.28 -34.64
C PRO B 124 -23.36 -0.20 -34.48
N LEU B 125 -23.58 -0.63 -33.24
CA LEU B 125 -23.77 -2.02 -32.87
C LEU B 125 -25.23 -2.46 -32.77
N ALA B 126 -26.18 -1.54 -32.82
CA ALA B 126 -27.59 -1.89 -32.72
C ALA B 126 -28.45 -1.01 -33.63
N PRO B 127 -29.51 -1.56 -34.24
CA PRO B 127 -30.01 -2.92 -34.47
C PRO B 127 -29.64 -3.61 -35.78
N PRO B 128 -28.44 -4.19 -35.92
CA PRO B 128 -28.18 -4.99 -37.14
C PRO B 128 -29.10 -6.18 -37.26
N ASP B 129 -29.24 -6.97 -36.20
CA ASP B 129 -30.13 -8.12 -36.18
C ASP B 129 -31.47 -7.86 -35.49
N ALA B 130 -31.64 -6.70 -34.86
CA ALA B 130 -32.92 -6.32 -34.24
C ALA B 130 -33.34 -7.25 -33.10
N LYS B 131 -32.62 -8.34 -32.88
CA LYS B 131 -32.96 -9.29 -31.83
C LYS B 131 -32.43 -8.80 -30.48
N GLY B 132 -33.07 -9.26 -29.41
CA GLY B 132 -32.66 -8.92 -28.06
C GLY B 132 -33.61 -7.95 -27.39
N ILE B 133 -33.22 -7.53 -26.19
CA ILE B 133 -34.03 -6.65 -25.35
C ILE B 133 -33.31 -5.34 -25.20
N ARG B 134 -34.07 -4.29 -24.91
CA ARG B 134 -33.51 -2.98 -24.65
C ARG B 134 -34.09 -2.45 -23.34
N VAL B 135 -33.22 -2.03 -22.44
CA VAL B 135 -33.62 -1.64 -21.10
C VAL B 135 -33.22 -0.19 -20.91
N ILE B 136 -33.84 0.46 -19.94
CA ILE B 136 -33.53 1.86 -19.64
C ILE B 136 -33.08 1.96 -18.19
N LEU B 137 -32.19 2.90 -17.91
CA LEU B 137 -31.67 3.07 -16.56
C LEU B 137 -31.72 4.54 -16.15
N ASP B 138 -31.58 4.75 -14.85
CA ASP B 138 -31.37 6.06 -14.27
C ASP B 138 -30.22 5.97 -13.29
N SER B 139 -29.66 7.11 -12.89
CA SER B 139 -28.63 7.07 -11.86
C SER B 139 -28.48 8.43 -11.24
N LYS B 140 -27.82 8.46 -10.08
CA LYS B 140 -27.47 9.74 -9.47
C LYS B 140 -26.22 10.34 -10.09
N LYS B 141 -25.22 9.53 -10.39
CA LYS B 141 -23.94 10.03 -10.86
C LYS B 141 -23.59 9.46 -12.23
N ALA B 142 -22.94 10.28 -13.05
CA ALA B 142 -22.54 9.83 -14.39
C ALA B 142 -21.54 8.71 -14.30
N GLY B 143 -20.39 8.96 -13.69
CA GLY B 143 -19.54 7.89 -13.23
C GLY B 143 -19.15 6.85 -14.24
N GLN B 144 -19.56 5.64 -13.93
CA GLN B 144 -19.05 4.41 -14.49
C GLN B 144 -19.68 4.02 -15.81
N LEU B 145 -20.53 4.86 -16.38
CA LEU B 145 -21.31 4.41 -17.52
C LEU B 145 -20.98 5.29 -18.73
N SER B 146 -20.37 4.70 -19.75
CA SER B 146 -20.15 5.37 -21.02
C SER B 146 -20.33 4.37 -22.14
N PRO B 147 -20.92 4.78 -23.26
CA PRO B 147 -21.34 3.83 -24.28
C PRO B 147 -20.19 2.96 -24.76
N GLY B 148 -20.52 1.72 -25.09
CA GLY B 148 -19.52 0.71 -25.36
C GLY B 148 -19.13 -0.14 -24.17
N ASP B 149 -19.34 0.35 -22.96
CA ASP B 149 -19.00 -0.43 -21.78
C ASP B 149 -19.93 -1.64 -21.67
N PRO B 150 -19.40 -2.83 -21.44
CA PRO B 150 -20.22 -4.03 -21.54
C PRO B 150 -21.11 -4.25 -20.33
N VAL B 151 -22.21 -4.96 -20.57
CA VAL B 151 -23.15 -5.35 -19.52
C VAL B 151 -22.91 -6.80 -19.17
N LEU B 152 -22.55 -7.04 -17.93
CA LEU B 152 -22.11 -8.35 -17.47
C LEU B 152 -23.20 -9.03 -16.66
N PHE B 153 -23.31 -10.34 -16.80
CA PHE B 153 -24.13 -11.16 -15.93
C PHE B 153 -23.22 -12.17 -15.28
N ARG B 154 -23.03 -12.06 -13.97
CA ARG B 154 -22.06 -12.90 -13.27
C ARG B 154 -20.75 -12.94 -14.04
N GLY B 155 -20.32 -11.77 -14.50
CA GLY B 155 -19.05 -11.63 -15.18
C GLY B 155 -19.08 -11.95 -16.65
N TYR B 156 -20.09 -12.66 -17.15
CA TYR B 156 -20.13 -13.07 -18.54
C TYR B 156 -20.91 -12.06 -19.36
N ARG B 157 -20.34 -11.60 -20.46
CA ARG B 157 -20.85 -10.41 -21.12
C ARG B 157 -22.07 -10.76 -21.94
N VAL B 158 -23.23 -10.23 -21.56
CA VAL B 158 -24.46 -10.50 -22.28
C VAL B 158 -24.88 -9.36 -23.19
N GLY B 159 -24.19 -8.24 -23.17
CA GLY B 159 -24.65 -7.12 -23.96
C GLY B 159 -23.94 -5.86 -23.56
N SER B 160 -24.27 -4.79 -24.27
CA SER B 160 -23.49 -3.58 -24.16
C SER B 160 -24.41 -2.37 -24.05
N VAL B 161 -23.81 -1.25 -23.68
CA VAL B 161 -24.58 -0.02 -23.45
C VAL B 161 -24.87 0.64 -24.79
N GLU B 162 -26.15 0.80 -25.11
CA GLU B 162 -26.47 1.41 -26.39
C GLU B 162 -26.21 2.91 -26.36
N THR B 163 -26.83 3.63 -25.43
CA THR B 163 -26.65 5.08 -25.39
C THR B 163 -26.70 5.61 -23.97
N SER B 164 -26.19 6.82 -23.79
CA SER B 164 -26.27 7.53 -22.52
C SER B 164 -26.86 8.91 -22.77
N THR B 165 -28.04 9.15 -22.24
CA THR B 165 -28.73 10.42 -22.41
C THR B 165 -28.76 11.16 -21.08
N PHE B 166 -28.43 12.44 -21.11
CA PHE B 166 -28.58 13.28 -19.94
C PHE B 166 -29.92 13.97 -20.00
N ASP B 167 -30.51 14.19 -18.83
CA ASP B 167 -31.74 14.95 -18.74
C ASP B 167 -31.45 16.21 -17.95
N THR B 168 -31.59 17.37 -18.60
CA THR B 168 -31.31 18.63 -17.93
C THR B 168 -32.24 18.81 -16.73
N GLN B 169 -33.54 18.81 -16.99
CA GLN B 169 -34.50 19.13 -15.94
C GLN B 169 -34.44 18.12 -14.81
N LYS B 170 -34.64 16.84 -15.13
CA LYS B 170 -34.73 15.84 -14.08
C LYS B 170 -33.43 15.65 -13.34
N ARG B 171 -32.31 16.10 -13.89
CA ARG B 171 -30.99 15.95 -13.29
C ARG B 171 -30.61 14.48 -13.10
N ASN B 172 -31.20 13.59 -13.87
CA ASN B 172 -30.86 12.18 -13.85
C ASN B 172 -30.47 11.71 -15.24
N ILE B 173 -29.53 10.78 -15.27
CA ILE B 173 -28.91 10.32 -16.51
C ILE B 173 -29.55 9.01 -16.90
N SER B 174 -30.36 9.01 -17.93
CA SER B 174 -31.03 7.79 -18.35
C SER B 174 -30.20 7.10 -19.42
N TYR B 175 -30.08 5.78 -19.31
CA TYR B 175 -29.29 5.01 -20.24
C TYR B 175 -30.18 4.04 -20.99
N GLN B 176 -29.68 3.59 -22.13
CA GLN B 176 -30.35 2.55 -22.89
C GLN B 176 -29.35 1.42 -23.12
N LEU B 177 -29.67 0.26 -22.57
CA LEU B 177 -28.86 -0.95 -22.65
C LEU B 177 -29.46 -1.89 -23.67
N PHE B 178 -28.59 -2.69 -24.28
CA PHE B 178 -29.02 -3.66 -25.27
C PHE B 178 -28.50 -5.03 -24.88
N ILE B 179 -29.41 -5.95 -24.58
CA ILE B 179 -29.09 -7.31 -24.21
C ILE B 179 -29.28 -8.21 -25.41
N ASN B 180 -28.29 -9.05 -25.70
CA ASN B 180 -28.31 -9.90 -26.88
C ASN B 180 -29.39 -10.96 -26.78
N ALA B 181 -29.69 -11.55 -27.93
CA ALA B 181 -30.91 -12.34 -28.10
C ALA B 181 -30.99 -13.57 -27.20
N PRO B 182 -30.04 -14.51 -27.24
CA PRO B 182 -30.21 -15.72 -26.42
C PRO B 182 -30.20 -15.43 -24.94
N TYR B 183 -29.66 -14.29 -24.52
CA TYR B 183 -29.62 -13.94 -23.12
C TYR B 183 -30.77 -13.03 -22.74
N ASP B 184 -31.64 -12.70 -23.68
CA ASP B 184 -32.80 -11.87 -23.37
C ASP B 184 -33.61 -12.48 -22.25
N ARG B 185 -33.73 -13.80 -22.23
CA ARG B 185 -34.58 -14.48 -21.26
C ARG B 185 -34.10 -14.29 -19.83
N LEU B 186 -32.94 -13.67 -19.62
CA LEU B 186 -32.40 -13.57 -18.27
C LEU B 186 -32.95 -12.40 -17.48
N VAL B 187 -33.58 -11.42 -18.11
CA VAL B 187 -33.94 -10.21 -17.39
C VAL B 187 -35.36 -10.41 -16.86
N THR B 188 -35.46 -10.72 -15.58
CA THR B 188 -36.72 -10.83 -14.87
C THR B 188 -37.12 -9.50 -14.28
N ASN B 189 -38.40 -9.40 -13.91
CA ASN B 189 -38.85 -8.30 -13.09
C ASN B 189 -37.91 -8.04 -11.93
N ASN B 190 -37.40 -9.09 -11.31
CA ASN B 190 -36.68 -8.94 -10.07
C ASN B 190 -35.19 -8.67 -10.28
N VAL B 191 -34.66 -8.87 -11.48
CA VAL B 191 -33.26 -8.59 -11.72
C VAL B 191 -32.98 -7.13 -11.44
N ARG B 192 -31.82 -6.87 -10.84
CA ARG B 192 -31.42 -5.49 -10.60
C ARG B 192 -29.96 -5.30 -10.96
N PHE B 193 -29.68 -4.10 -11.46
CA PHE B 193 -28.38 -3.70 -11.98
C PHE B 193 -27.59 -3.01 -10.90
N TRP B 194 -26.29 -3.24 -10.88
CA TRP B 194 -25.43 -2.35 -10.14
C TRP B 194 -24.29 -1.87 -11.01
N LYS B 195 -23.86 -0.66 -10.72
CA LYS B 195 -22.91 0.10 -11.52
C LYS B 195 -21.49 -0.20 -11.07
N ASP B 196 -20.60 -0.45 -12.02
CA ASP B 196 -19.25 -0.82 -11.66
C ASP B 196 -18.24 0.00 -12.45
N SER B 197 -17.27 0.55 -11.74
CA SER B 197 -16.00 0.93 -12.34
C SER B 197 -14.95 0.86 -11.24
N GLY B 198 -13.76 0.41 -11.62
CA GLY B 198 -12.64 0.46 -10.71
C GLY B 198 -12.74 -0.57 -9.60
N ILE B 199 -11.64 -0.72 -8.90
CA ILE B 199 -11.54 -1.67 -7.81
C ILE B 199 -12.30 -1.12 -6.62
N ALA B 200 -13.11 -1.95 -5.99
CA ALA B 200 -13.75 -1.61 -4.72
C ALA B 200 -13.23 -2.58 -3.67
N VAL B 201 -12.39 -2.09 -2.76
CA VAL B 201 -11.88 -2.91 -1.67
C VAL B 201 -12.86 -2.83 -0.52
N ASP B 202 -13.32 -3.98 -0.05
CA ASP B 202 -14.30 -4.04 1.02
C ASP B 202 -13.71 -4.83 2.18
N LEU B 203 -13.59 -4.17 3.33
CA LEU B 203 -13.22 -4.81 4.59
C LEU B 203 -14.51 -4.95 5.37
N THR B 204 -15.04 -6.17 5.48
CA THR B 204 -16.35 -6.36 6.08
C THR B 204 -16.26 -7.45 7.15
N SER B 205 -17.38 -7.72 7.79
CA SER B 205 -17.41 -8.72 8.85
C SER B 205 -17.18 -10.11 8.32
N ALA B 206 -17.40 -10.35 7.03
CA ALA B 206 -16.99 -11.62 6.44
C ALA B 206 -15.48 -11.69 6.30
N GLY B 207 -14.91 -10.74 5.58
CA GLY B 207 -13.50 -10.74 5.29
C GLY B 207 -13.27 -9.94 4.02
N MET B 208 -12.00 -9.70 3.73
CA MET B 208 -11.68 -8.77 2.67
C MET B 208 -12.29 -9.23 1.35
N ARG B 209 -12.55 -8.28 0.48
CA ARG B 209 -13.15 -8.57 -0.80
C ARG B 209 -12.76 -7.47 -1.77
N VAL B 210 -12.93 -7.75 -3.05
CA VAL B 210 -12.66 -6.78 -4.11
C VAL B 210 -13.78 -6.86 -5.13
N GLU B 211 -14.13 -5.73 -5.72
CA GLU B 211 -15.22 -5.65 -6.69
C GLU B 211 -14.69 -4.97 -7.96
N MET B 212 -14.74 -5.71 -9.06
CA MET B 212 -14.23 -5.23 -10.33
C MET B 212 -14.93 -6.00 -11.44
N GLY B 213 -14.82 -5.48 -12.67
CA GLY B 213 -15.23 -6.23 -13.84
C GLY B 213 -14.04 -6.73 -14.63
N SER B 214 -12.88 -6.78 -13.97
CA SER B 214 -11.61 -7.20 -14.55
C SER B 214 -11.15 -6.28 -15.68
N LEU B 215 -10.90 -6.88 -16.84
CA LEU B 215 -10.26 -6.18 -17.94
C LEU B 215 -10.96 -4.87 -18.28
N THR B 216 -12.16 -4.96 -18.87
CA THR B 216 -12.76 -3.77 -19.47
C THR B 216 -13.30 -2.84 -18.41
N THR B 217 -14.02 -3.37 -17.43
CA THR B 217 -14.76 -2.51 -16.52
C THR B 217 -13.84 -1.67 -15.65
N LEU B 218 -12.65 -2.16 -15.33
CA LEU B 218 -11.65 -1.31 -14.69
C LEU B 218 -11.34 -0.10 -15.56
N LEU B 219 -11.08 -0.33 -16.84
CA LEU B 219 -10.37 0.67 -17.64
C LEU B 219 -11.28 1.77 -18.16
N SER B 220 -12.58 1.52 -18.25
CA SER B 220 -13.53 2.59 -18.57
C SER B 220 -14.74 2.55 -17.65
N GLY B 221 -15.61 1.56 -17.79
CA GLY B 221 -16.81 1.49 -16.98
C GLY B 221 -17.49 0.16 -17.15
N GLY B 222 -18.68 0.05 -16.56
CA GLY B 222 -19.41 -1.20 -16.70
C GLY B 222 -20.67 -1.28 -15.86
N VAL B 223 -21.53 -2.24 -16.19
CA VAL B 223 -22.79 -2.46 -15.48
C VAL B 223 -22.99 -3.95 -15.38
N SER B 224 -23.57 -4.41 -14.29
CA SER B 224 -23.85 -5.84 -14.18
C SER B 224 -25.22 -6.03 -13.54
N PHE B 225 -25.70 -7.26 -13.53
CA PHE B 225 -26.97 -7.48 -12.86
C PHE B 225 -27.08 -8.87 -12.29
N ASP B 226 -28.04 -9.02 -11.37
CA ASP B 226 -28.36 -10.34 -10.84
C ASP B 226 -29.82 -10.41 -10.48
N VAL B 227 -30.19 -11.54 -9.89
CA VAL B 227 -31.37 -11.65 -9.05
C VAL B 227 -30.88 -11.57 -7.61
N PRO B 228 -31.09 -10.46 -6.91
CA PRO B 228 -30.46 -10.30 -5.60
C PRO B 228 -30.88 -11.41 -4.66
N GLU B 229 -30.12 -11.57 -3.60
CA GLU B 229 -30.19 -12.79 -2.80
C GLU B 229 -31.60 -13.10 -2.35
N GLY B 230 -32.05 -14.31 -2.68
CA GLY B 230 -33.30 -14.83 -2.16
C GLY B 230 -34.55 -14.12 -2.62
N LEU B 231 -34.78 -14.04 -3.92
CA LEU B 231 -36.05 -13.59 -4.45
C LEU B 231 -36.45 -14.53 -5.59
N ASP B 232 -37.69 -14.39 -6.04
CA ASP B 232 -38.17 -15.19 -7.14
C ASP B 232 -37.75 -14.56 -8.47
N LEU B 233 -37.53 -15.41 -9.47
CA LEU B 233 -37.27 -14.94 -10.82
C LEU B 233 -38.45 -14.16 -11.34
N GLY B 234 -39.58 -14.82 -11.59
CA GLY B 234 -40.81 -14.11 -11.87
C GLY B 234 -40.95 -13.46 -13.23
N GLN B 235 -40.76 -14.24 -14.27
CA GLN B 235 -41.09 -13.90 -15.66
C GLN B 235 -40.16 -12.86 -16.24
N PRO B 236 -39.94 -12.87 -17.54
CA PRO B 236 -39.14 -11.82 -18.17
C PRO B 236 -39.93 -10.53 -18.26
N VAL B 237 -39.39 -9.53 -18.93
CA VAL B 237 -39.91 -8.19 -18.87
C VAL B 237 -40.14 -7.65 -20.28
N ALA B 238 -41.24 -6.92 -20.46
CA ALA B 238 -41.48 -6.20 -21.70
C ALA B 238 -40.35 -5.21 -21.97
N PRO B 239 -40.14 -4.83 -23.22
CA PRO B 239 -39.00 -3.98 -23.53
C PRO B 239 -39.12 -2.60 -22.88
N LYS B 240 -37.97 -1.95 -22.74
CA LYS B 240 -37.82 -0.55 -22.40
C LYS B 240 -38.23 -0.20 -20.98
N THR B 241 -38.68 -1.16 -20.18
CA THR B 241 -39.02 -0.87 -18.81
C THR B 241 -37.80 -0.34 -18.05
N ALA B 242 -38.06 0.45 -17.03
CA ALA B 242 -37.02 1.20 -16.34
C ALA B 242 -36.56 0.48 -15.09
N PHE B 243 -35.25 0.52 -14.85
CA PHE B 243 -34.65 0.06 -13.61
C PHE B 243 -33.88 1.22 -12.98
N VAL B 244 -33.50 1.05 -11.73
CA VAL B 244 -32.68 2.03 -11.03
C VAL B 244 -31.29 1.45 -10.88
N LEU B 245 -30.28 2.25 -11.14
CA LEU B 245 -28.91 1.79 -11.09
C LEU B 245 -28.34 2.08 -9.72
N TYR B 246 -28.08 1.03 -8.96
CA TYR B 246 -27.56 1.15 -7.61
C TYR B 246 -26.04 1.06 -7.67
N ASP B 247 -25.38 1.82 -6.81
CA ASP B 247 -23.96 2.01 -6.99
C ASP B 247 -23.15 0.81 -6.55
N ASP B 248 -23.66 0.03 -5.59
CA ASP B 248 -23.09 -1.28 -5.32
C ASP B 248 -24.12 -2.09 -4.57
N GLN B 249 -23.88 -3.41 -4.52
CA GLN B 249 -24.84 -4.33 -3.95
C GLN B 249 -25.37 -3.84 -2.62
N LYS B 250 -24.51 -3.24 -1.79
CA LYS B 250 -24.95 -2.73 -0.51
C LYS B 250 -26.18 -1.85 -0.66
N SER B 251 -26.09 -0.83 -1.52
CA SER B 251 -27.24 0.02 -1.72
C SER B 251 -28.45 -0.75 -2.23
N ILE B 252 -28.21 -1.80 -3.02
CA ILE B 252 -29.32 -2.64 -3.44
C ILE B 252 -30.06 -3.20 -2.24
N GLN B 253 -29.35 -3.90 -1.37
CA GLN B 253 -30.03 -4.58 -0.28
C GLN B 253 -30.61 -3.59 0.71
N ASP B 254 -30.25 -2.33 0.61
CA ASP B 254 -31.02 -1.31 1.30
C ASP B 254 -32.23 -0.90 0.49
N SER B 255 -32.23 -1.17 -0.82
CA SER B 255 -33.38 -0.79 -1.62
C SER B 255 -34.39 -1.91 -1.74
N LEU B 256 -34.06 -3.11 -1.28
CA LEU B 256 -35.00 -4.22 -1.40
C LEU B 256 -36.29 -3.93 -0.65
N TYR B 257 -36.18 -3.44 0.58
CA TYR B 257 -37.27 -3.59 1.52
C TYR B 257 -38.26 -2.44 1.41
N THR B 258 -37.82 -1.23 1.71
CA THR B 258 -38.53 -0.03 1.29
C THR B 258 -39.81 0.21 2.09
N ASP B 259 -40.31 -0.82 2.77
CA ASP B 259 -41.56 -0.70 3.53
C ASP B 259 -41.20 -0.54 4.99
N HIS B 260 -41.36 0.66 5.51
CA HIS B 260 -40.75 1.02 6.77
C HIS B 260 -41.79 1.49 7.76
N ILE B 261 -41.75 0.90 8.95
CA ILE B 261 -42.47 1.42 10.10
C ILE B 261 -41.49 2.29 10.85
N ASP B 262 -41.74 3.59 10.87
CA ASP B 262 -40.82 4.49 11.52
C ASP B 262 -41.01 4.45 13.03
N TYR B 263 -39.92 4.65 13.75
CA TYR B 263 -39.94 4.88 15.18
C TYR B 263 -39.06 6.07 15.49
N LEU B 264 -39.17 6.52 16.72
CA LEU B 264 -38.36 7.61 17.23
C LEU B 264 -37.61 7.12 18.44
N MET B 265 -36.47 7.73 18.73
CA MET B 265 -35.75 7.44 19.96
C MET B 265 -35.12 8.72 20.46
N PHE B 266 -35.00 8.83 21.77
CA PHE B 266 -34.33 9.96 22.39
C PHE B 266 -33.09 9.46 23.10
N PHE B 267 -31.93 9.79 22.57
CA PHE B 267 -30.70 9.45 23.24
C PHE B 267 -30.23 10.60 24.10
N LYS B 268 -29.61 10.28 25.23
CA LYS B 268 -28.70 11.25 25.77
C LYS B 268 -27.28 10.82 25.43
N ASP B 269 -26.67 9.93 26.23
CA ASP B 269 -25.46 9.22 25.85
C ASP B 269 -24.53 10.12 25.06
N SER B 270 -24.19 9.73 23.84
CA SER B 270 -23.81 10.69 22.83
C SER B 270 -24.11 10.10 21.47
N VAL B 271 -24.45 10.96 20.52
CA VAL B 271 -24.59 10.54 19.14
C VAL B 271 -23.44 11.19 18.41
N ARG B 272 -22.39 10.43 18.13
CA ARG B 272 -21.32 10.90 17.27
C ARG B 272 -20.89 9.74 16.41
N GLY B 273 -20.99 9.90 15.11
CA GLY B 273 -20.62 8.84 14.22
C GLY B 273 -21.76 8.04 13.66
N LEU B 274 -22.98 8.20 14.17
CA LEU B 274 -24.08 7.52 13.50
C LEU B 274 -24.24 8.12 12.13
N GLN B 275 -24.07 7.36 11.19
CA GLN B 275 -24.41 7.90 9.91
C GLN B 275 -25.74 7.35 9.51
N PRO B 276 -26.67 8.17 9.06
CA PRO B 276 -27.93 7.63 8.58
C PRO B 276 -27.67 6.53 7.57
N GLY B 277 -28.28 5.38 7.79
CA GLY B 277 -27.92 4.18 7.08
C GLY B 277 -27.16 3.18 7.90
N ALA B 278 -26.87 3.47 9.16
CA ALA B 278 -26.19 2.49 9.98
C ALA B 278 -27.23 1.55 10.60
N PRO B 279 -26.93 0.27 10.67
CA PRO B 279 -27.97 -0.71 10.93
C PRO B 279 -28.51 -0.61 12.34
N VAL B 280 -29.68 -1.20 12.54
CA VAL B 280 -30.31 -1.33 13.86
C VAL B 280 -30.50 -2.81 14.10
N GLU B 281 -29.76 -3.36 15.06
CA GLU B 281 -29.70 -4.79 15.23
C GLU B 281 -30.39 -5.20 16.52
N PHE B 282 -30.96 -6.40 16.51
CA PHE B 282 -31.46 -7.05 17.71
C PHE B 282 -30.54 -8.23 17.98
N ARG B 283 -29.70 -8.11 19.00
CA ARG B 283 -28.72 -9.15 19.31
C ARG B 283 -27.90 -9.52 18.10
N GLY B 284 -27.83 -8.62 17.12
CA GLY B 284 -27.14 -8.91 15.89
C GLY B 284 -27.97 -9.48 14.77
N ILE B 285 -29.27 -9.21 14.74
CA ILE B 285 -30.09 -9.53 13.59
C ILE B 285 -30.69 -8.24 13.11
N ARG B 286 -30.47 -7.90 11.85
CA ARG B 286 -30.74 -6.53 11.42
C ARG B 286 -32.23 -6.35 11.21
N LEU B 287 -32.84 -5.48 12.00
CA LEU B 287 -34.25 -5.19 11.87
C LEU B 287 -34.56 -3.95 11.06
N GLY B 288 -33.57 -3.14 10.74
CA GLY B 288 -33.86 -1.87 10.12
C GLY B 288 -32.74 -0.89 10.34
N THR B 289 -32.91 0.28 9.74
CA THR B 289 -31.79 1.17 9.54
C THR B 289 -32.12 2.55 10.08
N VAL B 290 -31.12 3.21 10.63
CA VAL B 290 -31.30 4.59 11.08
C VAL B 290 -31.49 5.49 9.89
N SER B 291 -32.54 6.29 9.90
CA SER B 291 -32.92 7.09 8.75
C SER B 291 -32.40 8.52 8.85
N LYS B 292 -32.82 9.25 9.87
CA LYS B 292 -32.38 10.63 10.05
C LYS B 292 -31.73 10.81 11.40
N VAL B 293 -30.61 11.52 11.41
CA VAL B 293 -30.05 12.00 12.65
C VAL B 293 -29.50 13.39 12.47
N PRO B 294 -29.74 14.27 13.44
CA PRO B 294 -30.80 14.14 14.43
C PRO B 294 -32.11 14.46 13.76
N PHE B 295 -33.20 14.61 14.50
CA PHE B 295 -34.50 14.78 13.88
C PHE B 295 -35.05 16.17 14.18
N PHE B 296 -35.28 16.94 13.12
CA PHE B 296 -35.76 18.31 13.21
C PHE B 296 -37.24 18.37 12.89
N ALA B 297 -38.04 18.80 13.85
CA ALA B 297 -39.44 19.11 13.59
C ALA B 297 -39.77 20.38 14.33
N PRO B 298 -40.56 21.27 13.71
CA PRO B 298 -40.95 22.50 14.44
C PRO B 298 -41.76 22.20 15.68
N ASN B 299 -42.42 21.04 15.74
CA ASN B 299 -42.99 20.60 17.00
C ASN B 299 -41.89 20.22 17.97
N MET B 300 -40.86 19.52 17.49
CA MET B 300 -39.70 19.23 18.31
C MET B 300 -38.88 20.50 18.57
N ARG B 301 -39.20 21.60 17.89
CA ARG B 301 -38.59 22.87 18.25
C ARG B 301 -39.03 23.30 19.63
N GLN B 302 -40.33 23.15 19.92
CA GLN B 302 -40.82 23.46 21.26
C GLN B 302 -40.55 22.31 22.23
N THR B 303 -40.88 21.08 21.84
CA THR B 303 -40.81 19.98 22.79
C THR B 303 -39.38 19.54 23.03
N PHE B 304 -38.57 19.47 21.97
CA PHE B 304 -37.17 19.09 22.12
C PHE B 304 -36.40 20.15 22.90
N ASN B 305 -36.72 21.43 22.72
CA ASN B 305 -36.12 22.47 23.55
C ASN B 305 -36.45 22.28 25.02
N ASP B 306 -37.52 21.54 25.33
CA ASP B 306 -37.73 21.08 26.69
C ASP B 306 -36.93 19.82 26.98
N ASP B 307 -36.70 18.99 25.96
CA ASP B 307 -36.06 17.69 26.17
C ASP B 307 -34.55 17.80 26.43
N TYR B 308 -33.83 18.52 25.58
CA TYR B 308 -32.36 18.52 25.56
C TYR B 308 -31.81 17.10 25.49
N ARG B 309 -32.49 16.26 24.74
CA ARG B 309 -32.00 14.98 24.28
C ARG B 309 -32.03 14.99 22.77
N ILE B 310 -31.37 14.03 22.17
CA ILE B 310 -31.17 14.01 20.72
C ILE B 310 -32.16 13.03 20.11
N PRO B 311 -33.07 13.47 19.25
CA PRO B 311 -33.97 12.56 18.56
C PRO B 311 -33.29 11.86 17.42
N VAL B 312 -33.70 10.62 17.19
CA VAL B 312 -33.17 9.80 16.11
C VAL B 312 -34.33 9.02 15.53
N LEU B 313 -34.42 8.95 14.21
CA LEU B 313 -35.44 8.13 13.58
C LEU B 313 -34.91 6.74 13.27
N ILE B 314 -35.79 5.77 13.36
CA ILE B 314 -35.49 4.42 12.93
C ILE B 314 -36.48 4.01 11.88
N ARG B 315 -36.02 3.34 10.85
CA ARG B 315 -36.90 2.67 9.92
C ARG B 315 -36.82 1.20 10.24
N ILE B 316 -37.87 0.65 10.83
CA ILE B 316 -37.95 -0.80 11.01
C ILE B 316 -38.49 -1.41 9.73
N GLU B 317 -37.73 -2.32 9.14
CA GLU B 317 -38.12 -2.90 7.87
C GLU B 317 -38.53 -4.34 8.11
N PRO B 318 -39.82 -4.66 8.12
CA PRO B 318 -40.24 -5.97 8.65
C PRO B 318 -39.70 -7.13 7.87
N GLU B 319 -39.60 -7.01 6.55
CA GLU B 319 -39.28 -8.16 5.73
C GLU B 319 -37.98 -8.80 6.15
N ARG B 320 -37.08 -8.03 6.74
CA ARG B 320 -35.78 -8.57 7.11
C ARG B 320 -35.92 -9.81 7.98
N LEU B 321 -37.00 -9.90 8.75
CA LEU B 321 -37.28 -11.11 9.49
C LEU B 321 -37.93 -12.19 8.62
N LYS B 322 -38.98 -11.83 7.89
CA LYS B 322 -39.80 -12.78 7.17
C LYS B 322 -40.93 -12.07 6.45
N ASP B 330 -49.58 -6.00 12.36
CA ASP B 330 -49.49 -6.98 13.45
C ASP B 330 -48.25 -6.72 14.30
N VAL B 331 -47.18 -6.32 13.64
CA VAL B 331 -45.91 -6.12 14.33
C VAL B 331 -46.05 -5.09 15.43
N VAL B 332 -46.86 -4.06 15.20
CA VAL B 332 -47.06 -3.02 16.21
C VAL B 332 -47.54 -3.64 17.52
N GLU B 333 -48.41 -4.66 17.42
CA GLU B 333 -48.80 -5.40 18.61
C GLU B 333 -47.58 -6.03 19.27
N HIS B 334 -46.77 -6.74 18.49
CA HIS B 334 -45.62 -7.44 19.03
C HIS B 334 -44.71 -6.47 19.79
N LEU B 335 -44.24 -5.43 19.10
CA LEU B 335 -43.26 -4.53 19.72
C LEU B 335 -43.89 -3.72 20.83
N GLY B 336 -45.03 -3.08 20.56
CA GLY B 336 -45.71 -2.32 21.59
C GLY B 336 -45.93 -3.12 22.85
N GLU B 337 -46.14 -4.43 22.71
CA GLU B 337 -46.15 -5.29 23.88
C GLU B 337 -44.76 -5.60 24.39
N LEU B 338 -43.73 -5.48 23.54
CA LEU B 338 -42.40 -5.83 23.99
C LEU B 338 -41.77 -4.73 24.84
N LEU B 339 -42.08 -3.46 24.58
CA LEU B 339 -41.52 -2.42 25.42
C LEU B 339 -41.89 -2.66 26.88
N LYS B 340 -43.17 -2.92 27.12
CA LYS B 340 -43.59 -3.33 28.46
C LYS B 340 -42.89 -4.60 28.90
N ARG B 341 -42.39 -5.40 27.96
CA ARG B 341 -41.63 -6.58 28.29
C ARG B 341 -40.13 -6.33 28.33
N GLY B 342 -39.69 -5.09 28.14
CA GLY B 342 -38.31 -4.72 28.36
C GLY B 342 -37.36 -4.47 27.18
N LEU B 343 -37.86 -4.27 25.96
CA LEU B 343 -36.98 -3.78 24.90
C LEU B 343 -36.47 -2.40 25.23
N ARG B 344 -35.21 -2.15 24.87
CA ARG B 344 -34.58 -0.86 25.13
C ARG B 344 -33.55 -0.61 24.05
N GLY B 345 -33.43 0.64 23.64
CA GLY B 345 -32.43 1.00 22.65
C GLY B 345 -31.10 1.39 23.29
N SER B 346 -30.03 1.13 22.56
CA SER B 346 -28.69 1.41 23.03
C SER B 346 -27.80 1.70 21.84
N LEU B 347 -26.65 2.28 22.11
CA LEU B 347 -25.66 2.52 21.07
C LEU B 347 -24.46 1.64 21.32
N LYS B 348 -24.17 0.76 20.39
CA LYS B 348 -22.94 -0.02 20.45
C LYS B 348 -22.03 0.38 19.30
N THR B 349 -20.84 -0.20 19.30
CA THR B 349 -19.77 0.25 18.43
C THR B 349 -19.30 -0.89 17.54
N GLY B 350 -19.59 -0.79 16.25
CA GLY B 350 -18.95 -1.63 15.27
C GLY B 350 -17.55 -1.10 15.01
N ASN B 351 -16.89 -1.69 14.02
CA ASN B 351 -15.53 -1.24 13.75
C ASN B 351 -14.68 -1.36 14.99
N LEU B 352 -14.52 -0.24 15.72
CA LEU B 352 -13.50 0.07 16.72
C LEU B 352 -12.39 0.83 16.01
N VAL B 353 -12.50 0.98 14.70
CA VAL B 353 -11.69 1.90 13.94
C VAL B 353 -12.63 2.68 13.04
N THR B 354 -12.52 4.01 13.09
CA THR B 354 -13.52 4.98 12.65
C THR B 354 -14.64 5.04 13.67
N GLY B 355 -14.72 4.02 14.52
CA GLY B 355 -15.68 4.03 15.61
C GLY B 355 -17.08 4.39 15.21
N ALA B 356 -17.58 3.81 14.13
CA ALA B 356 -18.96 4.02 13.78
C ALA B 356 -19.84 3.35 14.82
N LEU B 357 -21.07 3.85 14.94
CA LEU B 357 -22.00 3.36 15.94
C LEU B 357 -23.21 2.73 15.24
N TYR B 358 -23.88 1.85 15.96
CA TYR B 358 -25.18 1.36 15.52
C TYR B 358 -26.05 1.19 16.73
N VAL B 359 -27.30 0.84 16.51
CA VAL B 359 -28.29 0.86 17.57
C VAL B 359 -28.62 -0.58 17.95
N ASP B 360 -28.14 -1.02 19.10
CA ASP B 360 -28.50 -2.32 19.59
C ASP B 360 -29.83 -2.24 20.29
N LEU B 361 -30.58 -3.34 20.23
CA LEU B 361 -31.95 -3.33 20.71
C LEU B 361 -32.13 -4.60 21.52
N ASP B 362 -32.32 -4.49 22.82
CA ASP B 362 -32.34 -5.68 23.69
C ASP B 362 -32.83 -5.42 25.09
N ASN B 377 -44.15 12.29 20.00
CA ASN B 377 -44.56 13.04 18.83
C ASN B 377 -45.39 12.11 17.95
N GLY B 378 -45.67 12.54 16.71
CA GLY B 378 -46.53 11.76 15.85
C GLY B 378 -46.06 10.34 15.65
N TYR B 379 -44.76 10.11 15.72
CA TYR B 379 -44.18 8.79 15.67
C TYR B 379 -44.16 8.14 17.05
N GLN B 380 -44.24 6.82 17.08
CA GLN B 380 -44.08 6.10 18.34
C GLN B 380 -42.65 6.28 18.85
N ILE B 381 -42.45 6.03 20.14
CA ILE B 381 -41.16 6.27 20.79
C ILE B 381 -40.68 5.01 21.47
N ILE B 382 -39.42 4.68 21.27
CA ILE B 382 -38.75 3.58 21.95
C ILE B 382 -37.86 4.17 23.04
N PRO B 383 -37.92 3.68 24.27
CA PRO B 383 -37.03 4.19 25.32
C PRO B 383 -35.60 3.72 25.10
N THR B 384 -34.68 4.40 25.78
CA THR B 384 -33.26 4.21 25.55
C THR B 384 -32.54 3.99 26.87
N VAL B 385 -31.95 2.82 27.05
CA VAL B 385 -31.03 2.62 28.15
C VAL B 385 -29.70 3.26 27.80
N SER B 386 -29.07 3.89 28.79
CA SER B 386 -27.78 4.50 28.56
C SER B 386 -26.74 3.43 28.22
N GLY B 387 -25.70 3.85 27.52
CA GLY B 387 -24.67 2.92 27.09
C GLY B 387 -24.03 2.26 28.28
N GLY B 388 -23.79 0.95 28.18
CA GLY B 388 -23.18 0.25 29.28
C GLY B 388 -21.79 0.76 29.60
N LEU B 389 -20.99 0.98 28.55
CA LEU B 389 -19.63 1.47 28.76
C LEU B 389 -19.65 2.83 29.43
N ALA B 390 -20.54 3.70 28.95
CA ALA B 390 -20.64 5.04 29.51
C ALA B 390 -21.09 4.98 30.96
N GLN B 391 -22.03 4.09 31.26
CA GLN B 391 -22.54 3.96 32.61
C GLN B 391 -21.39 3.53 33.49
N ILE B 392 -20.61 2.60 32.99
CA ILE B 392 -19.44 2.10 33.70
C ILE B 392 -18.40 3.20 33.90
N GLN B 393 -18.22 4.04 32.90
CA GLN B 393 -17.19 5.07 33.01
C GLN B 393 -17.64 6.17 33.97
N GLN B 394 -18.93 6.19 34.27
CA GLN B 394 -19.53 7.36 34.86
C GLN B 394 -19.71 7.17 36.34
N ARG B 395 -20.54 6.20 36.74
CA ARG B 395 -20.48 5.72 38.11
C ARG B 395 -19.03 5.44 38.47
N LEU B 396 -18.26 4.97 37.51
CA LEU B 396 -16.84 4.81 37.70
C LEU B 396 -16.21 6.11 38.13
N MET B 397 -16.33 7.14 37.30
CA MET B 397 -15.79 8.43 37.68
C MET B 397 -16.41 8.90 38.98
N GLU B 398 -17.56 8.33 39.33
CA GLU B 398 -18.36 8.89 40.40
C GLU B 398 -17.87 8.41 41.75
N ALA B 399 -18.12 7.14 42.06
CA ALA B 399 -17.52 6.57 43.25
C ALA B 399 -16.01 6.78 43.23
N LEU B 400 -15.44 7.01 42.05
CA LEU B 400 -14.09 7.50 42.00
C LEU B 400 -13.95 8.80 42.79
N ASP B 401 -14.75 9.80 42.45
CA ASP B 401 -14.72 11.03 43.23
C ASP B 401 -14.99 10.74 44.70
N LYS B 402 -16.06 9.99 44.99
CA LYS B 402 -16.39 9.66 46.37
C LYS B 402 -15.21 9.01 47.06
N ILE B 403 -14.32 8.39 46.30
CA ILE B 403 -13.13 7.81 46.88
C ILE B 403 -12.11 8.89 47.18
N ASN B 404 -11.94 9.82 46.24
CA ASN B 404 -11.17 11.02 46.56
C ASN B 404 -11.70 11.66 47.83
N LYS B 405 -12.98 11.46 48.12
CA LYS B 405 -13.55 11.95 49.37
C LYS B 405 -12.97 11.24 50.58
N LEU B 406 -12.13 10.24 50.34
CA LEU B 406 -11.37 9.66 51.43
C LEU B 406 -9.93 10.16 51.37
N UNK B 407 -10.59 10.14 59.12
CA UNK B 407 -10.35 9.12 58.11
C UNK B 407 -9.11 8.33 58.48
N UNK B 408 -8.21 8.19 57.51
CA UNK B 408 -6.92 7.58 57.79
C UNK B 408 -6.32 8.16 59.05
N UNK B 409 -6.44 9.46 59.22
CA UNK B 409 -6.14 10.08 60.50
C UNK B 409 -6.95 9.43 61.61
N UNK B 410 -8.28 9.59 61.57
CA UNK B 410 -9.13 9.06 62.63
C UNK B 410 -8.76 7.62 62.94
N UNK B 411 -8.46 6.85 61.89
CA UNK B 411 -7.96 5.50 62.09
C UNK B 411 -6.70 5.49 62.96
N UNK B 412 -5.67 6.22 62.52
CA UNK B 412 -4.41 6.23 63.27
C UNK B 412 -4.66 6.55 64.73
N UNK B 413 -5.61 7.44 65.00
CA UNK B 413 -5.98 7.72 66.38
C UNK B 413 -6.52 6.47 67.07
N UNK B 414 -7.49 5.81 66.44
CA UNK B 414 -8.05 4.61 67.03
C UNK B 414 -6.96 3.64 67.44
N UNK B 415 -5.99 3.40 66.55
CA UNK B 415 -4.90 2.49 66.88
C UNK B 415 -4.27 2.85 68.21
N UNK B 416 -3.98 4.12 68.39
CA UNK B 416 -3.44 4.57 69.67
C UNK B 416 -4.37 4.20 70.81
N UNK B 417 -5.63 4.66 70.73
CA UNK B 417 -6.58 4.36 71.79
C UNK B 417 -6.51 2.90 72.14
N UNK B 418 -6.37 2.05 71.12
CA UNK B 418 -6.18 0.64 71.34
C UNK B 418 -4.99 0.38 72.22
N UNK B 419 -3.78 0.56 71.69
CA UNK B 419 -2.59 0.13 72.43
C UNK B 419 -2.63 0.65 73.87
N UNK B 420 -2.99 1.91 74.03
CA UNK B 420 -3.20 2.45 75.37
C UNK B 420 -4.08 1.54 76.17
N UNK B 421 -5.23 1.20 75.61
CA UNK B 421 -6.11 0.27 76.27
C UNK B 421 -5.38 -1.04 76.58
N UNK B 422 -4.64 -1.58 75.63
CA UNK B 422 -3.97 -2.86 75.84
C UNK B 422 -3.18 -2.83 77.13
N UNK B 423 -2.30 -1.84 77.27
CA UNK B 423 -1.59 -1.68 78.53
C UNK B 423 -2.54 -1.64 79.70
N UNK B 424 -3.53 -0.74 79.63
CA UNK B 424 -4.46 -0.59 80.73
C UNK B 424 -5.02 -1.93 81.17
N UNK B 425 -5.50 -2.72 80.22
CA UNK B 425 -6.08 -4.01 80.54
C UNK B 425 -5.08 -4.91 81.22
N UNK B 426 -3.83 -4.90 80.75
CA UNK B 426 -2.81 -5.64 81.48
C UNK B 426 -2.84 -5.28 82.94
N UNK B 427 -2.75 -3.98 83.24
CA UNK B 427 -2.89 -3.54 84.63
C UNK B 427 -4.12 -4.16 85.27
N UNK B 428 -5.24 -4.16 84.56
CA UNK B 428 -6.47 -4.68 85.11
C UNK B 428 -6.29 -6.11 85.56
N UNK B 429 -6.00 -6.95 84.56
CA UNK B 429 -5.81 -8.38 84.69
C UNK B 429 -4.77 -8.62 85.75
N UNK B 430 -3.79 -7.74 85.89
CA UNK B 430 -2.84 -7.89 87.00
C UNK B 430 -3.73 -7.71 88.25
N UNK B 431 -4.64 -6.73 88.12
CA UNK B 431 -5.66 -6.40 89.10
C UNK B 431 -6.56 -7.62 89.25
N UNK B 432 -6.80 -8.31 88.14
CA UNK B 432 -7.64 -9.51 88.12
C UNK B 432 -7.02 -10.63 88.98
N UNK B 433 -5.70 -10.74 88.90
CA UNK B 433 -4.90 -11.69 89.66
C UNK B 433 -5.00 -11.31 91.12
N UNK B 434 -4.99 -10.01 91.37
CA UNK B 434 -5.13 -9.50 92.74
C UNK B 434 -6.51 -9.92 93.27
N UNK B 435 -7.50 -9.85 92.39
CA UNK B 435 -8.89 -10.22 92.66
C UNK B 435 -9.00 -11.73 92.95
N UNK B 436 -8.20 -12.51 92.23
CA UNK B 436 -8.11 -13.95 92.42
C UNK B 436 -7.53 -14.23 93.80
N UNK B 437 -6.52 -13.44 94.17
CA UNK B 437 -5.87 -13.56 95.46
C UNK B 437 -6.97 -13.30 96.47
N UNK B 438 -7.80 -12.32 96.14
CA UNK B 438 -8.95 -11.97 96.96
C UNK B 438 -9.78 -13.25 96.92
N UNK B 439 -9.88 -13.86 95.74
CA UNK B 439 -10.58 -15.14 95.65
C UNK B 439 -10.22 -16.03 96.84
N UNK B 440 -7.59 -14.10 9.61
CA UNK B 440 -8.15 -14.90 8.52
C UNK B 440 -8.60 -14.01 7.37
N UNK B 441 -8.04 -12.80 7.30
CA UNK B 441 -8.43 -11.80 6.31
C UNK B 441 -7.76 -12.10 4.98
N UNK B 442 -8.55 -12.21 3.93
CA UNK B 442 -8.00 -12.53 2.61
C UNK B 442 -8.49 -11.53 1.58
N UNK B 443 -7.57 -10.70 1.08
CA UNK B 443 -7.88 -9.73 0.03
C UNK B 443 -7.44 -10.30 -1.31
N UNK B 444 -8.40 -10.63 -2.15
CA UNK B 444 -8.13 -11.20 -3.46
C UNK B 444 -8.28 -10.10 -4.49
N UNK B 445 -7.16 -9.66 -5.04
CA UNK B 445 -7.17 -8.54 -5.98
C UNK B 445 -7.34 -9.10 -7.38
N UNK B 446 -8.51 -8.85 -7.96
CA UNK B 446 -8.82 -9.37 -9.27
C UNK B 446 -8.05 -8.58 -10.31
N UNK B 447 -7.24 -9.27 -11.10
CA UNK B 447 -6.44 -8.64 -12.13
C UNK B 447 -7.05 -8.91 -13.49
N UNK B 448 -6.32 -8.47 -14.52
CA UNK B 448 -6.77 -8.48 -15.90
C UNK B 448 -7.86 -7.44 -16.07
N UNK B 449 -12.76 -0.26 -23.02
CA UNK B 449 -11.48 -0.01 -23.66
C UNK B 449 -10.75 -1.31 -23.95
N UNK B 450 -11.08 -1.95 -25.06
CA UNK B 450 -10.33 -3.11 -25.53
C UNK B 450 -9.60 -2.66 -26.79
N UNK B 451 -8.78 -3.54 -27.36
CA UNK B 451 -7.84 -3.17 -28.41
C UNK B 451 -8.37 -3.62 -29.76
N UNK B 452 -8.13 -2.81 -30.78
CA UNK B 452 -8.61 -3.07 -32.13
C UNK B 452 -7.40 -3.32 -33.02
N UNK B 453 -7.64 -3.96 -34.16
CA UNK B 453 -6.59 -4.54 -34.97
C UNK B 453 -6.90 -4.41 -36.45
N GLY C 17 -7.59 31.97 -57.79
CA GLY C 17 -8.59 32.18 -56.78
C GLY C 17 -8.16 33.11 -55.67
N PRO C 18 -9.05 33.33 -54.69
CA PRO C 18 -8.73 34.27 -53.61
C PRO C 18 -7.52 33.81 -52.82
N GLU C 19 -6.77 34.77 -52.30
CA GLU C 19 -5.55 34.47 -51.58
C GLU C 19 -5.46 35.36 -50.36
N VAL C 20 -5.02 34.77 -49.26
CA VAL C 20 -5.12 35.38 -47.94
C VAL C 20 -3.75 35.37 -47.29
N THR C 21 -3.50 36.35 -46.43
CA THR C 21 -2.29 36.41 -45.64
C THR C 21 -2.60 36.07 -44.20
N LEU C 22 -1.64 35.45 -43.53
CA LEU C 22 -1.78 35.05 -42.15
C LEU C 22 -0.55 35.48 -41.37
N ILE C 23 -0.69 35.59 -40.05
CA ILE C 23 0.39 36.05 -39.19
C ILE C 23 0.50 35.15 -37.98
N THR C 24 1.73 34.77 -37.63
CA THR C 24 1.98 34.03 -36.40
C THR C 24 3.25 34.54 -35.73
N ALA C 25 3.43 34.14 -34.48
CA ALA C 25 4.72 34.36 -33.84
C ALA C 25 5.71 33.28 -34.22
N ASN C 26 5.24 32.05 -34.39
CA ASN C 26 6.10 30.94 -34.74
C ASN C 26 5.37 30.03 -35.70
N ALA C 27 6.07 29.58 -36.73
CA ALA C 27 5.42 28.94 -37.86
C ALA C 27 5.42 27.42 -37.77
N GLU C 28 6.00 26.85 -36.72
CA GLU C 28 5.94 25.40 -36.52
C GLU C 28 6.34 24.64 -37.76
N GLY C 29 5.64 23.55 -38.06
CA GLY C 29 6.04 22.69 -39.13
C GLY C 29 5.43 23.03 -40.47
N ILE C 30 4.97 24.25 -40.64
CA ILE C 30 4.30 24.61 -41.89
C ILE C 30 5.35 24.77 -42.97
N GLU C 31 5.23 23.99 -44.03
CA GLU C 31 6.17 24.00 -45.13
C GLU C 31 5.49 24.53 -46.38
N GLY C 32 6.18 25.42 -47.09
CA GLY C 32 5.63 26.05 -48.27
C GLY C 32 5.16 25.08 -49.32
N GLY C 33 3.90 25.21 -49.71
CA GLY C 33 3.33 24.44 -50.79
C GLY C 33 2.88 23.05 -50.45
N LYS C 34 3.38 22.46 -49.35
CA LYS C 34 2.93 21.13 -48.97
C LYS C 34 1.82 21.11 -47.94
N THR C 35 1.51 22.22 -47.28
CA THR C 35 0.52 22.24 -46.22
C THR C 35 -0.76 22.82 -46.77
N THR C 36 -1.85 22.09 -46.65
CA THR C 36 -3.06 22.38 -47.39
C THR C 36 -4.14 22.86 -46.44
N ILE C 37 -4.48 24.14 -46.52
CA ILE C 37 -5.58 24.66 -45.71
C ILE C 37 -6.83 23.89 -46.04
N LYS C 38 -7.51 23.39 -45.03
CA LYS C 38 -8.75 22.67 -45.27
C LYS C 38 -9.69 22.79 -44.08
N SER C 39 -10.97 22.90 -44.36
CA SER C 39 -12.01 22.94 -43.33
C SER C 39 -12.78 21.65 -43.39
N ARG C 40 -13.08 21.09 -42.22
CA ARG C 40 -13.75 19.80 -42.16
C ARG C 40 -13.03 18.78 -43.03
N SER C 41 -11.71 18.84 -42.99
CA SER C 41 -10.87 17.87 -43.68
C SER C 41 -11.24 17.77 -45.15
N VAL C 42 -11.47 18.92 -45.77
CA VAL C 42 -11.71 19.00 -47.21
C VAL C 42 -10.86 20.13 -47.74
N ASP C 43 -10.05 19.85 -48.75
CA ASP C 43 -8.99 20.79 -49.09
C ASP C 43 -9.58 22.03 -49.75
N VAL C 44 -9.39 23.18 -49.10
CA VAL C 44 -9.83 24.44 -49.65
C VAL C 44 -8.70 25.25 -50.27
N GLY C 45 -7.47 24.78 -50.17
CA GLY C 45 -6.37 25.56 -50.71
C GLY C 45 -5.07 25.20 -50.03
N VAL C 46 -4.01 25.85 -50.50
CA VAL C 46 -2.65 25.51 -50.14
C VAL C 46 -1.92 26.74 -49.65
N VAL C 47 -1.17 26.59 -48.56
CA VAL C 47 -0.24 27.62 -48.15
C VAL C 47 0.81 27.80 -49.23
N GLU C 48 0.94 29.02 -49.75
CA GLU C 48 1.95 29.20 -50.76
C GLU C 48 3.35 29.27 -50.15
N SER C 49 3.56 30.17 -49.20
CA SER C 49 4.93 30.38 -48.74
C SER C 49 4.93 31.05 -47.37
N ALA C 50 6.07 30.94 -46.69
CA ALA C 50 6.26 31.57 -45.39
C ALA C 50 7.45 32.51 -45.46
N THR C 51 7.30 33.69 -44.87
CA THR C 51 8.36 34.69 -44.94
C THR C 51 8.41 35.46 -43.63
N LEU C 52 9.63 35.69 -43.14
CA LEU C 52 9.78 36.50 -41.93
C LEU C 52 9.28 37.91 -42.15
N ALA C 53 8.78 38.52 -41.10
CA ALA C 53 8.45 39.93 -41.21
C ALA C 53 9.72 40.74 -41.15
N ASP C 54 9.65 41.95 -41.70
CA ASP C 54 10.80 42.85 -41.69
C ASP C 54 11.17 43.26 -40.28
N ASP C 55 10.28 43.04 -39.33
CA ASP C 55 10.57 43.28 -37.92
C ASP C 55 11.12 42.06 -37.21
N LEU C 56 11.13 40.90 -37.89
CA LEU C 56 11.67 39.67 -37.32
C LEU C 56 10.83 39.21 -36.14
N THR C 57 9.87 40.02 -35.73
CA THR C 57 9.09 39.67 -34.56
C THR C 57 8.00 38.68 -34.88
N HIS C 58 7.45 38.69 -36.09
CA HIS C 58 6.40 37.75 -36.45
C HIS C 58 6.65 37.24 -37.85
N VAL C 59 5.88 36.23 -38.24
CA VAL C 59 6.06 35.56 -39.51
C VAL C 59 4.77 35.67 -40.30
N GLU C 60 4.91 35.94 -41.60
CA GLU C 60 3.79 36.03 -42.53
C GLU C 60 3.69 34.75 -43.32
N ILE C 61 2.46 34.37 -43.64
CA ILE C 61 2.18 33.16 -44.40
C ILE C 61 1.22 33.53 -45.52
N LYS C 62 1.67 33.39 -46.75
CA LYS C 62 0.84 33.67 -47.91
C LYS C 62 0.19 32.37 -48.37
N ALA C 63 -1.14 32.36 -48.42
CA ALA C 63 -1.90 31.16 -48.74
C ALA C 63 -2.88 31.45 -49.87
N ARG C 64 -3.16 30.42 -50.66
CA ARG C 64 -4.06 30.55 -51.80
C ARG C 64 -5.21 29.57 -51.64
N LEU C 65 -6.42 30.09 -51.43
CA LEU C 65 -7.60 29.27 -51.40
C LEU C 65 -8.01 28.83 -52.80
N ASN C 66 -8.86 27.82 -52.85
CA ASN C 66 -9.37 27.32 -54.12
C ASN C 66 -10.21 28.37 -54.81
N SER C 67 -10.40 28.15 -56.11
CA SER C 67 -10.96 29.18 -56.99
C SER C 67 -12.35 29.65 -56.52
N GLY C 68 -13.30 28.74 -56.44
CA GLY C 68 -14.66 29.17 -56.19
C GLY C 68 -15.00 29.52 -54.77
N MET C 69 -14.04 29.40 -53.85
CA MET C 69 -14.34 29.44 -52.43
C MET C 69 -14.20 30.80 -51.79
N GLU C 70 -14.04 31.86 -52.59
CA GLU C 70 -13.89 33.20 -52.01
C GLU C 70 -15.01 33.54 -51.05
N LYS C 71 -16.13 32.81 -51.10
CA LYS C 71 -17.23 33.06 -50.18
C LYS C 71 -16.84 32.83 -48.72
N LEU C 72 -15.65 32.30 -48.45
CA LEU C 72 -15.40 31.71 -47.15
C LEU C 72 -14.73 32.65 -46.16
N LEU C 73 -14.27 33.83 -46.59
CA LEU C 73 -13.51 34.75 -45.74
C LEU C 73 -14.24 35.23 -44.49
N HIS C 74 -15.29 36.03 -44.66
CA HIS C 74 -16.28 36.30 -43.61
C HIS C 74 -15.83 37.06 -42.37
N LYS C 75 -14.53 37.32 -42.20
CA LYS C 75 -14.04 38.19 -41.13
C LYS C 75 -14.22 37.63 -39.74
N ASP C 76 -15.07 36.62 -39.58
CA ASP C 76 -15.17 35.90 -38.33
C ASP C 76 -14.39 34.59 -38.36
N THR C 77 -13.82 34.23 -39.50
CA THR C 77 -13.15 32.94 -39.62
C THR C 77 -11.95 32.87 -38.71
N VAL C 78 -11.62 31.65 -38.30
CA VAL C 78 -10.52 31.42 -37.38
C VAL C 78 -9.66 30.33 -37.95
N PHE C 79 -8.38 30.62 -38.13
CA PHE C 79 -7.42 29.62 -38.58
C PHE C 79 -6.67 29.05 -37.39
N TRP C 80 -6.47 27.74 -37.39
CA TRP C 80 -5.57 27.19 -36.38
C TRP C 80 -4.80 26.03 -36.97
N VAL C 81 -3.58 25.86 -36.50
CA VAL C 81 -2.72 24.78 -36.97
C VAL C 81 -3.10 23.49 -36.26
N VAL C 82 -3.23 22.42 -37.01
CA VAL C 82 -3.34 21.09 -36.44
C VAL C 82 -1.94 20.53 -36.31
N LYS C 83 -1.50 20.27 -35.09
CA LYS C 83 -0.09 20.08 -34.85
C LYS C 83 0.15 18.73 -34.17
N PRO C 84 1.34 18.18 -34.25
CA PRO C 84 1.66 16.98 -33.47
C PRO C 84 2.11 17.29 -32.05
N GLN C 85 1.32 18.11 -31.35
CA GLN C 85 1.70 18.52 -30.01
C GLN C 85 1.46 17.41 -29.02
N ILE C 86 2.33 17.32 -28.02
CA ILE C 86 2.17 16.38 -26.93
C ILE C 86 2.85 17.00 -25.71
N GLY C 87 2.32 16.69 -24.53
CA GLY C 87 2.86 17.28 -23.32
C GLY C 87 1.80 17.32 -22.24
N ARG C 88 1.96 18.29 -21.34
CA ARG C 88 0.99 18.46 -20.26
C ARG C 88 -0.38 18.86 -20.78
N GLU C 89 -0.47 19.94 -21.55
CA GLU C 89 -1.75 20.52 -21.89
C GLU C 89 -2.63 19.63 -22.76
N GLY C 90 -2.11 18.53 -23.26
CA GLY C 90 -2.91 17.59 -24.04
C GLY C 90 -2.04 16.80 -24.98
N ILE C 91 -2.70 15.95 -25.78
CA ILE C 91 -2.03 15.15 -26.79
C ILE C 91 -2.78 15.32 -28.10
N SER C 92 -2.10 15.77 -29.14
CA SER C 92 -2.74 16.09 -30.41
C SER C 92 -1.83 15.75 -31.57
N GLY C 93 -2.39 15.10 -32.60
CA GLY C 93 -1.56 14.69 -33.71
C GLY C 93 -2.19 13.53 -34.48
N LEU C 94 -1.32 12.75 -35.12
CA LEU C 94 -1.59 11.58 -35.96
C LEU C 94 -2.11 11.91 -37.36
N GLY C 95 -2.62 13.10 -37.58
CA GLY C 95 -2.87 13.51 -38.95
C GLY C 95 -1.59 14.15 -39.42
N THR C 96 -0.83 14.57 -38.41
CA THR C 96 0.41 15.27 -38.63
C THR C 96 1.55 14.31 -38.95
N LEU C 97 1.64 13.19 -38.24
CA LEU C 97 2.68 12.21 -38.51
C LEU C 97 2.52 11.53 -39.85
N LEU C 98 1.42 11.77 -40.54
CA LEU C 98 1.21 11.21 -41.87
C LEU C 98 0.96 12.28 -42.91
N SER C 99 -0.10 13.06 -42.78
CA SER C 99 -0.43 14.08 -43.76
C SER C 99 0.31 15.40 -43.54
N GLY C 100 1.10 15.52 -42.48
CA GLY C 100 1.96 16.68 -42.34
C GLY C 100 1.33 18.03 -42.07
N VAL C 101 0.60 18.16 -40.96
CA VAL C 101 0.30 19.46 -40.36
C VAL C 101 -0.50 20.33 -41.31
N TYR C 102 -1.77 20.02 -41.49
CA TYR C 102 -2.63 20.90 -42.26
C TYR C 102 -3.14 22.03 -41.39
N ILE C 103 -3.49 23.14 -42.02
CA ILE C 103 -4.12 24.27 -41.34
C ILE C 103 -5.63 24.15 -41.49
N GLU C 104 -6.36 24.32 -40.39
CA GLU C 104 -7.80 24.32 -40.46
C GLU C 104 -8.36 25.72 -40.44
N LEU C 105 -9.49 25.87 -41.15
CA LEU C 105 -10.15 27.14 -41.36
C LEU C 105 -11.60 27.01 -40.93
N GLN C 106 -11.97 27.70 -39.86
CA GLN C 106 -13.34 27.68 -39.43
C GLN C 106 -14.08 28.87 -40.01
N PRO C 107 -15.09 28.65 -40.83
CA PRO C 107 -15.84 29.75 -41.43
C PRO C 107 -16.74 30.43 -40.43
N GLY C 108 -17.25 31.58 -40.84
CA GLY C 108 -18.19 32.32 -40.02
C GLY C 108 -19.20 33.01 -40.90
N ALA C 109 -20.26 33.51 -40.26
CA ALA C 109 -21.32 34.23 -40.97
C ALA C 109 -21.22 35.74 -40.83
N LYS C 110 -20.25 36.26 -40.09
CA LYS C 110 -20.37 37.62 -39.60
C LYS C 110 -19.99 38.69 -40.63
N GLY C 111 -18.70 38.86 -40.88
CA GLY C 111 -18.20 40.06 -41.52
C GLY C 111 -17.75 39.85 -42.95
N SER C 112 -16.93 40.78 -43.42
CA SER C 112 -16.46 40.85 -44.80
C SER C 112 -15.14 40.10 -44.92
N LYS C 113 -14.40 40.32 -46.01
CA LYS C 113 -13.07 39.73 -46.14
C LYS C 113 -12.20 40.06 -44.93
N MET C 114 -12.07 41.35 -44.62
CA MET C 114 -11.31 41.82 -43.45
C MET C 114 -9.93 41.19 -43.39
N ASP C 115 -9.19 41.32 -44.49
CA ASP C 115 -8.02 40.48 -44.71
C ASP C 115 -6.88 40.89 -43.79
N LYS C 116 -5.75 40.18 -43.95
CA LYS C 116 -4.66 40.15 -42.98
C LYS C 116 -5.13 39.60 -41.63
N TYR C 117 -5.44 38.30 -41.67
CA TYR C 117 -5.90 37.57 -40.49
C TYR C 117 -4.74 37.26 -39.57
N ASP C 118 -5.00 36.43 -38.56
CA ASP C 118 -3.95 35.89 -37.72
C ASP C 118 -4.22 34.42 -37.48
N LEU C 119 -3.15 33.65 -37.37
CA LEU C 119 -3.24 32.21 -37.24
C LEU C 119 -3.01 31.81 -35.79
N LEU C 120 -3.79 30.85 -35.32
CA LEU C 120 -3.75 30.43 -33.93
C LEU C 120 -3.19 29.03 -33.83
N ASP C 121 -2.32 28.84 -32.87
CA ASP C 121 -1.95 27.51 -32.44
C ASP C 121 -3.03 27.03 -31.47
N SER C 122 -3.30 25.74 -31.51
CA SER C 122 -4.34 25.07 -30.74
C SER C 122 -5.72 25.46 -31.26
N PRO C 123 -6.68 24.55 -31.18
CA PRO C 123 -8.00 24.78 -31.75
C PRO C 123 -8.94 25.45 -30.75
N PRO C 124 -9.02 26.77 -30.73
CA PRO C 124 -9.90 27.45 -29.76
C PRO C 124 -11.29 26.84 -29.77
N LEU C 125 -11.80 26.55 -28.57
CA LEU C 125 -13.10 25.93 -28.38
C LEU C 125 -14.23 26.91 -28.09
N ALA C 126 -13.94 28.18 -27.86
CA ALA C 126 -14.98 29.17 -27.57
C ALA C 126 -14.65 30.52 -28.19
N PRO C 127 -15.66 31.27 -28.69
CA PRO C 127 -17.08 31.04 -29.00
C PRO C 127 -17.44 30.66 -30.45
N PRO C 128 -17.30 29.40 -30.86
CA PRO C 128 -17.80 29.04 -32.19
C PRO C 128 -19.30 29.24 -32.34
N ASP C 129 -20.07 28.73 -31.37
CA ASP C 129 -21.52 28.90 -31.37
C ASP C 129 -22.02 29.99 -30.44
N ALA C 130 -21.14 30.59 -29.63
CA ALA C 130 -21.49 31.71 -28.77
C ALA C 130 -22.54 31.36 -27.71
N LYS C 131 -23.11 30.16 -27.76
CA LYS C 131 -24.11 29.74 -26.81
C LYS C 131 -23.47 29.26 -25.52
N GLY C 132 -24.22 29.33 -24.43
CA GLY C 132 -23.77 28.86 -23.13
C GLY C 132 -23.45 30.00 -22.18
N ILE C 133 -22.93 29.63 -21.01
CA ILE C 133 -22.63 30.57 -19.95
C ILE C 133 -21.13 30.60 -19.73
N ARG C 134 -20.63 31.71 -19.18
CA ARG C 134 -19.23 31.84 -18.83
C ARG C 134 -19.14 32.30 -17.40
N VAL C 135 -18.34 31.60 -16.61
CA VAL C 135 -18.26 31.85 -15.18
C VAL C 135 -16.82 32.19 -14.86
N ILE C 136 -16.61 32.83 -13.72
CA ILE C 136 -15.27 33.22 -13.28
C ILE C 136 -15.00 32.57 -11.94
N LEU C 137 -13.74 32.25 -11.67
CA LEU C 137 -13.36 31.62 -10.43
C LEU C 137 -12.15 32.30 -9.82
N ASP C 138 -11.93 32.01 -8.54
CA ASP C 138 -10.72 32.37 -7.83
C ASP C 138 -10.23 31.14 -7.08
N SER C 139 -8.98 31.17 -6.63
CA SER C 139 -8.51 30.06 -5.81
C SER C 139 -7.28 30.49 -5.02
N LYS C 140 -6.95 29.70 -4.01
CA LYS C 140 -5.70 29.93 -3.30
C LYS C 140 -4.52 29.32 -4.03
N LYS C 141 -4.67 28.13 -4.60
CA LYS C 141 -3.56 27.41 -5.21
C LYS C 141 -3.84 27.14 -6.68
N ALA C 142 -2.78 27.18 -7.48
CA ALA C 142 -2.90 26.91 -8.91
C ALA C 142 -3.35 25.48 -9.15
N GLY C 143 -2.54 24.52 -8.72
CA GLY C 143 -3.02 23.17 -8.55
C GLY C 143 -3.69 22.54 -9.75
N GLN C 144 -4.95 22.19 -9.54
CA GLN C 144 -5.71 21.26 -10.35
C GLN C 144 -6.33 21.89 -11.58
N LEU C 145 -6.04 23.15 -11.88
CA LEU C 145 -6.79 23.82 -12.92
C LEU C 145 -5.83 24.24 -14.03
N SER C 146 -6.00 23.65 -15.22
CA SER C 146 -5.26 24.08 -16.40
C SER C 146 -6.18 23.98 -17.60
N PRO C 147 -6.09 24.91 -18.54
CA PRO C 147 -7.11 25.00 -19.59
C PRO C 147 -7.23 23.71 -20.37
N GLY C 148 -8.44 23.41 -20.81
CA GLY C 148 -8.77 22.14 -21.38
C GLY C 148 -9.34 21.13 -20.40
N ASP C 149 -9.07 21.29 -19.12
CA ASP C 149 -9.60 20.36 -18.13
C ASP C 149 -11.11 20.50 -18.04
N PRO C 150 -11.86 19.42 -18.06
CA PRO C 150 -13.31 19.52 -18.18
C PRO C 150 -13.99 19.89 -16.88
N VAL C 151 -15.16 20.50 -17.02
CA VAL C 151 -16.02 20.87 -15.90
C VAL C 151 -17.14 19.86 -15.80
N LEU C 152 -17.20 19.16 -14.68
CA LEU C 152 -18.11 18.05 -14.49
C LEU C 152 -19.27 18.44 -13.60
N PHE C 153 -20.45 17.92 -13.90
CA PHE C 153 -21.59 17.99 -13.02
C PHE C 153 -22.00 16.58 -12.68
N ARG C 154 -21.85 16.20 -11.42
CA ARG C 154 -22.08 14.83 -11.02
C ARG C 154 -21.40 13.86 -11.99
N GLY C 155 -20.17 14.19 -12.35
CA GLY C 155 -19.38 13.35 -13.22
C GLY C 155 -19.62 13.53 -14.69
N TYR C 156 -20.73 14.12 -15.09
CA TYR C 156 -21.07 14.25 -16.51
C TYR C 156 -20.58 15.59 -17.03
N ARG C 157 -19.86 15.56 -18.15
CA ARG C 157 -19.09 16.74 -18.54
C ARG C 157 -20.00 17.77 -19.19
N VAL C 158 -20.16 18.93 -18.54
CA VAL C 158 -21.01 19.97 -19.08
C VAL C 158 -20.23 21.09 -19.74
N GLY C 159 -18.91 21.07 -19.68
CA GLY C 159 -18.18 22.19 -20.23
C GLY C 159 -16.74 22.14 -19.78
N SER C 160 -15.98 23.11 -20.27
CA SER C 160 -14.54 23.04 -20.13
C SER C 160 -14.00 24.39 -19.70
N VAL C 161 -12.74 24.38 -19.29
CA VAL C 161 -12.10 25.59 -18.77
C VAL C 161 -11.64 26.46 -19.94
N GLU C 162 -12.16 27.68 -20.02
CA GLU C 162 -11.77 28.53 -21.12
C GLU C 162 -10.36 29.07 -20.92
N THR C 163 -10.10 29.74 -19.81
CA THR C 163 -8.77 30.32 -19.62
C THR C 163 -8.39 30.32 -18.15
N SER C 164 -7.09 30.47 -17.89
CA SER C 164 -6.57 30.61 -16.54
C SER C 164 -5.68 31.85 -16.50
N THR C 165 -6.12 32.86 -15.75
CA THR C 165 -5.38 34.10 -15.61
C THR C 165 -4.81 34.21 -14.22
N PHE C 166 -3.54 34.59 -14.14
CA PHE C 166 -2.93 34.88 -12.85
C PHE C 166 -3.04 36.37 -12.59
N ASP C 167 -3.21 36.72 -11.32
CA ASP C 167 -3.19 38.12 -10.92
C ASP C 167 -1.99 38.34 -10.03
N THR C 168 -1.05 39.17 -10.48
CA THR C 168 0.13 39.42 -9.69
C THR C 168 -0.22 40.04 -8.35
N GLN C 169 -0.89 41.19 -8.38
CA GLN C 169 -1.15 41.93 -7.14
C GLN C 169 -2.02 41.12 -6.19
N LYS C 170 -3.20 40.71 -6.65
CA LYS C 170 -4.14 40.06 -5.74
C LYS C 170 -3.64 38.71 -5.26
N ARG C 171 -2.65 38.13 -5.93
CA ARG C 171 -2.13 36.82 -5.58
C ARG C 171 -3.17 35.72 -5.66
N ASN C 172 -4.23 35.93 -6.44
CA ASN C 172 -5.25 34.93 -6.67
C ASN C 172 -5.41 34.67 -8.16
N ILE C 173 -5.71 33.42 -8.47
CA ILE C 173 -5.74 32.94 -9.84
C ILE C 173 -7.18 32.89 -10.30
N SER C 174 -7.58 33.80 -11.18
CA SER C 174 -8.95 33.83 -11.64
C SER C 174 -9.07 33.02 -12.91
N TYR C 175 -10.13 32.23 -13.00
CA TYR C 175 -10.35 31.38 -14.15
C TYR C 175 -11.62 31.79 -14.87
N GLN C 176 -11.72 31.40 -16.13
CA GLN C 176 -12.93 31.59 -16.90
C GLN C 176 -13.37 30.25 -17.45
N LEU C 177 -14.54 29.80 -17.01
CA LEU C 177 -15.14 28.54 -17.40
C LEU C 177 -16.23 28.78 -18.42
N PHE C 178 -16.44 27.79 -19.27
CA PHE C 178 -17.46 27.87 -20.29
C PHE C 178 -18.37 26.66 -20.19
N ILE C 179 -19.63 26.90 -19.87
CA ILE C 179 -20.64 25.86 -19.74
C ILE C 179 -21.47 25.83 -21.02
N ASN C 180 -21.66 24.64 -21.57
CA ASN C 180 -22.36 24.48 -22.84
C ASN C 180 -23.84 24.83 -22.71
N ALA C 181 -24.46 25.04 -23.86
CA ALA C 181 -25.77 25.69 -23.93
C ALA C 181 -26.88 24.95 -23.20
N PRO C 182 -27.19 23.68 -23.54
CA PRO C 182 -28.33 23.04 -22.87
C PRO C 182 -28.13 22.85 -21.39
N TYR C 183 -26.89 22.88 -20.92
CA TYR C 183 -26.62 22.73 -19.50
C TYR C 183 -26.44 24.08 -18.81
N ASP C 184 -26.58 25.18 -19.54
CA ASP C 184 -26.48 26.49 -18.93
C ASP C 184 -27.46 26.64 -17.78
N ARG C 185 -28.66 26.06 -17.92
CA ARG C 185 -29.71 26.21 -16.93
C ARG C 185 -29.34 25.60 -15.59
N LEU C 186 -28.21 24.90 -15.49
CA LEU C 186 -27.89 24.20 -14.25
C LEU C 186 -27.20 25.08 -13.23
N VAL C 187 -26.67 26.24 -13.60
CA VAL C 187 -25.85 27.00 -12.67
C VAL C 187 -26.77 27.97 -11.94
N THR C 188 -27.13 27.63 -10.72
CA THR C 188 -27.90 28.47 -9.83
C THR C 188 -26.99 29.36 -9.01
N ASN C 189 -27.59 30.39 -8.41
CA ASN C 189 -26.90 31.15 -7.38
C ASN C 189 -26.23 30.24 -6.38
N ASN C 190 -26.88 29.15 -6.01
CA ASN C 190 -26.40 28.35 -4.90
C ASN C 190 -25.40 27.30 -5.31
N VAL C 191 -25.27 27.01 -6.60
CA VAL C 191 -24.28 26.03 -7.03
C VAL C 191 -22.90 26.47 -6.61
N ARG C 192 -22.09 25.50 -6.18
CA ARG C 192 -20.72 25.80 -5.82
C ARG C 192 -19.77 24.76 -6.39
N PHE C 193 -18.59 25.24 -6.77
CA PHE C 193 -17.56 24.47 -7.44
C PHE C 193 -16.60 23.91 -6.41
N TRP C 194 -16.11 22.71 -6.65
CA TRP C 194 -14.93 22.28 -5.95
C TRP C 194 -13.91 21.75 -6.93
N LYS C 195 -12.65 21.94 -6.55
CA LYS C 195 -11.48 21.70 -7.38
C LYS C 195 -11.01 20.27 -7.23
N ASP C 196 -10.74 19.60 -8.33
CA ASP C 196 -10.35 18.20 -8.26
C ASP C 196 -9.12 17.94 -9.09
N SER C 197 -8.15 17.25 -8.50
CA SER C 197 -7.15 16.51 -9.23
C SER C 197 -6.69 15.36 -8.35
N GLY C 198 -6.45 14.22 -8.97
CA GLY C 198 -5.85 13.10 -8.28
C GLY C 198 -6.81 12.43 -7.31
N ILE C 199 -6.39 11.29 -6.83
CA ILE C 199 -7.18 10.50 -5.92
C ILE C 199 -7.14 11.15 -4.54
N ALA C 200 -8.30 11.28 -3.91
CA ALA C 200 -8.38 11.71 -2.52
C ALA C 200 -8.96 10.56 -1.71
N VAL C 201 -8.14 9.91 -0.90
CA VAL C 201 -8.60 8.84 -0.03
C VAL C 201 -9.08 9.45 1.26
N ASP C 202 -10.31 9.16 1.63
CA ASP C 202 -10.91 9.71 2.85
C ASP C 202 -11.31 8.58 3.78
N LEU C 203 -10.72 8.55 4.96
CA LEU C 203 -11.11 7.65 6.04
C LEU C 203 -11.92 8.50 7.00
N THR C 204 -13.24 8.31 7.03
CA THR C 204 -14.11 9.17 7.81
C THR C 204 -15.01 8.32 8.68
N SER C 205 -15.85 8.99 9.48
CA SER C 205 -16.75 8.28 10.37
C SER C 205 -17.81 7.50 9.62
N ALA C 206 -18.08 7.85 8.37
CA ALA C 206 -18.94 6.99 7.56
C ALA C 206 -18.21 5.72 7.15
N GLY C 207 -17.08 5.87 6.49
CA GLY C 207 -16.34 4.76 5.96
C GLY C 207 -15.50 5.24 4.80
N MET C 208 -14.62 4.36 4.32
CA MET C 208 -13.62 4.79 3.36
C MET C 208 -14.30 5.35 2.12
N ARG C 209 -13.59 6.23 1.44
CA ARG C 209 -14.12 6.86 0.25
C ARG C 209 -12.95 7.30 -0.61
N VAL C 210 -13.24 7.57 -1.87
CA VAL C 210 -12.23 8.06 -2.81
C VAL C 210 -12.86 9.18 -3.63
N GLU C 211 -12.05 10.17 -3.99
CA GLU C 211 -12.52 11.33 -4.75
C GLU C 211 -11.65 11.50 -5.98
N MET C 212 -12.26 11.42 -7.15
CA MET C 212 -11.54 11.49 -8.41
C MET C 212 -12.53 11.92 -9.49
N GLY C 213 -11.99 12.36 -10.63
CA GLY C 213 -12.82 12.58 -11.80
C GLY C 213 -12.60 11.50 -12.84
N SER C 214 -12.05 10.37 -12.40
CA SER C 214 -11.73 9.21 -13.24
C SER C 214 -10.69 9.53 -14.29
N LEU C 215 -11.03 9.28 -15.55
CA LEU C 215 -10.07 9.33 -16.64
C LEU C 215 -9.30 10.65 -16.67
N THR C 216 -9.98 11.73 -17.05
CA THR C 216 -9.26 12.96 -17.38
C THR C 216 -8.77 13.65 -16.12
N THR C 217 -9.64 13.78 -15.12
CA THR C 217 -9.32 14.64 -13.99
C THR C 217 -8.14 14.10 -13.18
N LEU C 218 -7.96 12.78 -13.14
CA LEU C 218 -6.73 12.25 -12.56
C LEU C 218 -5.50 12.79 -13.30
N LEU C 219 -5.52 12.72 -14.62
CA LEU C 219 -4.28 12.80 -15.38
C LEU C 219 -3.81 14.23 -15.59
N SER C 220 -4.70 15.21 -15.50
CA SER C 220 -4.27 16.60 -15.50
C SER C 220 -4.96 17.41 -14.41
N GLY C 221 -6.25 17.67 -14.53
CA GLY C 221 -6.95 18.46 -13.55
C GLY C 221 -8.44 18.40 -13.78
N GLY C 222 -9.18 19.22 -13.03
CA GLY C 222 -10.61 19.22 -13.20
C GLY C 222 -11.36 20.06 -12.18
N VAL C 223 -12.62 20.38 -12.49
CA VAL C 223 -13.48 21.16 -11.62
C VAL C 223 -14.86 20.56 -11.69
N SER C 224 -15.60 20.57 -10.59
CA SER C 224 -16.96 20.07 -10.63
C SER C 224 -17.86 20.98 -9.81
N PHE C 225 -19.17 20.76 -9.88
CA PHE C 225 -20.02 21.56 -9.04
C PHE C 225 -21.29 20.83 -8.66
N ASP C 226 -21.94 21.36 -7.62
CA ASP C 226 -23.24 20.85 -7.23
C ASP C 226 -24.08 21.97 -6.64
N VAL C 227 -25.26 21.58 -6.16
CA VAL C 227 -25.98 22.34 -5.16
C VAL C 227 -25.70 21.65 -3.82
N PRO C 228 -24.90 22.24 -2.95
CA PRO C 228 -24.46 21.51 -1.76
C PRO C 228 -25.66 21.10 -0.93
N GLU C 229 -25.43 20.15 -0.04
CA GLU C 229 -26.53 19.42 0.59
C GLU C 229 -27.55 20.36 1.22
N GLY C 230 -28.80 20.19 0.81
CA GLY C 230 -29.91 20.87 1.46
C GLY C 230 -29.94 22.38 1.32
N LEU C 231 -29.96 22.88 0.10
CA LEU C 231 -30.23 24.29 -0.15
C LEU C 231 -31.20 24.40 -1.32
N ASP C 232 -31.71 25.59 -1.53
CA ASP C 232 -32.61 25.83 -2.64
C ASP C 232 -31.82 26.09 -3.92
N LEU C 233 -32.40 25.68 -5.05
CA LEU C 233 -31.82 25.99 -6.35
C LEU C 233 -31.74 27.49 -6.55
N GLY C 234 -32.89 28.15 -6.69
CA GLY C 234 -32.92 29.59 -6.66
C GLY C 234 -32.40 30.34 -7.88
N GLN C 235 -32.93 30.00 -9.04
CA GLN C 235 -32.77 30.75 -10.28
C GLN C 235 -31.38 30.63 -10.87
N PRO C 236 -31.24 30.71 -12.18
CA PRO C 236 -29.90 30.71 -12.78
C PRO C 236 -29.21 32.03 -12.56
N VAL C 237 -28.06 32.23 -13.17
CA VAL C 237 -27.19 33.34 -12.84
C VAL C 237 -26.81 34.09 -14.11
N ALA C 238 -26.75 35.42 -13.99
CA ALA C 238 -26.23 36.25 -15.06
C ALA C 238 -24.79 35.86 -15.37
N PRO C 239 -24.32 36.14 -16.59
CA PRO C 239 -22.98 35.69 -16.97
C PRO C 239 -21.89 36.34 -16.13
N LYS C 240 -20.75 35.68 -16.09
CA LYS C 240 -19.48 36.19 -15.59
C LYS C 240 -19.44 36.39 -14.09
N THR C 241 -20.52 36.11 -13.36
CA THR C 241 -20.48 36.25 -11.92
C THR C 241 -19.43 35.34 -11.32
N ALA C 242 -18.91 35.74 -10.17
CA ALA C 242 -17.75 35.10 -9.57
C ALA C 242 -18.16 34.07 -8.53
N PHE C 243 -17.45 32.96 -8.50
CA PHE C 243 -17.56 31.95 -7.46
C PHE C 243 -16.20 31.76 -6.81
N VAL C 244 -16.18 31.09 -5.69
CA VAL C 244 -14.95 30.74 -5.01
C VAL C 244 -14.72 29.26 -5.16
N LEU C 245 -13.49 28.87 -5.48
CA LEU C 245 -13.19 27.47 -5.73
C LEU C 245 -12.67 26.85 -4.44
N TYR C 246 -13.47 25.94 -3.88
CA TYR C 246 -13.12 25.27 -2.65
C TYR C 246 -12.42 23.97 -2.96
N ASP C 247 -11.44 23.63 -2.13
CA ASP C 247 -10.53 22.56 -2.52
C ASP C 247 -11.16 21.19 -2.39
N ASP C 248 -12.11 21.02 -1.48
CA ASP C 248 -12.94 19.83 -1.49
C ASP C 248 -14.19 20.12 -0.69
N GLN C 249 -15.19 19.24 -0.87
CA GLN C 249 -16.51 19.45 -0.28
C GLN C 249 -16.40 19.86 1.18
N LYS C 250 -15.46 19.27 1.92
CA LYS C 250 -15.29 19.62 3.32
C LYS C 250 -15.17 21.11 3.50
N SER C 251 -14.23 21.74 2.79
CA SER C 251 -14.10 23.18 2.90
C SER C 251 -15.37 23.91 2.49
N ILE C 252 -16.12 23.35 1.54
CA ILE C 252 -17.41 23.95 1.20
C ILE C 252 -18.29 24.03 2.43
N GLN C 253 -18.55 22.89 3.06
CA GLN C 253 -19.52 22.89 4.14
C GLN C 253 -19.01 23.65 5.35
N ASP C 254 -17.73 24.01 5.36
CA ASP C 254 -17.29 25.02 6.30
C ASP C 254 -17.55 26.42 5.77
N SER C 255 -17.74 26.56 4.46
CA SER C 255 -18.00 27.88 3.92
C SER C 255 -19.48 28.19 3.82
N LEU C 256 -20.34 27.22 4.05
CA LEU C 256 -21.77 27.46 3.93
C LEU C 256 -22.22 28.52 4.92
N TYR C 257 -21.78 28.41 6.17
CA TYR C 257 -22.50 29.05 7.25
C TYR C 257 -22.04 30.50 7.46
N THR C 258 -20.78 30.66 7.85
CA THR C 258 -20.11 31.96 7.73
C THR C 258 -20.60 32.98 8.75
N ASP C 259 -21.76 32.73 9.37
CA ASP C 259 -22.33 33.67 10.33
C ASP C 259 -22.05 33.14 11.71
N HIS C 260 -21.12 33.77 12.42
CA HIS C 260 -20.53 33.16 13.59
C HIS C 260 -20.71 34.05 14.80
N ILE C 261 -21.24 33.48 15.87
CA ILE C 261 -21.19 34.10 17.19
C ILE C 261 -19.96 33.55 17.88
N ASP C 262 -18.99 34.41 18.12
CA ASP C 262 -17.75 33.95 18.73
C ASP C 262 -17.94 33.76 20.22
N TYR C 263 -17.22 32.80 20.77
CA TYR C 263 -17.07 32.63 22.20
C TYR C 263 -15.61 32.42 22.52
N LEU C 264 -15.32 32.47 23.80
CA LEU C 264 -13.99 32.24 24.30
C LEU C 264 -14.05 31.09 25.29
N MET C 265 -12.95 30.39 25.46
CA MET C 265 -12.85 29.38 26.51
C MET C 265 -11.45 29.38 27.08
N PHE C 266 -11.34 29.07 28.35
CA PHE C 266 -10.04 28.94 28.98
C PHE C 266 -9.84 27.50 29.42
N PHE C 267 -8.93 26.81 28.74
CA PHE C 267 -8.61 25.46 29.14
C PHE C 267 -7.40 25.47 30.06
N LYS C 268 -7.40 24.53 31.01
CA LYS C 268 -6.09 24.15 31.52
C LYS C 268 -5.73 22.82 30.88
N ASP C 269 -6.19 21.69 31.44
CA ASP C 269 -6.15 20.39 30.77
C ASP C 269 -4.86 20.25 29.97
N SER C 270 -4.99 20.02 28.67
CA SER C 270 -3.94 20.41 27.75
C SER C 270 -4.56 20.66 26.39
N VAL C 271 -3.98 21.57 25.64
CA VAL C 271 -4.37 21.78 24.27
C VAL C 271 -3.20 21.30 23.44
N ARG C 272 -3.29 20.09 22.89
CA ARG C 272 -2.31 19.62 21.93
C ARG C 272 -3.05 18.87 20.86
N GLY C 273 -2.92 19.30 19.63
CA GLY C 273 -3.60 18.65 18.56
C GLY C 273 -4.87 19.34 18.09
N LEU C 274 -5.37 20.33 18.82
CA LEU C 274 -6.51 21.03 18.25
C LEU C 274 -6.04 21.77 17.02
N GLN C 275 -6.57 21.45 15.98
CA GLN C 275 -6.24 22.28 14.85
C GLN C 275 -7.40 23.20 14.61
N PRO C 276 -7.17 24.49 14.44
CA PRO C 276 -8.28 25.37 14.11
C PRO C 276 -9.04 24.82 12.93
N GLY C 277 -10.35 24.70 13.09
CA GLY C 277 -11.17 23.95 12.17
C GLY C 277 -11.64 22.62 12.71
N ALA C 278 -11.28 22.27 13.93
CA ALA C 278 -11.80 21.03 14.49
C ALA C 278 -13.16 21.29 15.14
N PRO C 279 -14.10 20.37 14.98
CA PRO C 279 -15.49 20.71 15.27
C PRO C 279 -15.71 20.91 16.76
N VAL C 280 -16.83 21.55 17.07
CA VAL C 280 -17.33 21.73 18.44
C VAL C 280 -18.69 21.08 18.50
N GLU C 281 -18.79 20.00 19.24
CA GLU C 281 -20.00 19.18 19.20
C GLU C 281 -20.74 19.27 20.52
N PHE C 282 -22.06 19.15 20.44
CA PHE C 282 -22.91 18.98 21.61
C PHE C 282 -23.45 17.56 21.56
N ARG C 283 -22.93 16.70 22.42
CA ARG C 283 -23.32 15.29 22.42
C ARG C 283 -23.18 14.68 21.05
N GLY C 284 -22.34 15.28 20.21
CA GLY C 284 -22.20 14.81 18.85
C GLY C 284 -23.08 15.47 17.82
N ILE C 285 -23.53 16.69 18.05
CA ILE C 285 -24.19 17.46 17.02
C ILE C 285 -23.39 18.73 16.83
N ARG C 286 -22.94 18.98 15.61
CA ARG C 286 -21.91 19.98 15.42
C ARG C 286 -22.52 21.36 15.48
N LEU C 287 -22.13 22.14 16.48
CA LEU C 287 -22.61 23.50 16.64
C LEU C 287 -21.68 24.56 16.07
N GLY C 288 -20.47 24.21 15.70
CA GLY C 288 -19.52 25.22 15.32
C GLY C 288 -18.10 24.74 15.47
N THR C 289 -17.17 25.59 15.07
CA THR C 289 -15.82 25.14 14.83
C THR C 289 -14.84 26.01 15.58
N VAL C 290 -13.76 25.39 16.04
CA VAL C 290 -12.71 26.12 16.71
C VAL C 290 -11.99 26.99 15.69
N SER C 291 -11.87 28.28 16.00
CA SER C 291 -11.34 29.24 15.04
C SER C 291 -9.86 29.51 15.25
N LYS C 292 -9.48 30.00 16.42
CA LYS C 292 -8.09 30.29 16.70
C LYS C 292 -7.63 29.54 17.93
N VAL C 293 -6.44 28.97 17.86
CA VAL C 293 -5.78 28.47 19.04
C VAL C 293 -4.30 28.76 18.96
N PRO C 294 -3.70 29.19 20.07
CA PRO C 294 -4.40 29.80 21.21
C PRO C 294 -4.78 31.20 20.81
N PHE C 295 -5.24 32.03 21.74
CA PHE C 295 -5.76 33.33 21.38
C PHE C 295 -4.86 34.43 21.94
N PHE C 296 -4.29 35.24 21.06
CA PHE C 296 -3.38 36.31 21.41
C PHE C 296 -4.09 37.65 21.35
N ALA C 297 -4.18 38.33 22.48
CA ALA C 297 -4.63 39.70 22.51
C ALA C 297 -3.74 40.48 23.46
N PRO C 298 -3.37 41.71 23.12
CA PRO C 298 -2.55 42.51 24.05
C PRO C 298 -3.27 42.76 25.37
N ASN C 299 -4.60 42.72 25.38
CA ASN C 299 -5.31 42.71 26.64
C ASN C 299 -5.09 41.38 27.36
N MET C 300 -5.13 40.28 26.60
CA MET C 300 -4.79 38.98 27.18
C MET C 300 -3.31 38.87 27.47
N ARG C 301 -2.51 39.85 27.01
CA ARG C 301 -1.12 39.89 27.42
C ARG C 301 -1.02 40.19 28.91
N GLN C 302 -1.83 41.13 29.40
CA GLN C 302 -1.87 41.42 30.83
C GLN C 302 -2.73 40.41 31.57
N THR C 303 -3.94 40.14 31.07
CA THR C 303 -4.87 39.33 31.83
C THR C 303 -4.52 37.85 31.78
N PHE C 304 -4.12 37.37 30.59
CA PHE C 304 -3.72 35.97 30.46
C PHE C 304 -2.43 35.68 31.23
N ASN C 305 -1.51 36.64 31.28
CA ASN C 305 -0.33 36.48 32.13
C ASN C 305 -0.71 36.35 33.59
N ASP C 306 -1.91 36.81 33.98
CA ASP C 306 -2.45 36.46 35.28
C ASP C 306 -3.11 35.09 35.26
N ASP C 307 -3.68 34.69 34.11
CA ASP C 307 -4.45 33.47 34.03
C ASP C 307 -3.58 32.21 34.05
N TYR C 308 -2.57 32.15 33.18
CA TYR C 308 -1.81 30.92 32.93
C TYR C 308 -2.73 29.76 32.58
N ARG C 309 -3.77 30.08 31.83
CA ARG C 309 -4.60 29.12 31.13
C ARG C 309 -4.55 29.48 29.66
N ILE C 310 -5.01 28.55 28.83
CA ILE C 310 -4.88 28.70 27.38
C ILE C 310 -6.22 29.17 26.82
N PRO C 311 -6.28 30.32 26.19
CA PRO C 311 -7.52 30.76 25.56
C PRO C 311 -7.72 30.09 24.22
N VAL C 312 -8.98 29.85 23.90
CA VAL C 312 -9.39 29.23 22.64
C VAL C 312 -10.64 29.94 22.17
N LEU C 313 -10.69 30.26 20.88
CA LEU C 313 -11.91 30.83 20.32
C LEU C 313 -12.81 29.76 19.74
N ILE C 314 -14.11 30.00 19.85
CA ILE C 314 -15.08 29.15 19.20
C ILE C 314 -15.92 30.00 18.27
N ARG C 315 -16.21 29.50 17.10
CA ARG C 315 -17.22 30.11 16.24
C ARG C 315 -18.45 29.22 16.34
N ILE C 316 -19.48 29.70 17.02
CA ILE C 316 -20.76 28.99 17.01
C ILE C 316 -21.53 29.42 15.78
N GLU C 317 -21.89 28.46 14.95
CA GLU C 317 -22.55 28.76 13.69
C GLU C 317 -24.00 28.31 13.80
N PRO C 318 -24.95 29.23 13.98
CA PRO C 318 -26.29 28.82 14.39
C PRO C 318 -26.98 27.95 13.38
N GLU C 319 -26.79 28.21 12.09
CA GLU C 319 -27.58 27.54 11.07
C GLU C 319 -27.46 26.03 11.18
N ARG C 320 -26.35 25.54 11.71
CA ARG C 320 -26.15 24.10 11.78
C ARG C 320 -27.30 23.41 12.48
N LEU C 321 -27.96 24.11 13.40
CA LEU C 321 -29.17 23.57 14.01
C LEU C 321 -30.39 23.75 13.12
N LYS C 322 -30.61 24.97 12.63
CA LYS C 322 -31.83 25.34 11.94
C LYS C 322 -31.79 26.79 11.53
N ASP C 330 -31.30 35.82 19.58
CA ASP C 330 -32.11 35.02 20.50
C ASP C 330 -31.28 33.93 21.14
N VAL C 331 -30.35 33.37 20.38
CA VAL C 331 -29.54 32.26 20.87
C VAL C 331 -28.77 32.67 22.11
N VAL C 332 -28.30 33.91 22.16
CA VAL C 332 -27.55 34.38 23.32
C VAL C 332 -28.38 34.19 24.59
N GLU C 333 -29.68 34.43 24.50
CA GLU C 333 -30.56 34.12 25.62
C GLU C 333 -30.48 32.65 25.98
N HIS C 334 -30.65 31.78 24.98
CA HIS C 334 -30.66 30.35 25.23
C HIS C 334 -29.38 29.92 25.94
N LEU C 335 -28.23 30.19 25.34
CA LEU C 335 -26.97 29.70 25.89
C LEU C 335 -26.64 30.39 27.21
N GLY C 336 -26.68 31.72 27.22
CA GLY C 336 -26.41 32.46 28.44
C GLY C 336 -27.25 31.96 29.60
N GLU C 337 -28.47 31.51 29.32
CA GLU C 337 -29.25 30.84 30.35
C GLU C 337 -28.79 29.40 30.56
N LEU C 338 -28.14 28.80 29.57
CA LEU C 338 -27.75 27.41 29.75
C LEU C 338 -26.52 27.25 30.61
N LEU C 339 -25.59 28.19 30.59
CA LEU C 339 -24.44 28.07 31.46
C LEU C 339 -24.87 27.96 32.91
N LYS C 340 -25.77 28.84 33.34
CA LYS C 340 -26.38 28.70 34.64
C LYS C 340 -27.11 27.38 34.79
N ARG C 341 -27.50 26.76 33.68
CA ARG C 341 -28.12 25.46 33.71
C ARG C 341 -27.13 24.32 33.53
N GLY C 342 -25.83 24.62 33.44
CA GLY C 342 -24.81 23.59 33.48
C GLY C 342 -24.08 23.18 32.19
N LEU C 343 -24.12 23.97 31.12
CA LEU C 343 -23.21 23.70 30.01
C LEU C 343 -21.77 23.90 30.43
N ARG C 344 -20.90 23.04 29.90
CA ARG C 344 -19.49 23.12 30.22
C ARG C 344 -18.69 22.60 29.03
N GLY C 345 -17.55 23.23 28.78
CA GLY C 345 -16.69 22.79 27.70
C GLY C 345 -15.70 21.74 28.15
N SER C 346 -15.34 20.86 27.22
CA SER C 346 -14.41 19.78 27.50
C SER C 346 -13.67 19.43 26.23
N LEU C 347 -12.58 18.71 26.37
CA LEU C 347 -11.82 18.22 25.23
C LEU C 347 -11.96 16.71 25.15
N LYS C 348 -12.53 16.22 24.07
CA LYS C 348 -12.56 14.81 23.82
C LYS C 348 -11.71 14.48 22.60
N THR C 349 -11.59 13.20 22.31
CA THR C 349 -10.62 12.71 21.35
C THR C 349 -11.32 11.94 20.24
N GLY C 350 -11.35 12.51 19.05
CA GLY C 350 -11.70 11.76 17.86
C GLY C 350 -10.51 10.92 17.45
N ASN C 351 -10.64 10.27 16.29
CA ASN C 351 -9.54 9.43 15.85
C ASN C 351 -9.24 8.38 16.92
N LEU C 352 -8.23 8.66 17.74
CA LEU C 352 -7.46 7.75 18.59
C LEU C 352 -6.20 7.35 17.83
N VAL C 353 -6.11 7.80 16.59
CA VAL C 353 -4.87 7.75 15.84
C VAL C 353 -4.66 9.12 15.21
N THR C 354 -3.47 9.69 15.44
CA THR C 354 -3.15 11.11 15.30
C THR C 354 -3.72 11.86 16.49
N GLY C 355 -4.65 11.22 17.20
CA GLY C 355 -5.18 11.79 18.43
C GLY C 355 -5.59 13.24 18.32
N ALA C 356 -6.30 13.59 17.26
CA ALA C 356 -6.84 14.94 17.19
C ALA C 356 -7.90 15.12 18.26
N LEU C 357 -8.12 16.36 18.65
CA LEU C 357 -9.05 16.69 19.71
C LEU C 357 -10.20 17.52 19.15
N TYR C 358 -11.32 17.50 19.85
CA TYR C 358 -12.40 18.42 19.57
C TYR C 358 -13.04 18.81 20.88
N VAL C 359 -13.98 19.74 20.82
CA VAL C 359 -14.52 20.35 22.03
C VAL C 359 -15.92 19.81 22.25
N ASP C 360 -16.08 18.94 23.23
CA ASP C 360 -17.40 18.47 23.60
C ASP C 360 -18.05 19.49 24.51
N LEU C 361 -19.36 19.57 24.43
CA LEU C 361 -20.08 20.62 25.13
C LEU C 361 -21.29 19.94 25.78
N ASP C 362 -21.33 19.89 27.10
CA ASP C 362 -22.38 19.13 27.78
C ASP C 362 -22.46 19.38 29.27
N ASN C 377 -13.10 38.84 28.63
CA ASN C 377 -12.63 39.82 27.65
C ASN C 377 -13.83 40.24 26.81
N GLY C 378 -13.58 40.95 25.71
CA GLY C 378 -14.66 41.46 24.90
C GLY C 378 -15.63 40.40 24.43
N TYR C 379 -15.13 39.18 24.26
CA TYR C 379 -15.97 38.03 23.92
C TYR C 379 -16.55 37.39 25.18
N GLN C 380 -17.73 36.79 25.04
CA GLN C 380 -18.28 36.02 26.15
C GLN C 380 -17.40 34.81 26.42
N ILE C 381 -17.55 34.24 27.62
CA ILE C 381 -16.70 33.15 28.07
C ILE C 381 -17.54 31.96 28.49
N ILE C 382 -17.15 30.78 28.02
CA ILE C 382 -17.77 29.52 28.44
C ILE C 382 -16.83 28.84 29.43
N PRO C 383 -17.33 28.38 30.57
CA PRO C 383 -16.46 27.66 31.51
C PRO C 383 -16.09 26.28 30.99
N THR C 384 -15.07 25.70 31.60
CA THR C 384 -14.48 24.46 31.11
C THR C 384 -14.32 23.48 32.25
N VAL C 385 -15.03 22.35 32.16
CA VAL C 385 -14.74 21.25 33.05
C VAL C 385 -13.50 20.52 32.58
N SER C 386 -12.66 20.11 33.53
CA SER C 386 -11.46 19.38 33.16
C SER C 386 -11.82 18.06 32.51
N GLY C 387 -10.89 17.52 31.74
CA GLY C 387 -11.11 16.28 31.03
C GLY C 387 -11.37 15.11 31.97
N GLY C 388 -12.32 14.26 31.60
CA GLY C 388 -12.66 13.13 32.42
C GLY C 388 -11.53 12.13 32.58
N LEU C 389 -10.83 11.84 31.49
CA LEU C 389 -9.72 10.90 31.54
C LEU C 389 -8.62 11.43 32.46
N ALA C 390 -8.33 12.72 32.33
CA ALA C 390 -7.30 13.33 33.14
C ALA C 390 -7.73 13.27 34.60
N GLN C 391 -9.00 13.53 34.86
CA GLN C 391 -9.51 13.51 36.22
C GLN C 391 -9.34 12.11 36.82
N ILE C 392 -9.65 11.10 36.02
CA ILE C 392 -9.52 9.72 36.47
C ILE C 392 -8.05 9.38 36.76
N GLN C 393 -7.16 9.87 35.92
CA GLN C 393 -5.73 9.59 36.07
C GLN C 393 -4.96 10.57 36.94
N GLN C 394 -5.65 11.56 37.50
CA GLN C 394 -4.96 12.52 38.34
C GLN C 394 -5.26 12.25 39.79
N ARG C 395 -6.52 12.39 40.19
CA ARG C 395 -6.94 11.81 41.46
C ARG C 395 -6.45 10.37 41.53
N LEU C 396 -6.43 9.70 40.38
CA LEU C 396 -5.84 8.38 40.31
C LEU C 396 -4.42 8.41 40.79
N MET C 397 -3.58 9.19 40.14
CA MET C 397 -2.20 9.31 40.58
C MET C 397 -2.14 9.77 42.03
N GLU C 398 -3.23 10.38 42.49
CA GLU C 398 -3.20 11.10 43.75
C GLU C 398 -3.38 10.15 44.91
N ALA C 399 -4.60 9.66 45.09
CA ALA C 399 -4.83 8.62 46.07
C ALA C 399 -3.87 7.47 45.82
N LEU C 400 -3.36 7.36 44.60
CA LEU C 400 -2.22 6.48 44.38
C LEU C 400 -1.06 6.84 45.30
N ASP C 401 -0.61 8.08 45.23
CA ASP C 401 0.45 8.49 46.15
C ASP C 401 0.03 8.26 47.59
N LYS C 402 -1.18 8.72 47.96
CA LYS C 402 -1.66 8.54 49.32
C LYS C 402 -1.63 7.06 49.71
N ILE C 403 -1.70 6.18 48.73
CA ILE C 403 -1.60 4.77 49.02
C ILE C 403 -0.15 4.38 49.28
N ASN C 404 0.76 4.91 48.46
CA ASN C 404 2.17 4.78 48.79
C ASN C 404 2.42 5.26 50.21
N LYS C 405 1.58 6.18 50.69
CA LYS C 405 1.68 6.64 52.07
C LYS C 405 1.34 5.53 53.04
N LEU C 406 0.92 4.38 52.55
CA LEU C 406 0.79 3.22 53.40
C LEU C 406 1.95 2.27 53.15
N UNK C 407 1.40 1.14 60.83
CA UNK C 407 0.68 0.64 59.67
C UNK C 407 0.62 -0.86 59.71
N UNK C 408 1.00 -1.49 58.59
CA UNK C 408 1.12 -2.94 58.56
C UNK C 408 1.90 -3.42 59.76
N UNK C 409 2.95 -2.71 60.12
CA UNK C 409 3.59 -2.93 61.40
C UNK C 409 2.59 -2.82 62.53
N UNK C 410 2.05 -1.61 62.74
CA UNK C 410 1.14 -1.39 63.86
C UNK C 410 0.08 -2.48 63.91
N UNK C 411 -0.39 -2.89 62.73
CA UNK C 411 -1.30 -4.02 62.66
C UNK C 411 -0.69 -5.27 63.28
N UNK C 412 0.48 -5.69 62.78
CA UNK C 412 1.11 -6.89 63.29
C UNK C 412 1.22 -6.85 64.81
N UNK C 413 1.49 -5.67 65.35
CA UNK C 413 1.51 -5.51 66.80
C UNK C 413 0.15 -5.83 67.40
N UNK C 414 -0.90 -5.20 66.87
CA UNK C 414 -2.23 -5.45 67.38
C UNK C 414 -2.52 -6.94 67.45
N UNK C 415 -2.20 -7.69 66.39
CA UNK C 415 -2.43 -9.12 66.40
C UNK C 415 -1.83 -9.77 67.64
N UNK C 416 -0.60 -9.42 67.94
CA UNK C 416 0.03 -9.93 69.14
C UNK C 416 -0.79 -9.57 70.37
N UNK C 417 -1.03 -8.28 70.57
CA UNK C 417 -1.81 -7.85 71.73
C UNK C 417 -3.04 -8.71 71.87
N UNK C 418 -3.67 -9.02 70.73
CA UNK C 418 -4.80 -9.93 70.73
C UNK C 418 -4.42 -11.26 71.35
N UNK C 419 -3.63 -12.07 70.65
CA UNK C 419 -3.41 -13.44 71.11
C UNK C 419 -3.03 -13.46 72.59
N UNK C 420 -2.12 -12.57 72.98
CA UNK C 420 -1.80 -12.42 74.39
C UNK C 420 -3.06 -12.30 75.21
N UNK C 421 -3.94 -11.38 74.81
CA UNK C 421 -5.21 -11.25 75.49
C UNK C 421 -5.95 -12.58 75.49
N UNK C 422 -6.00 -13.26 74.36
CA UNK C 422 -6.77 -14.50 74.28
C UNK C 422 -6.37 -15.44 75.41
N UNK C 423 -5.08 -15.71 75.52
CA UNK C 423 -4.61 -16.51 76.64
C UNK C 423 -5.09 -15.94 77.96
N UNK C 424 -4.82 -14.65 78.18
CA UNK C 424 -5.20 -14.02 79.44
C UNK C 424 -6.64 -14.32 79.79
N UNK C 425 -7.54 -14.10 78.84
CA UNK C 425 -8.97 -14.32 79.08
C UNK C 425 -9.24 -15.76 79.45
N UNK C 426 -8.57 -16.70 78.77
CA UNK C 426 -8.70 -18.09 79.21
C UNK C 426 -8.44 -18.19 80.70
N UNK C 427 -7.29 -17.69 81.15
CA UNK C 427 -7.03 -17.66 82.58
C UNK C 427 -8.20 -17.07 83.34
N UNK C 428 -8.75 -15.97 82.83
CA UNK C 428 -9.85 -15.32 83.52
C UNK C 428 -10.99 -16.28 83.74
N UNK C 429 -11.55 -16.73 82.63
CA UNK C 429 -12.69 -17.65 82.61
C UNK C 429 -12.33 -18.82 83.50
N UNK C 430 -11.06 -19.22 83.56
CA UNK C 430 -10.67 -20.28 84.49
C UNK C 430 -11.00 -19.69 85.88
N UNK C 431 -10.76 -18.40 86.00
CA UNK C 431 -11.06 -17.60 87.18
C UNK C 431 -12.58 -17.63 87.33
N UNK C 432 -13.28 -17.66 86.20
CA UNK C 432 -14.73 -17.72 86.18
C UNK C 432 -15.26 -19.00 86.83
N UNK C 433 -14.59 -20.11 86.54
CA UNK C 433 -14.87 -21.43 87.09
C UNK C 433 -14.59 -21.39 88.58
N UNK C 434 -13.53 -20.66 88.94
CA UNK C 434 -13.15 -20.49 90.34
C UNK C 434 -14.30 -19.77 91.06
N UNK C 435 -14.89 -18.79 90.36
CA UNK C 435 -16.02 -18.00 90.85
C UNK C 435 -17.26 -18.89 90.99
N UNK C 436 -17.42 -19.79 90.02
CA UNK C 436 -18.53 -20.74 89.96
C UNK C 436 -18.41 -21.54 91.24
N UNK C 437 -17.18 -21.82 91.65
CA UNK C 437 -16.91 -22.51 92.90
C UNK C 437 -17.50 -21.54 93.92
N UNK C 438 -17.28 -20.26 93.64
CA UNK C 438 -17.84 -19.17 94.43
C UNK C 438 -19.36 -19.18 94.38
N UNK C 439 -19.93 -19.32 93.18
CA UNK C 439 -21.39 -19.34 93.06
C UNK C 439 -22.00 -20.35 94.01
N UNK C 440 -16.25 -2.82 8.72
CA UNK C 440 -17.19 -2.51 7.65
C UNK C 440 -16.63 -1.43 6.73
N UNK C 441 -15.31 -1.28 6.72
CA UNK C 441 -14.64 -0.25 5.96
C UNK C 441 -14.49 -0.67 4.51
N UNK C 442 -14.97 0.16 3.59
CA UNK C 442 -14.92 -0.17 2.18
C UNK C 442 -14.28 0.96 1.39
N UNK C 443 -13.08 0.72 0.86
CA UNK C 443 -12.39 1.69 0.02
C UNK C 443 -12.60 1.32 -1.44
N UNK C 444 -13.36 2.14 -2.14
CA UNK C 444 -13.66 1.91 -3.55
C UNK C 444 -12.78 2.80 -4.39
N UNK C 445 -11.80 2.21 -5.05
CA UNK C 445 -10.83 2.98 -5.80
C UNK C 445 -11.35 3.15 -7.22
N UNK C 446 -11.73 4.37 -7.55
CA UNK C 446 -12.30 4.65 -8.86
C UNK C 446 -11.18 4.64 -9.89
N UNK C 447 -11.32 3.77 -10.89
CA UNK C 447 -10.34 3.64 -11.95
C UNK C 447 -10.84 4.31 -13.21
N UNK C 448 -10.06 4.14 -14.27
CA UNK C 448 -10.26 4.82 -15.54
C UNK C 448 -9.95 6.27 -15.40
N UNK C 449 -6.15 15.50 -20.37
CA UNK C 449 -5.26 14.68 -21.18
C UNK C 449 -5.99 13.48 -21.76
N UNK C 450 -6.67 13.68 -22.88
CA UNK C 450 -7.24 12.57 -23.62
C UNK C 450 -6.46 12.45 -24.91
N UNK C 451 -6.76 11.44 -25.72
CA UNK C 451 -5.93 11.07 -26.86
C UNK C 451 -6.54 11.58 -28.14
N UNK C 452 -5.69 12.00 -29.07
CA UNK C 452 -6.13 12.54 -30.35
C UNK C 452 -5.68 11.61 -31.46
N UNK C 453 -6.31 11.74 -32.60
CA UNK C 453 -6.23 10.74 -33.65
C UNK C 453 -6.25 11.38 -35.03
N GLY D 17 25.06 34.84 -50.79
CA GLY D 17 24.67 35.57 -49.59
C GLY D 17 25.67 35.44 -48.46
N PRO D 18 25.37 36.08 -47.32
CA PRO D 18 26.31 36.06 -46.20
C PRO D 18 26.51 34.65 -45.69
N GLU D 19 27.71 34.39 -45.18
CA GLU D 19 28.06 33.06 -44.72
C GLU D 19 28.84 33.17 -43.43
N VAL D 20 28.54 32.28 -42.50
CA VAL D 20 28.96 32.38 -41.11
C VAL D 20 29.65 31.09 -40.71
N THR D 21 30.58 31.19 -39.78
CA THR D 21 31.24 30.04 -39.21
C THR D 21 30.75 29.82 -37.78
N LEU D 22 30.70 28.56 -37.38
CA LEU D 22 30.23 28.17 -36.06
C LEU D 22 31.22 27.20 -35.46
N ILE D 23 31.20 27.08 -34.13
CA ILE D 23 32.13 26.23 -33.41
C ILE D 23 31.38 25.42 -32.36
N THR D 24 31.69 24.13 -32.28
CA THR D 24 31.15 23.28 -31.21
C THR D 24 32.22 22.34 -30.72
N ALA D 25 31.94 21.71 -29.58
CA ALA D 25 32.78 20.61 -29.13
C ALA D 25 32.39 19.31 -29.82
N ASN D 26 31.10 19.12 -30.08
CA ASN D 26 30.61 17.92 -30.72
C ASN D 26 29.48 18.29 -31.65
N ALA D 27 29.49 17.70 -32.84
CA ALA D 27 28.65 18.15 -33.92
C ALA D 27 27.34 17.37 -34.04
N GLU D 28 27.12 16.37 -33.20
CA GLU D 28 25.86 15.65 -33.18
C GLU D 28 25.44 15.20 -34.57
N GLY D 29 24.17 15.31 -34.88
CA GLY D 29 23.68 14.76 -36.12
C GLY D 29 23.68 15.73 -37.28
N ILE D 30 24.50 16.77 -37.20
CA ILE D 30 24.50 17.77 -38.26
C ILE D 30 25.20 17.20 -39.47
N GLU D 31 24.50 17.15 -40.59
CA GLU D 31 25.04 16.60 -41.83
C GLU D 31 25.17 17.70 -42.86
N GLY D 32 26.30 17.72 -43.54
CA GLY D 32 26.60 18.76 -44.50
C GLY D 32 25.56 18.89 -45.59
N GLY D 33 25.02 20.10 -45.75
CA GLY D 33 24.11 20.41 -46.81
C GLY D 33 22.67 20.02 -46.58
N LYS D 34 22.39 19.07 -45.69
CA LYS D 34 21.02 18.70 -45.42
C LYS D 34 20.39 19.39 -44.23
N THR D 35 21.16 20.07 -43.39
CA THR D 35 20.62 20.67 -42.18
C THR D 35 20.48 22.17 -42.41
N THR D 36 19.29 22.67 -42.22
CA THR D 36 18.93 24.01 -42.70
C THR D 36 18.73 24.93 -41.52
N ILE D 37 19.65 25.89 -41.36
CA ILE D 37 19.50 26.89 -40.32
C ILE D 37 18.20 27.63 -40.55
N LYS D 38 17.39 27.73 -39.50
CA LYS D 38 16.14 28.45 -39.63
C LYS D 38 15.73 29.04 -38.30
N SER D 39 15.16 30.24 -38.34
CA SER D 39 14.62 30.90 -37.16
C SER D 39 13.11 30.92 -37.26
N ARG D 40 12.45 30.63 -36.15
CA ARG D 40 11.00 30.53 -36.15
C ARG D 40 10.53 29.61 -37.25
N SER D 41 11.26 28.51 -37.43
CA SER D 41 10.89 27.48 -38.38
C SER D 41 10.66 28.05 -39.76
N VAL D 42 11.54 28.95 -40.18
CA VAL D 42 11.52 29.51 -41.52
C VAL D 42 12.95 29.47 -42.04
N ASP D 43 13.16 28.87 -43.20
CA ASP D 43 14.52 28.53 -43.58
C ASP D 43 15.30 29.78 -43.95
N VAL D 44 16.36 30.07 -43.20
CA VAL D 44 17.22 31.19 -43.49
C VAL D 44 18.51 30.79 -44.16
N GLY D 45 18.75 29.51 -44.35
CA GLY D 45 20.00 29.08 -44.94
C GLY D 45 20.36 27.66 -44.54
N VAL D 46 21.48 27.20 -45.11
CA VAL D 46 21.89 25.81 -45.03
C VAL D 46 23.30 25.73 -44.50
N VAL D 47 23.53 24.79 -43.59
CA VAL D 47 24.89 24.44 -43.20
C VAL D 47 25.61 23.89 -44.40
N GLU D 48 26.73 24.49 -44.76
CA GLU D 48 27.45 23.96 -45.90
C GLU D 48 28.21 22.70 -45.53
N SER D 49 29.07 22.76 -44.50
CA SER D 49 29.94 21.62 -44.25
C SER D 49 30.48 21.66 -42.84
N ALA D 50 30.95 20.52 -42.37
CA ALA D 50 31.55 20.39 -41.05
C ALA D 50 32.97 19.88 -41.19
N THR D 51 33.88 20.47 -40.43
CA THR D 51 35.29 20.11 -40.54
C THR D 51 35.94 20.17 -39.17
N LEU D 52 36.76 19.17 -38.86
CA LEU D 52 37.47 19.18 -37.59
C LEU D 52 38.44 20.35 -37.54
N ALA D 53 38.66 20.86 -36.33
CA ALA D 53 39.70 21.86 -36.19
C ALA D 53 41.05 21.19 -36.24
N ASP D 54 42.07 21.98 -36.59
CA ASP D 54 43.42 21.47 -36.66
C ASP D 54 43.94 21.07 -35.29
N ASP D 55 43.25 21.49 -34.23
CA ASP D 55 43.56 21.06 -32.89
C ASP D 55 42.78 19.84 -32.46
N LEU D 56 41.82 19.39 -33.28
CA LEU D 56 41.03 18.20 -32.98
C LEU D 56 40.16 18.42 -31.75
N THR D 57 40.35 19.54 -31.07
CA THR D 57 39.61 19.76 -29.84
C THR D 57 38.20 20.26 -30.11
N HIS D 58 37.97 20.98 -31.20
CA HIS D 58 36.64 21.46 -31.50
C HIS D 58 36.37 21.30 -32.98
N VAL D 59 35.12 21.52 -33.37
CA VAL D 59 34.68 21.31 -34.74
C VAL D 59 34.12 22.61 -35.28
N GLU D 60 34.46 22.90 -36.53
CA GLU D 60 33.99 24.09 -37.24
C GLU D 60 32.86 23.69 -38.16
N ILE D 61 31.91 24.60 -38.32
CA ILE D 61 30.75 24.40 -39.18
C ILE D 61 30.60 25.62 -40.07
N LYS D 62 30.75 25.43 -41.37
CA LYS D 62 30.59 26.52 -42.31
C LYS D 62 29.16 26.51 -42.84
N ALA D 63 28.46 27.63 -42.67
CA ALA D 63 27.06 27.74 -43.01
C ALA D 63 26.84 28.93 -43.91
N ARG D 64 25.82 28.84 -44.78
CA ARG D 64 25.50 29.89 -45.72
C ARG D 64 24.06 30.33 -45.50
N LEU D 65 23.88 31.55 -45.03
CA LEU D 65 22.55 32.12 -44.90
C LEU D 65 22.01 32.55 -46.26
N ASN D 66 20.69 32.77 -46.31
CA ASN D 66 20.06 33.21 -47.53
C ASN D 66 20.53 34.59 -47.92
N SER D 67 20.28 34.93 -49.19
CA SER D 67 20.89 36.10 -49.81
C SER D 67 20.56 37.38 -49.07
N GLY D 68 19.28 37.71 -48.94
CA GLY D 68 18.95 39.01 -48.42
C GLY D 68 19.02 39.17 -46.93
N MET D 69 19.39 38.12 -46.20
CA MET D 69 19.22 38.08 -44.76
C MET D 69 20.44 38.51 -43.97
N GLU D 70 21.45 39.07 -44.62
CA GLU D 70 22.65 39.49 -43.91
C GLU D 70 22.33 40.41 -42.73
N LYS D 71 21.13 40.98 -42.69
CA LYS D 71 20.75 41.83 -41.57
C LYS D 71 20.71 41.08 -40.26
N LEU D 72 20.86 39.76 -40.26
CA LEU D 72 20.45 38.97 -39.12
C LEU D 72 21.58 38.67 -38.13
N LEU D 73 22.83 38.97 -38.48
CA LEU D 73 23.98 38.61 -37.64
C LEU D 73 23.98 39.21 -36.23
N HIS D 74 24.12 40.52 -36.11
CA HIS D 74 23.81 41.25 -34.89
C HIS D 74 24.66 40.99 -33.65
N LYS D 75 25.55 40.01 -33.67
CA LYS D 75 26.51 39.79 -32.58
C LYS D 75 25.89 39.37 -31.26
N ASP D 76 24.59 39.54 -31.12
CA ASP D 76 23.88 38.98 -29.98
C ASP D 76 23.17 37.69 -30.30
N THR D 77 23.20 37.27 -31.57
CA THR D 77 22.45 36.09 -31.98
C THR D 77 22.99 34.86 -31.30
N VAL D 78 22.10 33.89 -31.12
CA VAL D 78 22.45 32.65 -30.44
C VAL D 78 21.98 31.50 -31.28
N PHE D 79 22.90 30.61 -31.64
CA PHE D 79 22.57 29.40 -32.36
C PHE D 79 22.43 28.22 -31.41
N TRP D 80 21.42 27.39 -31.63
CA TRP D 80 21.39 26.16 -30.87
C TRP D 80 20.81 25.05 -31.73
N VAL D 81 21.29 23.84 -31.49
CA VAL D 81 20.83 22.69 -32.26
C VAL D 81 19.52 22.20 -31.68
N VAL D 82 18.55 21.94 -32.54
CA VAL D 82 17.34 21.23 -32.13
C VAL D 82 17.59 19.75 -32.32
N LYS D 83 17.56 19.00 -31.24
CA LYS D 83 18.13 17.66 -31.27
C LYS D 83 17.08 16.65 -30.83
N PRO D 84 17.23 15.39 -31.18
CA PRO D 84 16.35 14.35 -30.64
C PRO D 84 16.81 13.83 -29.28
N GLN D 85 17.07 14.75 -28.36
CA GLN D 85 17.58 14.34 -27.05
C GLN D 85 16.47 13.78 -26.20
N ILE D 86 16.83 12.78 -25.38
CA ILE D 86 15.90 12.22 -24.41
C ILE D 86 16.74 11.69 -23.26
N GLY D 87 16.18 11.73 -22.06
CA GLY D 87 16.92 11.32 -20.89
C GLY D 87 16.37 12.00 -19.65
N ARG D 88 17.25 12.15 -18.66
CA ARG D 88 16.86 12.81 -17.43
C ARG D 88 16.51 14.28 -17.64
N GLU D 89 17.40 15.05 -18.23
CA GLU D 89 17.25 16.50 -18.27
C GLU D 89 16.06 16.97 -19.10
N GLY D 90 15.40 16.09 -19.83
CA GLY D 90 14.20 16.46 -20.58
C GLY D 90 14.01 15.53 -21.75
N ILE D 91 12.97 15.83 -22.53
CA ILE D 91 12.66 15.09 -23.75
C ILE D 91 12.45 16.08 -24.87
N SER D 92 13.23 15.96 -25.95
CA SER D 92 13.21 16.93 -27.03
C SER D 92 13.42 16.24 -28.37
N GLY D 93 12.61 16.61 -29.36
CA GLY D 93 12.72 15.93 -30.65
C GLY D 93 11.43 16.05 -31.45
N LEU D 94 11.24 15.06 -32.33
CA LEU D 94 10.12 14.89 -33.26
C LEU D 94 10.17 15.77 -34.49
N GLY D 95 10.94 16.86 -34.46
CA GLY D 95 11.20 17.57 -35.69
C GLY D 95 12.41 16.92 -36.28
N THR D 96 13.14 16.28 -35.38
CA THR D 96 14.39 15.64 -35.71
C THR D 96 14.18 14.27 -36.34
N LEU D 97 13.24 13.49 -35.80
CA LEU D 97 12.96 12.18 -36.38
C LEU D 97 12.34 12.25 -37.75
N LEU D 98 11.99 13.44 -38.22
CA LEU D 98 11.44 13.62 -39.55
C LEU D 98 12.26 14.59 -40.38
N SER D 99 12.36 15.85 -39.96
CA SER D 99 13.10 16.84 -40.74
C SER D 99 14.59 16.84 -40.45
N GLY D 100 15.08 16.02 -39.54
CA GLY D 100 16.51 15.85 -39.40
C GLY D 100 17.33 17.00 -38.83
N VAL D 101 17.02 17.43 -37.61
CA VAL D 101 17.96 18.21 -36.79
C VAL D 101 18.33 19.52 -37.46
N TYR D 102 17.41 20.46 -37.48
CA TYR D 102 17.72 21.79 -37.97
C TYR D 102 18.39 22.61 -36.87
N ILE D 103 19.19 23.59 -37.28
CA ILE D 103 19.80 24.54 -36.35
C ILE D 103 18.91 25.77 -36.26
N GLU D 104 18.65 26.23 -35.04
CA GLU D 104 17.90 27.46 -34.88
C GLU D 104 18.80 28.63 -34.57
N LEU D 105 18.36 29.79 -35.04
CA LEU D 105 19.11 31.03 -34.98
C LEU D 105 18.24 32.09 -34.32
N GLN D 106 18.60 32.51 -33.13
CA GLN D 106 17.85 33.57 -32.47
C GLN D 106 18.51 34.91 -32.76
N PRO D 107 17.81 35.82 -33.41
CA PRO D 107 18.38 37.12 -33.73
C PRO D 107 18.45 38.01 -32.51
N GLY D 108 19.19 39.11 -32.66
CA GLY D 108 19.31 40.09 -31.60
C GLY D 108 19.40 41.48 -32.20
N ALA D 109 19.25 42.48 -31.33
CA ALA D 109 19.34 43.87 -31.74
C ALA D 109 20.68 44.51 -31.41
N LYS D 110 21.60 43.81 -30.78
CA LYS D 110 22.68 44.50 -30.10
C LYS D 110 23.82 44.93 -31.02
N GLY D 111 24.65 43.99 -31.47
CA GLY D 111 25.95 44.31 -32.01
C GLY D 111 26.05 44.12 -33.51
N SER D 112 27.29 44.01 -33.98
CA SER D 112 27.64 43.95 -35.39
C SER D 112 27.68 42.49 -35.84
N LYS D 113 28.29 42.22 -36.99
CA LYS D 113 28.47 40.83 -37.43
C LYS D 113 29.18 40.01 -36.34
N MET D 114 30.34 40.48 -35.88
CA MET D 114 31.10 39.85 -34.81
C MET D 114 31.27 38.35 -35.07
N ASP D 115 31.80 38.04 -36.25
CA ASP D 115 31.71 36.69 -36.78
C ASP D 115 32.62 35.74 -36.02
N LYS D 116 32.61 34.47 -36.45
CA LYS D 116 33.13 33.33 -35.70
C LYS D 116 32.36 33.15 -34.38
N TYR D 117 31.10 32.77 -34.53
CA TYR D 117 30.21 32.54 -33.41
C TYR D 117 30.51 31.21 -32.75
N ASP D 118 29.63 30.80 -31.84
CA ASP D 118 29.69 29.46 -31.27
C ASP D 118 28.29 28.90 -31.18
N LEU D 119 28.18 27.60 -31.36
CA LEU D 119 26.91 26.91 -31.42
C LEU D 119 26.65 26.21 -30.09
N LEU D 120 25.41 26.29 -29.63
CA LEU D 120 25.03 25.74 -28.35
C LEU D 120 24.12 24.54 -28.53
N ASP D 121 24.39 23.51 -27.75
CA ASP D 121 23.42 22.44 -27.58
C ASP D 121 22.43 22.89 -26.53
N SER D 122 21.18 22.48 -26.69
CA SER D 122 20.05 22.86 -25.86
C SER D 122 19.68 24.31 -26.08
N PRO D 123 18.40 24.64 -25.97
CA PRO D 123 17.93 25.99 -26.26
C PRO D 123 17.98 26.89 -25.04
N PRO D 124 19.07 27.63 -24.83
CA PRO D 124 19.16 28.49 -23.65
C PRO D 124 17.92 29.36 -23.50
N LEU D 125 17.37 29.38 -22.29
CA LEU D 125 16.15 30.11 -21.96
C LEU D 125 16.39 31.49 -21.37
N ALA D 126 17.62 31.84 -21.01
CA ALA D 126 17.91 33.15 -20.42
C ALA D 126 19.26 33.68 -20.90
N PRO D 127 19.38 35.00 -21.11
CA PRO D 127 18.47 36.15 -21.21
C PRO D 127 18.00 36.57 -22.61
N PRO D 128 17.00 35.91 -23.20
CA PRO D 128 16.49 36.43 -24.48
C PRO D 128 15.87 37.82 -24.33
N ASP D 129 15.00 38.01 -23.34
CA ASP D 129 14.40 39.29 -23.07
C ASP D 129 15.04 40.06 -21.92
N ALA D 130 15.98 39.46 -21.20
CA ALA D 130 16.73 40.13 -20.15
C ALA D 130 15.85 40.60 -18.98
N LYS D 131 14.53 40.49 -19.11
CA LYS D 131 13.62 40.92 -18.06
C LYS D 131 13.51 39.86 -16.97
N GLY D 132 13.15 40.29 -15.77
CA GLY D 132 12.95 39.39 -14.65
C GLY D 132 14.06 39.50 -13.61
N ILE D 133 13.98 38.62 -12.62
CA ILE D 133 14.91 38.62 -11.49
C ILE D 133 15.70 37.33 -11.53
N ARG D 134 16.88 37.36 -10.94
CA ARG D 134 17.72 36.17 -10.81
C ARG D 134 18.13 36.02 -9.36
N VAL D 135 17.91 34.83 -8.82
CA VAL D 135 18.13 34.58 -7.40
C VAL D 135 19.15 33.48 -7.28
N ILE D 136 19.78 33.38 -6.12
CA ILE D 136 20.79 32.37 -5.86
C ILE D 136 20.34 31.52 -4.68
N LEU D 137 20.71 30.25 -4.69
CA LEU D 137 20.33 29.34 -3.62
C LEU D 137 21.53 28.54 -3.14
N ASP D 138 21.36 27.95 -1.96
CA ASP D 138 22.28 26.95 -1.42
C ASP D 138 21.46 25.77 -0.94
N SER D 139 22.12 24.64 -0.71
CA SER D 139 21.39 23.51 -0.13
C SER D 139 22.38 22.54 0.48
N LYS D 140 21.84 21.64 1.30
CA LYS D 140 22.66 20.55 1.83
C LYS D 140 22.78 19.41 0.83
N LYS D 141 21.71 19.07 0.13
CA LYS D 141 21.69 17.91 -0.75
C LYS D 141 21.35 18.32 -2.17
N ALA D 142 21.96 17.62 -3.13
CA ALA D 142 21.71 17.89 -4.53
C ALA D 142 20.26 17.60 -4.90
N GLY D 143 19.85 16.35 -4.74
CA GLY D 143 18.45 16.04 -4.68
C GLY D 143 17.60 16.53 -5.82
N GLN D 144 16.65 17.37 -5.44
CA GLN D 144 15.48 17.71 -6.24
C GLN D 144 15.73 18.81 -7.26
N LEU D 145 16.96 19.26 -7.43
CA LEU D 145 17.17 20.45 -8.23
C LEU D 145 18.06 20.11 -9.42
N SER D 146 17.51 20.20 -10.62
CA SER D 146 18.29 20.05 -11.84
C SER D 146 17.76 21.03 -12.88
N PRO D 147 18.63 21.62 -13.68
CA PRO D 147 18.21 22.75 -14.52
C PRO D 147 17.07 22.36 -15.43
N GLY D 148 16.21 23.33 -15.71
CA GLY D 148 14.96 23.09 -16.38
C GLY D 148 13.78 22.84 -15.46
N ASP D 149 14.01 22.42 -14.23
CA ASP D 149 12.91 22.17 -13.32
C ASP D 149 12.25 23.50 -12.95
N PRO D 150 10.93 23.59 -12.98
CA PRO D 150 10.27 24.88 -12.85
C PRO D 150 10.20 25.36 -11.42
N VAL D 151 10.11 26.68 -11.27
CA VAL D 151 9.95 27.34 -9.99
C VAL D 151 8.49 27.75 -9.84
N LEU D 152 7.84 27.21 -8.82
CA LEU D 152 6.41 27.37 -8.64
C LEU D 152 6.11 28.35 -7.52
N PHE D 153 5.06 29.12 -7.69
CA PHE D 153 4.50 29.94 -6.62
C PHE D 153 3.07 29.50 -6.42
N ARG D 154 2.79 28.91 -5.27
CA ARG D 154 1.49 28.33 -5.03
C ARG D 154 1.05 27.49 -6.22
N GLY D 155 1.97 26.69 -6.73
CA GLY D 155 1.70 25.79 -7.82
C GLY D 155 1.77 26.40 -9.20
N TYR D 156 1.71 27.72 -9.32
CA TYR D 156 1.68 28.36 -10.63
C TYR D 156 3.10 28.75 -11.04
N ARG D 157 3.48 28.37 -12.25
CA ARG D 157 4.90 28.40 -12.60
C ARG D 157 5.32 29.82 -12.94
N VAL D 158 6.21 30.40 -12.13
CA VAL D 158 6.68 31.75 -12.37
C VAL D 158 8.06 31.80 -12.99
N GLY D 159 8.72 30.68 -13.17
CA GLY D 159 10.08 30.74 -13.66
C GLY D 159 10.77 29.42 -13.48
N SER D 160 12.00 29.37 -13.96
CA SER D 160 12.70 28.10 -14.07
C SER D 160 14.11 28.23 -13.56
N VAL D 161 14.76 27.09 -13.36
CA VAL D 161 16.10 27.05 -12.80
C VAL D 161 17.11 27.35 -13.89
N GLU D 162 17.88 28.41 -13.72
CA GLU D 162 18.85 28.76 -14.74
C GLU D 162 20.03 27.79 -14.72
N THR D 163 20.71 27.67 -13.59
CA THR D 163 21.90 26.81 -13.54
C THR D 163 22.04 26.19 -12.17
N SER D 164 22.84 25.12 -12.11
CA SER D 164 23.19 24.46 -10.86
C SER D 164 24.70 24.34 -10.79
N THR D 165 25.31 25.04 -9.86
CA THR D 165 26.76 25.03 -9.69
C THR D 165 27.12 24.30 -8.40
N PHE D 166 28.09 23.42 -8.48
CA PHE D 166 28.61 22.78 -7.29
C PHE D 166 29.82 23.56 -6.81
N ASP D 167 30.00 23.60 -5.50
CA ASP D 167 31.19 24.21 -4.92
C ASP D 167 31.98 23.12 -4.22
N THR D 168 33.18 22.85 -4.71
CA THR D 168 34.00 21.81 -4.10
C THR D 168 34.30 22.13 -2.65
N GLN D 169 34.93 23.29 -2.40
CA GLN D 169 35.38 23.60 -1.05
C GLN D 169 34.22 23.72 -0.09
N LYS D 170 33.27 24.60 -0.39
CA LYS D 170 32.21 24.87 0.56
C LYS D 170 31.29 23.67 0.77
N ARG D 171 31.32 22.69 -0.14
CA ARG D 171 30.47 21.51 -0.06
C ARG D 171 28.99 21.86 -0.12
N ASN D 172 28.66 23.01 -0.68
CA ASN D 172 27.26 23.40 -0.86
C ASN D 172 27.01 23.73 -2.32
N ILE D 173 25.80 23.44 -2.75
CA ILE D 173 25.41 23.50 -4.15
C ILE D 173 24.63 24.78 -4.36
N SER D 174 25.23 25.75 -5.03
CA SER D 174 24.56 27.02 -5.24
C SER D 174 23.84 27.00 -6.57
N TYR D 175 22.61 27.50 -6.60
CA TYR D 175 21.80 27.50 -7.80
C TYR D 175 21.52 28.93 -8.23
N GLN D 176 21.17 29.08 -9.49
CA GLN D 176 20.73 30.36 -10.01
C GLN D 176 19.37 30.16 -10.65
N LEU D 177 18.37 30.83 -10.10
CA LEU D 177 16.99 30.78 -10.55
C LEU D 177 16.65 32.03 -11.33
N PHE D 178 15.73 31.90 -12.25
CA PHE D 178 15.30 33.01 -13.08
C PHE D 178 13.79 33.14 -12.99
N ILE D 179 13.32 34.25 -12.43
CA ILE D 179 11.91 34.54 -12.27
C ILE D 179 11.49 35.49 -13.38
N ASN D 180 10.39 35.17 -14.05
CA ASN D 180 9.93 35.96 -15.19
C ASN D 180 9.45 37.34 -14.78
N ALA D 181 9.34 38.21 -15.78
CA ALA D 181 9.22 39.65 -15.52
C ALA D 181 7.98 40.04 -14.73
N PRO D 182 6.77 39.74 -15.18
CA PRO D 182 5.60 40.23 -14.43
C PRO D 182 5.50 39.65 -13.04
N TYR D 183 6.15 38.52 -12.77
CA TYR D 183 6.13 37.92 -11.46
C TYR D 183 7.35 38.30 -10.63
N ASP D 184 8.23 39.12 -11.18
CA ASP D 184 9.39 39.58 -10.41
C ASP D 184 8.96 40.22 -9.10
N ARG D 185 7.85 40.96 -9.13
CA ARG D 185 7.41 41.70 -7.95
C ARG D 185 7.04 40.80 -6.80
N LEU D 186 7.02 39.49 -6.98
CA LEU D 186 6.56 38.60 -5.93
C LEU D 186 7.64 38.24 -4.93
N VAL D 187 8.91 38.47 -5.22
CA VAL D 187 9.96 37.96 -4.35
C VAL D 187 10.29 39.07 -3.35
N THR D 188 9.77 38.93 -2.14
CA THR D 188 10.07 39.81 -1.03
C THR D 188 11.27 39.31 -0.25
N ASN D 189 11.82 40.21 0.57
CA ASN D 189 12.80 39.80 1.57
C ASN D 189 12.35 38.55 2.31
N ASN D 190 11.07 38.47 2.63
CA ASN D 190 10.59 37.44 3.52
C ASN D 190 10.23 36.15 2.82
N VAL D 191 10.10 36.17 1.49
CA VAL D 191 9.78 34.95 0.76
C VAL D 191 10.86 33.91 1.01
N ARG D 192 10.44 32.66 1.15
CA ARG D 192 11.40 31.59 1.32
C ARG D 192 11.02 30.40 0.46
N PHE D 193 12.06 29.74 -0.04
CA PHE D 193 11.95 28.63 -0.96
C PHE D 193 11.95 27.32 -0.21
N TRP D 194 11.19 26.35 -0.69
CA TRP D 194 11.42 25.00 -0.25
C TRP D 194 11.52 24.09 -1.45
N LYS D 195 12.33 23.06 -1.28
CA LYS D 195 12.75 22.14 -2.32
C LYS D 195 11.77 20.98 -2.43
N ASP D 196 11.37 20.66 -3.66
CA ASP D 196 10.38 19.61 -3.85
C ASP D 196 10.83 18.62 -4.90
N SER D 197 10.73 17.34 -4.57
CA SER D 197 10.63 16.28 -5.55
C SER D 197 9.87 15.14 -4.93
N GLY D 198 9.04 14.50 -5.74
CA GLY D 198 8.37 13.28 -5.31
C GLY D 198 7.28 13.54 -4.29
N ILE D 199 6.51 12.51 -4.06
CA ILE D 199 5.39 12.59 -3.13
C ILE D 199 5.93 12.58 -1.72
N ALA D 200 5.41 13.48 -0.89
CA ALA D 200 5.70 13.46 0.54
C ALA D 200 4.39 13.20 1.27
N VAL D 201 4.24 12.01 1.84
CA VAL D 201 3.05 11.68 2.61
C VAL D 201 3.29 12.10 4.05
N ASP D 202 2.40 12.91 4.58
CA ASP D 202 2.52 13.43 5.93
C ASP D 202 1.31 13.00 6.76
N LEU D 203 1.57 12.23 7.81
CA LEU D 203 0.57 11.88 8.81
C LEU D 203 0.83 12.78 10.00
N THR D 204 -0.02 13.77 10.22
CA THR D 204 0.24 14.77 11.24
C THR D 204 -0.98 14.91 12.14
N SER D 205 -0.87 15.78 13.14
CA SER D 205 -1.97 15.99 14.07
C SER D 205 -3.17 16.64 13.40
N ALA D 206 -2.97 17.31 12.28
CA ALA D 206 -4.12 17.78 11.51
C ALA D 206 -4.81 16.62 10.81
N GLY D 207 -4.08 15.88 10.01
CA GLY D 207 -4.63 14.80 9.21
C GLY D 207 -3.75 14.61 8.00
N MET D 208 -4.02 13.52 7.27
CA MET D 208 -3.11 13.12 6.22
C MET D 208 -2.96 14.22 5.21
N ARG D 209 -1.81 14.22 4.54
CA ARG D 209 -1.50 15.24 3.55
C ARG D 209 -0.50 14.66 2.57
N VAL D 210 -0.37 15.31 1.43
CA VAL D 210 0.59 14.92 0.41
C VAL D 210 1.25 16.18 -0.12
N GLU D 211 2.52 16.08 -0.48
CA GLU D 211 3.29 17.22 -0.99
C GLU D 211 3.92 16.83 -2.31
N MET D 212 3.56 17.55 -3.37
CA MET D 212 4.05 17.27 -4.71
C MET D 212 3.94 18.54 -5.53
N GLY D 213 4.62 18.55 -6.67
CA GLY D 213 4.41 19.61 -7.65
C GLY D 213 3.64 19.11 -8.86
N SER D 214 2.94 17.99 -8.67
CA SER D 214 2.15 17.32 -9.70
C SER D 214 2.99 16.83 -10.87
N LEU D 215 2.63 17.26 -12.07
CA LEU D 215 3.21 16.70 -13.28
C LEU D 215 4.74 16.75 -13.26
N THR D 216 5.32 17.93 -13.38
CA THR D 216 6.75 18.02 -13.64
C THR D 216 7.56 17.69 -12.41
N THR D 217 7.19 18.26 -11.27
CA THR D 217 8.06 18.18 -10.10
C THR D 217 8.18 16.75 -9.57
N LEU D 218 7.15 15.93 -9.75
CA LEU D 218 7.33 14.51 -9.47
C LEU D 218 8.43 13.91 -10.31
N LEU D 219 8.41 14.18 -11.62
CA LEU D 219 9.14 13.34 -12.55
C LEU D 219 10.62 13.70 -12.63
N SER D 220 10.99 14.93 -12.27
CA SER D 220 12.41 15.26 -12.15
C SER D 220 12.70 16.02 -10.85
N GLY D 221 12.25 17.26 -10.73
CA GLY D 221 12.53 18.03 -9.53
C GLY D 221 11.71 19.30 -9.52
N GLY D 222 12.00 20.15 -8.56
CA GLY D 222 11.27 21.41 -8.48
C GLY D 222 11.56 22.24 -7.25
N VAL D 223 11.18 23.51 -7.30
CA VAL D 223 11.38 24.44 -6.20
C VAL D 223 10.15 25.31 -6.12
N SER D 224 9.75 25.69 -4.91
CA SER D 224 8.60 26.59 -4.80
C SER D 224 8.90 27.62 -3.72
N PHE D 225 8.04 28.63 -3.60
CA PHE D 225 8.25 29.58 -2.52
C PHE D 225 6.95 30.17 -2.03
N ASP D 226 7.04 30.78 -0.85
CA ASP D 226 5.91 31.52 -0.30
C ASP D 226 6.41 32.65 0.56
N VAL D 227 5.45 33.34 1.17
CA VAL D 227 5.69 34.11 2.38
C VAL D 227 5.21 33.26 3.54
N PRO D 228 6.10 32.69 4.34
CA PRO D 228 5.67 31.69 5.32
C PRO D 228 4.67 32.32 6.28
N GLU D 229 3.96 31.46 6.99
CA GLU D 229 2.75 31.87 7.69
C GLU D 229 3.00 33.06 8.59
N GLY D 230 2.22 34.12 8.38
CA GLY D 230 2.20 35.25 9.29
C GLY D 230 3.46 36.06 9.38
N LEU D 231 3.93 36.58 8.25
CA LEU D 231 5.00 37.57 8.24
C LEU D 231 4.61 38.69 7.28
N ASP D 232 5.38 39.78 7.33
CA ASP D 232 5.15 40.88 6.42
C ASP D 232 5.82 40.62 5.07
N LEU D 233 5.20 41.14 4.01
CA LEU D 233 5.80 41.09 2.69
C LEU D 233 7.13 41.83 2.69
N GLY D 234 7.10 43.15 2.83
CA GLY D 234 8.32 43.90 3.06
C GLY D 234 9.26 44.10 1.90
N GLN D 235 8.73 44.61 0.80
CA GLN D 235 9.50 45.14 -0.33
C GLN D 235 10.12 44.02 -1.15
N PRO D 236 10.31 44.24 -2.45
CA PRO D 236 11.02 43.24 -3.25
C PRO D 236 12.50 43.29 -2.98
N VAL D 237 13.29 42.55 -3.75
CA VAL D 237 14.68 42.30 -3.42
C VAL D 237 15.55 42.64 -4.62
N ALA D 238 16.71 43.23 -4.34
CA ALA D 238 17.73 43.44 -5.35
C ALA D 238 18.16 42.10 -5.95
N PRO D 239 18.68 42.11 -7.17
CA PRO D 239 19.00 40.85 -7.84
C PRO D 239 20.10 40.08 -7.11
N LYS D 240 20.13 38.78 -7.35
CA LYS D 240 21.21 37.87 -7.01
C LYS D 240 21.36 37.63 -5.52
N THR D 241 20.54 38.23 -4.67
CA THR D 241 20.63 37.96 -3.25
C THR D 241 20.38 36.49 -2.97
N ALA D 242 20.96 36.01 -1.87
CA ALA D 242 21.00 34.59 -1.57
C ALA D 242 19.87 34.20 -0.63
N PHE D 243 19.29 33.02 -0.87
CA PHE D 243 18.34 32.39 0.03
C PHE D 243 18.87 31.02 0.40
N VAL D 244 18.27 30.42 1.42
CA VAL D 244 18.60 29.06 1.82
C VAL D 244 17.45 28.17 1.42
N LEU D 245 17.77 27.02 0.85
CA LEU D 245 16.75 26.11 0.37
C LEU D 245 16.44 25.08 1.45
N TYR D 246 15.24 25.18 2.01
CA TYR D 246 14.81 24.29 3.07
C TYR D 246 14.08 23.10 2.46
N ASP D 247 14.26 21.93 3.07
CA ASP D 247 13.84 20.73 2.38
C ASP D 247 12.34 20.53 2.43
N ASP D 248 11.68 21.05 3.45
CA ASP D 248 10.23 21.15 3.43
C ASP D 248 9.80 22.17 4.46
N GLN D 249 8.53 22.60 4.33
CA GLN D 249 8.02 23.68 5.16
C GLN D 249 8.37 23.49 6.62
N LYS D 250 8.33 22.24 7.10
CA LYS D 250 8.67 21.97 8.49
C LYS D 250 10.00 22.60 8.85
N SER D 251 11.05 22.27 8.09
CA SER D 251 12.36 22.86 8.36
C SER D 251 12.32 24.37 8.28
N ILE D 252 11.49 24.93 7.41
CA ILE D 252 11.33 26.38 7.36
C ILE D 252 10.91 26.91 8.72
N GLN D 253 9.78 26.41 9.22
CA GLN D 253 9.24 26.99 10.44
C GLN D 253 10.12 26.69 11.64
N ASP D 254 11.09 25.79 11.49
CA ASP D 254 12.17 25.74 12.47
C ASP D 254 13.23 26.77 12.18
N SER D 255 13.29 27.27 10.96
CA SER D 255 14.30 28.27 10.65
C SER D 255 13.81 29.69 10.85
N LEU D 256 12.51 29.87 11.08
CA LEU D 256 11.98 31.22 11.24
C LEU D 256 12.63 31.91 12.43
N TYR D 257 12.72 31.22 13.56
CA TYR D 257 12.87 31.92 14.82
C TYR D 257 14.32 32.20 15.16
N THR D 258 15.11 31.16 15.35
CA THR D 258 16.57 31.28 15.30
C THR D 258 17.14 31.97 16.52
N ASP D 259 16.33 32.69 17.27
CA ASP D 259 16.80 33.43 18.43
C ASP D 259 16.45 32.64 19.67
N HIS D 260 17.45 32.03 20.28
CA HIS D 260 17.21 30.98 21.24
C HIS D 260 17.84 31.31 22.58
N ILE D 261 17.04 31.23 23.64
CA ILE D 261 17.55 31.23 24.99
C ILE D 261 17.70 29.77 25.39
N ASP D 262 18.93 29.34 25.58
CA ASP D 262 19.16 27.94 25.90
C ASP D 262 18.87 27.68 27.37
N TYR D 263 18.40 26.49 27.64
CA TYR D 263 18.29 25.96 28.99
C TYR D 263 18.86 24.57 29.04
N LEU D 264 19.02 24.08 30.24
CA LEU D 264 19.50 22.73 30.47
C LEU D 264 18.46 22.00 31.29
N MET D 265 18.42 20.68 31.19
CA MET D 265 17.58 19.88 32.05
C MET D 265 18.30 18.59 32.36
N PHE D 266 18.04 18.05 33.55
CA PHE D 266 18.60 16.77 33.94
C PHE D 266 17.46 15.78 34.12
N PHE D 267 17.36 14.83 33.23
CA PHE D 267 16.37 13.78 33.37
C PHE D 267 16.97 12.58 34.06
N LYS D 268 16.15 11.90 34.87
CA LYS D 268 16.48 10.52 35.09
C LYS D 268 15.56 9.67 34.24
N ASP D 269 14.34 9.37 34.69
CA ASP D 269 13.27 8.83 33.87
C ASP D 269 13.84 7.85 32.84
N SER D 270 13.62 8.13 31.57
CA SER D 270 14.53 7.64 30.54
C SER D 270 14.45 8.57 29.35
N VAL D 271 15.56 8.70 28.65
CA VAL D 271 15.58 9.43 27.39
C VAL D 271 15.80 8.38 26.33
N ARG D 272 14.74 7.97 25.65
CA ARG D 272 14.89 7.12 24.48
C ARG D 272 13.88 7.59 23.46
N GLY D 273 14.36 7.97 22.30
CA GLY D 273 13.48 8.44 21.26
C GLY D 273 13.42 9.95 21.12
N LEU D 274 13.97 10.72 22.04
CA LEU D 274 14.01 12.14 21.79
C LEU D 274 14.92 12.38 20.60
N GLN D 275 14.40 12.88 19.62
CA GLN D 275 15.31 13.26 18.58
C GLN D 275 15.50 14.75 18.67
N PRO D 276 16.73 15.25 18.65
CA PRO D 276 16.92 16.70 18.62
C PRO D 276 16.08 17.31 17.53
N GLY D 277 15.29 18.31 17.90
CA GLY D 277 14.26 18.81 17.02
C GLY D 277 12.86 18.42 17.45
N ALA D 278 12.71 17.69 18.53
CA ALA D 278 11.37 17.37 19.00
C ALA D 278 10.86 18.50 19.89
N PRO D 279 9.60 18.86 19.78
CA PRO D 279 9.14 20.13 20.34
C PRO D 279 9.16 20.10 21.85
N VAL D 280 9.11 21.29 22.44
CA VAL D 280 8.97 21.50 23.87
C VAL D 280 7.70 22.30 24.08
N GLU D 281 6.70 21.69 24.66
CA GLU D 281 5.38 22.29 24.72
C GLU D 281 5.04 22.68 26.14
N PHE D 282 4.24 23.74 26.27
CA PHE D 282 3.61 24.12 27.53
C PHE D 282 2.12 23.87 27.39
N ARG D 283 1.63 22.82 28.02
CA ARG D 283 0.23 22.42 27.89
C ARG D 283 -0.18 22.30 26.44
N GLY D 284 0.80 22.07 25.56
CA GLY D 284 0.52 22.01 24.15
C GLY D 284 0.64 23.31 23.38
N ILE D 285 1.44 24.24 23.85
CA ILE D 285 1.80 25.41 23.07
C ILE D 285 3.30 25.42 22.92
N ARG D 286 3.78 25.43 21.69
CA ARG D 286 5.18 25.11 21.45
C ARG D 286 6.05 26.30 21.81
N LEU D 287 6.89 26.15 22.82
CA LEU D 287 7.79 27.20 23.25
C LEU D 287 9.19 27.09 22.68
N GLY D 288 9.53 25.97 22.07
CA GLY D 288 10.91 25.77 21.67
C GLY D 288 11.22 24.30 21.51
N THR D 289 12.44 24.03 21.09
CA THR D 289 12.77 22.73 20.56
C THR D 289 13.99 22.18 21.26
N VAL D 290 14.01 20.88 21.45
CA VAL D 290 15.17 20.22 22.01
C VAL D 290 16.32 20.28 21.02
N SER D 291 17.48 20.75 21.47
CA SER D 291 18.60 21.00 20.57
C SER D 291 19.59 19.85 20.57
N LYS D 292 20.18 19.53 21.72
CA LYS D 292 21.14 18.44 21.80
C LYS D 292 20.70 17.42 22.83
N VAL D 293 20.83 16.15 22.48
CA VAL D 293 20.71 15.09 23.45
C VAL D 293 21.73 14.01 23.17
N PRO D 294 22.38 13.50 24.21
CA PRO D 294 22.50 14.14 25.51
C PRO D 294 23.51 15.25 25.38
N PHE D 295 23.94 15.86 26.47
CA PHE D 295 24.80 17.02 26.39
C PHE D 295 26.19 16.71 26.95
N PHE D 296 27.20 16.83 26.09
CA PHE D 296 28.58 16.51 26.43
C PHE D 296 29.35 17.81 26.67
N ALA D 297 29.86 17.97 27.88
CA ALA D 297 30.79 19.04 28.17
C ALA D 297 31.88 18.48 29.06
N PRO D 298 33.15 18.86 28.83
CA PRO D 298 34.21 18.38 29.72
C PRO D 298 34.02 18.82 31.15
N ASN D 299 33.30 19.91 31.38
CA ASN D 299 32.87 20.24 32.73
C ASN D 299 31.84 19.23 33.21
N MET D 300 30.90 18.87 32.33
CA MET D 300 29.95 17.81 32.66
C MET D 300 30.62 16.46 32.68
N ARG D 301 31.87 16.37 32.23
CA ARG D 301 32.63 15.14 32.41
C ARG D 301 32.89 14.89 33.89
N GLN D 302 33.27 15.93 34.62
CA GLN D 302 33.44 15.81 36.06
C GLN D 302 32.10 15.86 36.80
N THR D 303 31.27 16.84 36.48
CA THR D 303 30.06 17.06 37.27
C THR D 303 28.99 16.02 36.95
N PHE D 304 28.82 15.71 35.67
CA PHE D 304 27.85 14.70 35.27
C PHE D 304 28.24 13.32 35.76
N ASN D 305 29.55 13.01 35.80
CA ASN D 305 30.00 11.76 36.41
C ASN D 305 29.64 11.70 37.88
N ASP D 306 29.40 12.84 38.52
CA ASP D 306 28.77 12.85 39.83
C ASP D 306 27.26 12.71 39.73
N ASP D 307 26.67 13.24 38.66
CA ASP D 307 25.21 13.29 38.53
C ASP D 307 24.60 11.92 38.24
N TYR D 308 25.10 11.22 37.22
CA TYR D 308 24.45 10.02 36.68
C TYR D 308 23.00 10.29 36.32
N ARG D 309 22.74 11.48 35.81
CA ARG D 309 21.51 11.83 35.15
C ARG D 309 21.88 12.30 33.75
N ILE D 310 20.89 12.40 32.88
CA ILE D 310 21.12 12.67 31.48
C ILE D 310 20.84 14.15 31.21
N PRO D 311 21.82 14.91 30.77
CA PRO D 311 21.58 16.30 30.41
C PRO D 311 20.93 16.43 29.05
N VAL D 312 20.08 17.44 28.92
CA VAL D 312 19.38 17.73 27.67
C VAL D 312 19.34 19.23 27.51
N LEU D 313 19.62 19.72 26.32
CA LEU D 313 19.49 21.14 26.06
C LEU D 313 18.13 21.48 25.50
N ILE D 314 17.66 22.66 25.84
CA ILE D 314 16.44 23.19 25.25
C ILE D 314 16.76 24.53 24.61
N ARG D 315 16.22 24.77 23.44
CA ARG D 315 16.24 26.09 22.87
C ARG D 315 14.84 26.66 23.04
N ILE D 316 14.69 27.62 23.95
CA ILE D 316 13.42 28.33 24.06
C ILE D 316 13.42 29.46 23.04
N GLU D 317 12.44 29.45 22.16
CA GLU D 317 12.38 30.43 21.08
C GLU D 317 11.25 31.40 21.36
N PRO D 318 11.55 32.61 21.83
CA PRO D 318 10.48 33.44 22.40
C PRO D 318 9.40 33.80 21.41
N GLU D 319 9.77 34.05 20.15
CA GLU D 319 8.81 34.59 19.21
C GLU D 319 7.59 33.72 19.08
N ARG D 320 7.72 32.42 19.35
CA ARG D 320 6.61 31.51 19.18
C ARG D 320 5.39 31.98 19.98
N LEU D 321 5.61 32.69 21.07
CA LEU D 321 4.51 33.29 21.80
C LEU D 321 4.05 34.60 21.16
N LYS D 322 4.99 35.50 20.89
CA LYS D 322 4.69 36.86 20.46
C LYS D 322 5.96 37.64 20.25
N ASP D 330 13.68 40.04 29.26
CA ASP D 330 12.55 40.13 30.18
C ASP D 330 12.03 38.75 30.53
N VAL D 331 12.07 37.85 29.55
CA VAL D 331 11.53 36.51 29.74
C VAL D 331 12.24 35.80 30.88
N VAL D 332 13.54 36.02 31.02
CA VAL D 332 14.30 35.39 32.09
C VAL D 332 13.67 35.70 33.43
N GLU D 333 13.20 36.94 33.61
CA GLU D 333 12.44 37.28 34.80
C GLU D 333 11.21 36.40 34.95
N HIS D 334 10.42 36.31 33.87
CA HIS D 334 9.18 35.55 33.92
C HIS D 334 9.46 34.10 34.34
N LEU D 335 10.31 33.41 33.60
CA LEU D 335 10.52 31.99 33.86
C LEU D 335 11.25 31.77 35.18
N GLY D 336 12.36 32.47 35.38
CA GLY D 336 13.10 32.37 36.63
C GLY D 336 12.20 32.56 37.83
N GLU D 337 11.19 33.42 37.71
CA GLU D 337 10.17 33.52 38.75
C GLU D 337 9.19 32.37 38.69
N LEU D 338 9.03 31.73 37.54
CA LEU D 338 8.05 30.66 37.44
C LEU D 338 8.53 29.37 38.06
N LEU D 339 9.83 29.08 38.01
CA LEU D 339 10.30 27.85 38.65
C LEU D 339 9.92 27.85 40.12
N LYS D 340 10.19 28.95 40.81
CA LYS D 340 9.72 29.11 42.17
C LYS D 340 8.21 29.04 42.26
N ARG D 341 7.51 29.29 41.15
CA ARG D 341 6.06 29.15 41.11
C ARG D 341 5.63 27.78 40.62
N GLY D 342 6.56 26.87 40.35
CA GLY D 342 6.22 25.48 40.08
C GLY D 342 6.28 24.93 38.64
N LEU D 343 6.97 25.60 37.71
CA LEU D 343 7.23 24.95 36.44
C LEU D 343 8.15 23.75 36.62
N ARG D 344 7.89 22.70 35.86
CA ARG D 344 8.68 21.48 35.93
C ARG D 344 8.69 20.81 34.57
N GLY D 345 9.81 20.23 34.21
CA GLY D 345 9.93 19.52 32.96
C GLY D 345 9.52 18.06 33.09
N SER D 346 9.00 17.52 32.00
CA SER D 346 8.55 16.14 31.97
C SER D 346 8.68 15.61 30.55
N LEU D 347 8.62 14.31 30.41
CA LEU D 347 8.63 13.68 29.10
C LEU D 347 7.27 13.06 28.83
N LYS D 348 6.60 13.51 27.81
CA LYS D 348 5.38 12.88 27.38
C LYS D 348 5.58 12.27 26.01
N THR D 349 4.55 11.58 25.54
CA THR D 349 4.68 10.72 24.35
C THR D 349 3.69 11.17 23.29
N GLY D 350 4.19 11.73 22.20
CA GLY D 350 3.40 11.90 21.01
C GLY D 350 3.32 10.58 20.29
N ASN D 351 2.73 10.61 19.09
CA ASN D 351 2.59 9.35 18.37
C ASN D 351 1.83 8.35 19.21
N LEU D 352 2.56 7.46 19.89
CA LEU D 352 2.16 6.17 20.46
C LEU D 352 2.51 5.09 19.46
N VAL D 353 2.97 5.50 18.29
CA VAL D 353 3.60 4.60 17.33
C VAL D 353 4.90 5.24 16.88
N THR D 354 5.99 4.49 16.97
CA THR D 354 7.37 4.96 16.97
C THR D 354 7.68 5.56 18.34
N GLY D 355 6.63 5.87 19.10
CA GLY D 355 6.81 6.33 20.47
C GLY D 355 7.82 7.44 20.63
N ALA D 356 7.79 8.44 19.76
CA ALA D 356 8.67 9.56 19.97
C ALA D 356 8.23 10.33 21.22
N LEU D 357 9.17 11.05 21.80
CA LEU D 357 8.93 11.77 23.04
C LEU D 357 9.06 13.26 22.81
N TYR D 358 8.43 14.04 23.67
CA TYR D 358 8.67 15.47 23.70
C TYR D 358 8.64 15.92 25.14
N VAL D 359 8.93 17.18 25.37
CA VAL D 359 9.14 17.68 26.72
C VAL D 359 7.95 18.54 27.10
N ASP D 360 7.09 18.03 27.96
CA ASP D 360 6.00 18.82 28.48
C ASP D 360 6.49 19.68 29.61
N LEU D 361 5.89 20.84 29.76
CA LEU D 361 6.38 21.82 30.73
C LEU D 361 5.17 22.36 31.46
N ASP D 362 5.06 22.07 32.76
CA ASP D 362 3.83 22.42 33.48
C ASP D 362 3.97 22.29 34.99
N ASN D 377 25.47 24.38 35.46
CA ASN D 377 26.57 24.69 34.55
C ASN D 377 26.33 26.08 33.99
N GLY D 378 27.10 26.46 32.97
CA GLY D 378 27.00 27.81 32.44
C GLY D 378 25.60 28.18 31.99
N TYR D 379 24.82 27.19 31.57
CA TYR D 379 23.43 27.40 31.23
C TYR D 379 22.53 27.29 32.47
N GLN D 380 21.41 28.00 32.45
CA GLN D 380 20.44 27.84 33.51
C GLN D 380 19.85 26.43 33.47
N ILE D 381 19.25 26.01 34.58
CA ILE D 381 18.75 24.65 34.74
C ILE D 381 17.28 24.67 35.12
N ILE D 382 16.50 23.85 34.45
CA ILE D 382 15.08 23.65 34.77
C ILE D 382 14.96 22.31 35.49
N PRO D 383 14.28 22.24 36.62
CA PRO D 383 14.09 20.96 37.30
C PRO D 383 13.12 20.08 36.54
N THR D 384 13.14 18.79 36.88
CA THR D 384 12.40 17.78 36.15
C THR D 384 11.61 16.91 37.09
N VAL D 385 10.29 16.95 36.98
CA VAL D 385 9.46 15.96 37.64
C VAL D 385 9.51 14.66 36.87
N SER D 386 9.56 13.55 37.60
CA SER D 386 9.58 12.25 36.95
C SER D 386 8.27 12.04 36.19
N GLY D 387 8.33 11.17 35.19
CA GLY D 387 7.17 10.92 34.36
C GLY D 387 6.05 10.38 35.23
N GLY D 388 4.85 10.88 34.99
CA GLY D 388 3.71 10.44 35.77
C GLY D 388 3.44 8.96 35.56
N LEU D 389 3.51 8.51 34.31
CA LEU D 389 3.25 7.10 34.01
C LEU D 389 4.28 6.22 34.68
N ALA D 390 5.54 6.62 34.61
CA ALA D 390 6.61 5.85 35.23
C ALA D 390 6.43 5.80 36.74
N GLN D 391 6.04 6.94 37.31
CA GLN D 391 5.85 7.01 38.75
C GLN D 391 4.74 6.05 39.14
N ILE D 392 3.68 6.04 38.34
CA ILE D 392 2.57 5.15 38.57
C ILE D 392 3.00 3.69 38.43
N GLN D 393 3.86 3.42 37.45
CA GLN D 393 4.26 2.03 37.23
C GLN D 393 5.19 1.56 38.33
N GLN D 394 5.72 2.51 39.10
CA GLN D 394 6.87 2.24 39.93
C GLN D 394 6.45 2.04 41.35
N ARG D 395 5.89 3.08 41.98
CA ARG D 395 5.15 2.86 43.21
C ARG D 395 4.18 1.72 43.01
N LEU D 396 3.64 1.61 41.79
CA LEU D 396 2.82 0.47 41.44
C LEU D 396 3.57 -0.81 41.67
N MET D 397 4.70 -0.98 40.99
CA MET D 397 5.49 -2.17 41.20
C MET D 397 5.88 -2.30 42.66
N GLU D 398 5.82 -1.19 43.39
CA GLU D 398 6.42 -1.13 44.70
C GLU D 398 5.49 -1.69 45.74
N ALA D 399 4.43 -0.95 46.07
CA ALA D 399 3.40 -1.51 46.91
C ALA D 399 2.91 -2.83 46.36
N LEU D 400 3.11 -3.06 45.06
CA LEU D 400 2.96 -4.40 44.53
C LEU D 400 3.83 -5.39 45.27
N ASP D 401 5.14 -5.14 45.30
CA ASP D 401 6.01 -6.00 46.08
C ASP D 401 5.56 -6.08 47.52
N LYS D 402 5.32 -4.93 48.15
CA LYS D 402 4.88 -4.91 49.54
C LYS D 402 3.63 -5.75 49.72
N ILE D 403 2.85 -5.93 48.65
CA ILE D 403 1.69 -6.79 48.72
C ILE D 403 2.11 -8.24 48.67
N ASN D 404 3.05 -8.56 47.78
CA ASN D 404 3.66 -9.88 47.85
C ASN D 404 4.16 -10.16 49.26
N LYS D 405 4.50 -9.10 50.00
CA LYS D 405 4.91 -9.25 51.38
C LYS D 405 3.76 -9.74 52.25
N LEU D 406 2.58 -9.85 51.68
CA LEU D 406 1.49 -10.50 52.37
C LEU D 406 1.28 -11.90 51.80
N UNK D 407 -0.17 -13.67 59.24
CA UNK D 407 -0.94 -13.07 58.16
C UNK D 407 -2.26 -13.78 58.02
N UNK D 408 -2.57 -14.16 56.77
CA UNK D 408 -3.74 -14.99 56.52
C UNK D 408 -3.78 -16.14 57.50
N UNK D 409 -2.63 -16.75 57.76
CA UNK D 409 -2.52 -17.66 58.86
C UNK D 409 -2.98 -17.03 60.16
N UNK D 410 -2.24 -16.01 60.63
CA UNK D 410 -2.55 -15.38 61.90
C UNK D 410 -4.02 -15.05 61.98
N UNK D 411 -4.60 -14.60 60.86
CA UNK D 411 -6.03 -14.39 60.80
C UNK D 411 -6.80 -15.66 61.13
N UNK D 412 -6.54 -16.74 60.39
CA UNK D 412 -7.26 -17.99 60.61
C UNK D 412 -7.19 -18.39 62.08
N UNK D 413 -6.06 -18.14 62.72
CA UNK D 413 -5.96 -18.38 64.16
C UNK D 413 -6.95 -17.54 64.93
N UNK D 414 -6.94 -16.22 64.67
CA UNK D 414 -7.86 -15.34 65.37
C UNK D 414 -9.29 -15.87 65.30
N UNK D 415 -9.73 -16.28 64.10
CA UNK D 415 -11.08 -16.80 63.96
C UNK D 415 -11.36 -17.90 64.98
N UNK D 416 -10.43 -18.83 65.11
CA UNK D 416 -10.56 -19.86 66.10
C UNK D 416 -10.72 -19.27 67.49
N UNK D 417 -9.74 -18.45 67.91
CA UNK D 417 -9.81 -17.85 69.22
C UNK D 417 -11.18 -17.27 69.45
N UNK D 418 -11.75 -16.66 68.42
CA UNK D 418 -13.10 -16.17 68.48
C UNK D 418 -14.07 -17.28 68.84
N UNK D 419 -14.34 -18.20 67.91
CA UNK D 419 -15.40 -19.16 68.15
C UNK D 419 -15.26 -19.82 69.52
N UNK D 420 -14.04 -20.22 69.86
CA UNK D 420 -13.78 -20.72 71.20
C UNK D 420 -14.35 -19.77 72.24
N UNK D 421 -14.00 -18.50 72.12
CA UNK D 421 -14.57 -17.51 73.01
C UNK D 421 -16.08 -17.56 72.98
N UNK D 422 -16.68 -17.61 71.78
CA UNK D 422 -18.13 -17.57 71.67
C UNK D 422 -18.76 -18.61 72.58
N UNK D 423 -18.32 -19.85 72.43
CA UNK D 423 -18.79 -20.90 73.33
C UNK D 423 -18.57 -20.50 74.79
N UNK D 424 -17.35 -20.13 75.12
CA UNK D 424 -17.04 -19.77 76.49
C UNK D 424 -18.06 -18.78 77.05
N UNK D 425 -18.31 -17.71 76.31
CA UNK D 425 -19.23 -16.68 76.75
C UNK D 425 -20.61 -17.25 76.97
N UNK D 426 -21.06 -18.13 76.08
CA UNK D 426 -22.32 -18.81 76.34
C UNK D 426 -22.32 -19.41 77.73
N UNK D 427 -21.31 -20.22 78.04
CA UNK D 427 -21.18 -20.74 79.40
C UNK D 427 -21.31 -19.62 80.42
N UNK D 428 -20.63 -18.50 80.16
CA UNK D 428 -20.66 -17.41 81.11
C UNK D 428 -22.08 -16.97 81.39
N UNK D 429 -22.71 -16.49 80.32
CA UNK D 429 -24.06 -15.96 80.29
C UNK D 429 -24.98 -17.00 80.89
N UNK D 430 -24.71 -18.29 80.71
CA UNK D 430 -25.53 -19.30 81.38
C UNK D 430 -25.26 -19.01 82.88
N UNK D 431 -23.99 -18.72 83.16
CA UNK D 431 -23.48 -18.36 84.46
C UNK D 431 -24.16 -17.04 84.85
N UNK D 432 -24.38 -16.19 83.87
CA UNK D 432 -25.04 -14.89 84.06
C UNK D 432 -26.47 -15.08 84.56
N UNK D 433 -27.15 -16.07 84.00
CA UNK D 433 -28.52 -16.47 84.35
C UNK D 433 -28.49 -16.99 85.77
N UNK D 434 -27.42 -17.73 86.08
CA UNK D 434 -27.26 -18.26 87.44
C UNK D 434 -27.13 -17.08 88.40
N UNK D 435 -26.41 -16.05 87.96
CA UNK D 435 -26.19 -14.80 88.69
C UNK D 435 -27.49 -14.05 88.91
N UNK D 436 -28.35 -14.10 87.90
CA UNK D 436 -29.67 -13.49 87.94
C UNK D 436 -30.52 -14.21 88.98
N UNK D 437 -30.37 -15.54 89.01
CA UNK D 437 -31.08 -16.38 89.96
C UNK D 437 -30.60 -15.91 91.32
N UNK D 438 -29.30 -15.63 91.39
CA UNK D 438 -28.69 -15.10 92.59
C UNK D 438 -29.41 -13.78 92.79
N UNK D 439 -29.63 -13.04 91.69
CA UNK D 439 -30.41 -11.81 91.82
C UNK D 439 -31.61 -12.01 92.72
N UNK D 440 -11.13 10.35 10.85
CA UNK D 440 -11.33 11.51 10.02
C UNK D 440 -10.09 11.78 9.17
N UNK D 441 -9.27 10.75 8.96
CA UNK D 441 -8.00 10.87 8.25
C UNK D 441 -8.26 10.85 6.74
N UNK D 442 -7.76 11.87 6.04
CA UNK D 442 -7.98 11.96 4.60
C UNK D 442 -6.66 12.17 3.89
N UNK D 443 -6.22 11.16 3.13
CA UNK D 443 -5.01 11.24 2.32
C UNK D 443 -5.39 11.54 0.89
N UNK D 444 -5.07 12.75 0.43
CA UNK D 444 -5.38 13.18 -0.91
C UNK D 444 -4.14 13.07 -1.75
N UNK D 445 -4.11 12.10 -2.65
CA UNK D 445 -2.93 11.83 -3.45
C UNK D 445 -3.01 12.65 -4.71
N UNK D 446 -2.15 13.66 -4.81
CA UNK D 446 -2.17 14.55 -5.95
C UNK D 446 -1.57 13.83 -7.14
N UNK D 447 -2.36 13.73 -8.21
CA UNK D 447 -1.92 13.07 -9.43
C UNK D 447 -1.58 14.09 -10.48
N UNK D 448 -1.28 13.59 -11.68
CA UNK D 448 -0.78 14.37 -12.79
C UNK D 448 0.64 14.81 -12.50
N UNK D 449 10.62 17.33 -16.73
CA UNK D 449 10.41 16.35 -17.79
C UNK D 449 9.03 16.47 -18.39
N UNK D 450 8.88 17.38 -19.34
CA UNK D 450 7.65 17.47 -20.12
C UNK D 450 8.00 17.03 -21.54
N UNK D 451 7.00 16.95 -22.41
CA UNK D 451 7.16 16.30 -23.71
C UNK D 451 7.32 17.35 -24.80
N UNK D 452 8.15 17.05 -25.78
CA UNK D 452 8.42 17.96 -26.88
C UNK D 452 7.89 17.36 -28.17
N UNK D 453 7.70 18.20 -29.17
CA UNK D 453 6.91 17.85 -30.34
C UNK D 453 7.50 18.48 -31.59
N GLY E 17 44.30 7.44 -49.01
CA GLY E 17 44.69 7.88 -47.69
C GLY E 17 45.06 6.73 -46.76
N PRO E 18 45.42 7.06 -45.52
CA PRO E 18 45.85 6.03 -44.57
C PRO E 18 44.73 5.04 -44.30
N GLU E 19 45.13 3.80 -44.06
CA GLU E 19 44.16 2.73 -43.85
C GLU E 19 44.62 1.85 -42.69
N VAL E 20 43.67 1.47 -41.85
CA VAL E 20 43.94 0.87 -40.57
C VAL E 20 43.19 -0.45 -40.47
N THR E 21 43.74 -1.38 -39.71
CA THR E 21 43.07 -2.64 -39.40
C THR E 21 42.59 -2.63 -37.97
N LEU E 22 41.46 -3.31 -37.73
CA LEU E 22 40.86 -3.40 -36.42
C LEU E 22 40.53 -4.86 -36.13
N ILE E 23 40.38 -5.17 -34.85
CA ILE E 23 40.11 -6.54 -34.41
C ILE E 23 39.00 -6.55 -33.39
N THR E 24 38.05 -7.47 -33.53
CA THR E 24 37.02 -7.67 -32.52
C THR E 24 36.76 -9.15 -32.33
N ALA E 25 36.04 -9.48 -31.27
CA ALA E 25 35.52 -10.83 -31.13
C ALA E 25 34.23 -11.00 -31.91
N ASN E 26 33.41 -9.96 -31.97
CA ASN E 26 32.15 -10.03 -32.66
C ASN E 26 31.90 -8.70 -33.35
N ALA E 27 31.44 -8.75 -34.58
CA ALA E 27 31.41 -7.57 -35.44
C ALA E 27 30.09 -6.86 -35.44
N GLU E 28 29.09 -7.36 -34.72
CA GLU E 28 27.82 -6.66 -34.59
C GLU E 28 27.26 -6.25 -35.94
N GLY E 29 26.70 -5.05 -36.02
CA GLY E 29 26.01 -4.65 -37.22
C GLY E 29 26.87 -3.92 -38.21
N ILE E 30 28.19 -4.09 -38.13
CA ILE E 30 29.07 -3.36 -39.02
C ILE E 30 28.98 -3.98 -40.41
N GLU E 31 28.60 -3.18 -41.39
CA GLU E 31 28.45 -3.63 -42.76
C GLU E 31 29.50 -2.97 -43.64
N GLY E 32 30.12 -3.78 -44.49
CA GLY E 32 31.18 -3.28 -45.35
C GLY E 32 30.80 -2.11 -46.21
N GLY E 33 31.55 -1.03 -46.10
CA GLY E 33 31.38 0.12 -46.95
C GLY E 33 30.28 1.08 -46.54
N LYS E 34 29.30 0.64 -45.75
CA LYS E 34 28.25 1.55 -45.31
C LYS E 34 28.49 2.17 -43.94
N THR E 35 29.44 1.69 -43.15
CA THR E 35 29.65 2.18 -41.80
C THR E 35 30.84 3.11 -41.81
N THR E 36 30.66 4.32 -41.34
CA THR E 36 31.61 5.38 -41.57
C THR E 36 32.28 5.77 -40.26
N ILE E 37 33.56 5.44 -40.14
CA ILE E 37 34.30 5.85 -38.96
C ILE E 37 34.27 7.35 -38.85
N LYS E 38 33.90 7.87 -37.69
CA LYS E 38 33.86 9.31 -37.51
C LYS E 38 34.12 9.65 -36.05
N SER E 39 34.85 10.75 -35.83
CA SER E 39 35.09 11.27 -34.50
C SER E 39 34.33 12.57 -34.35
N ARG E 40 33.70 12.74 -33.18
CA ARG E 40 32.86 13.90 -32.95
C ARG E 40 31.87 14.07 -34.09
N SER E 41 31.32 12.94 -34.53
CA SER E 41 30.27 12.93 -35.53
C SER E 41 30.68 13.72 -36.77
N VAL E 42 31.92 13.52 -37.20
CA VAL E 42 32.42 14.10 -38.44
C VAL E 42 33.15 13.00 -39.18
N ASP E 43 32.79 12.77 -40.43
CA ASP E 43 33.22 11.54 -41.07
C ASP E 43 34.70 11.60 -41.40
N VAL E 44 35.47 10.70 -40.80
CA VAL E 44 36.89 10.60 -41.07
C VAL E 44 37.24 9.46 -42.01
N GLY E 45 36.27 8.65 -42.40
CA GLY E 45 36.58 7.53 -43.25
C GLY E 45 35.55 6.43 -43.12
N VAL E 46 35.75 5.38 -43.91
CA VAL E 46 34.77 4.32 -44.10
C VAL E 46 35.41 2.98 -43.84
N VAL E 47 34.70 2.12 -43.10
CA VAL E 47 35.10 0.73 -43.00
C VAL E 47 35.05 0.10 -44.38
N GLU E 48 36.16 -0.46 -44.83
CA GLU E 48 36.11 -1.09 -46.13
C GLU E 48 35.42 -2.44 -46.08
N SER E 49 35.89 -3.33 -45.22
CA SER E 49 35.37 -4.70 -45.27
C SER E 49 35.64 -5.43 -43.96
N ALA E 50 34.89 -6.50 -43.76
CA ALA E 50 35.06 -7.35 -42.58
C ALA E 50 35.37 -8.76 -43.03
N THR E 51 36.32 -9.40 -42.36
CA THR E 51 36.75 -10.74 -42.75
C THR E 51 37.09 -11.55 -41.51
N LEU E 52 36.65 -12.79 -41.47
CA LEU E 52 37.01 -13.67 -40.37
C LEU E 52 38.51 -13.89 -40.32
N ALA E 53 39.02 -14.08 -39.11
CA ALA E 53 40.41 -14.47 -39.01
C ALA E 53 40.55 -15.94 -39.37
N ASP E 54 41.76 -16.31 -39.78
CA ASP E 54 42.03 -17.69 -40.14
C ASP E 54 41.91 -18.61 -38.95
N ASP E 55 41.88 -18.06 -37.74
CA ASP E 55 41.64 -18.83 -36.54
C ASP E 55 40.17 -18.87 -36.16
N LEU E 56 39.32 -18.13 -36.85
CA LEU E 56 37.89 -18.12 -36.60
C LEU E 56 37.58 -17.56 -35.23
N THR E 57 38.61 -17.29 -34.44
CA THR E 57 38.38 -16.82 -33.08
C THR E 57 38.07 -15.34 -33.04
N HIS E 58 38.60 -14.54 -33.96
CA HIS E 58 38.33 -13.11 -33.97
C HIS E 58 38.10 -12.66 -35.39
N VAL E 59 37.65 -11.42 -35.53
CA VAL E 59 37.28 -10.86 -36.82
C VAL E 59 38.12 -9.62 -37.08
N GLU E 60 38.59 -9.49 -38.30
CA GLU E 60 39.36 -8.36 -38.76
C GLU E 60 38.47 -7.40 -39.53
N ILE E 61 38.76 -6.11 -39.40
CA ILE E 61 38.01 -5.08 -40.07
C ILE E 61 38.99 -4.14 -40.74
N LYS E 62 38.96 -4.08 -42.07
CA LYS E 62 39.83 -3.19 -42.82
C LYS E 62 39.09 -1.89 -43.09
N ALA E 63 39.67 -0.78 -42.64
CA ALA E 63 39.04 0.53 -42.73
C ALA E 63 39.98 1.52 -43.41
N ARG E 64 39.40 2.48 -44.09
CA ARG E 64 40.15 3.49 -44.83
C ARG E 64 39.77 4.87 -44.30
N LEU E 65 40.70 5.54 -43.65
CA LEU E 65 40.50 6.92 -43.23
C LEU E 65 40.62 7.87 -44.40
N ASN E 66 40.12 9.09 -44.20
CA ASN E 66 40.20 10.11 -45.22
C ASN E 66 41.64 10.49 -45.50
N SER E 67 41.84 11.14 -46.64
CA SER E 67 43.17 11.36 -47.20
C SER E 67 44.08 12.11 -46.23
N GLY E 68 43.69 13.32 -45.85
CA GLY E 68 44.61 14.15 -45.10
C GLY E 68 44.73 13.84 -43.64
N MET E 69 44.01 12.85 -43.14
CA MET E 69 43.84 12.67 -41.71
C MET E 69 44.82 11.69 -41.09
N GLU E 70 45.85 11.26 -41.82
CA GLU E 70 46.82 10.32 -41.27
C GLU E 70 47.40 10.79 -39.94
N LYS E 71 47.26 12.08 -39.62
CA LYS E 71 47.74 12.59 -38.35
C LYS E 71 47.04 11.97 -37.15
N LEU E 72 46.01 11.18 -37.37
CA LEU E 72 45.07 10.88 -36.30
C LEU E 72 45.38 9.57 -35.56
N LEU E 73 46.29 8.75 -36.05
CA LEU E 73 46.57 7.41 -35.49
C LEU E 73 47.03 7.42 -34.03
N HIS E 74 48.22 7.94 -33.76
CA HIS E 74 48.65 8.31 -32.41
C HIS E 74 48.83 7.20 -31.37
N LYS E 75 48.45 5.96 -31.67
CA LYS E 75 48.74 4.81 -30.81
C LYS E 75 48.01 4.84 -29.48
N ASP E 76 47.48 5.98 -29.09
CA ASP E 76 46.61 6.06 -27.93
C ASP E 76 45.13 6.07 -28.32
N THR E 77 44.83 6.11 -29.61
CA THR E 77 43.45 6.23 -30.05
C THR E 77 42.65 5.01 -29.64
N VAL E 78 41.36 5.22 -29.45
CA VAL E 78 40.47 4.16 -29.01
C VAL E 78 39.26 4.15 -29.92
N PHE E 79 38.99 3.01 -30.54
CA PHE E 79 37.80 2.85 -31.36
C PHE E 79 36.71 2.16 -30.57
N TRP E 80 35.48 2.64 -30.73
CA TRP E 80 34.38 1.87 -30.15
C TRP E 80 33.16 1.98 -31.05
N VAL E 81 32.38 0.93 -31.06
CA VAL E 81 31.17 0.90 -31.88
C VAL E 81 30.06 1.62 -31.16
N VAL E 82 29.35 2.48 -31.87
CA VAL E 82 28.11 3.06 -31.37
C VAL E 82 26.98 2.14 -31.80
N LYS E 83 26.29 1.56 -30.84
CA LYS E 83 25.45 0.42 -31.15
C LYS E 83 24.03 0.68 -30.68
N PRO E 84 23.04 0.00 -31.22
CA PRO E 84 21.67 0.10 -30.69
C PRO E 84 21.42 -0.83 -29.51
N GLN E 85 22.32 -0.79 -28.52
CA GLN E 85 22.21 -1.70 -27.40
C GLN E 85 21.13 -1.24 -26.44
N ILE E 86 20.44 -2.21 -25.85
CA ILE E 86 19.44 -1.93 -24.82
C ILE E 86 19.40 -3.14 -23.91
N GLY E 87 19.10 -2.92 -22.65
CA GLY E 87 19.09 -3.99 -21.68
C GLY E 87 19.35 -3.47 -20.29
N ARG E 88 19.91 -4.34 -19.46
CA ARG E 88 20.24 -3.94 -18.09
C ARG E 88 21.31 -2.86 -18.04
N GLU E 89 22.46 -3.09 -18.66
CA GLU E 89 23.61 -2.22 -18.47
C GLU E 89 23.42 -0.82 -19.02
N GLY E 90 22.34 -0.54 -19.74
CA GLY E 90 22.06 0.79 -20.22
C GLY E 90 21.20 0.74 -21.46
N ILE E 91 20.94 1.94 -22.01
CA ILE E 91 20.18 2.07 -23.24
C ILE E 91 20.95 3.00 -24.18
N SER E 92 21.28 2.51 -25.37
CA SER E 92 22.14 3.25 -26.29
C SER E 92 21.70 3.02 -27.72
N GLY E 93 21.62 4.09 -28.51
CA GLY E 93 21.14 3.94 -29.87
C GLY E 93 20.59 5.25 -30.42
N LEU E 94 19.68 5.10 -31.38
CA LEU E 94 18.97 6.15 -32.13
C LEU E 94 19.80 6.82 -33.22
N GLY E 95 21.11 6.71 -33.17
CA GLY E 95 21.89 7.11 -34.32
C GLY E 95 21.98 5.90 -35.18
N THR E 96 21.80 4.77 -34.51
CA THR E 96 21.91 3.47 -35.13
C THR E 96 20.65 3.11 -35.90
N LEU E 97 19.48 3.38 -35.33
CA LEU E 97 18.24 3.08 -36.02
C LEU E 97 18.02 3.93 -37.24
N LEU E 98 18.87 4.93 -37.47
CA LEU E 98 18.76 5.76 -38.66
C LEU E 98 20.04 5.74 -39.48
N SER E 99 21.16 6.19 -38.91
CA SER E 99 22.41 6.24 -39.65
C SER E 99 23.19 4.94 -39.64
N GLY E 100 22.70 3.91 -38.94
CA GLY E 100 23.31 2.60 -39.06
C GLY E 100 24.70 2.37 -38.49
N VAL E 101 24.87 2.58 -37.19
CA VAL E 101 25.99 2.01 -36.45
C VAL E 101 27.32 2.51 -36.98
N TYR E 102 27.64 3.76 -36.71
CA TYR E 102 28.96 4.27 -37.05
C TYR E 102 29.97 3.88 -35.99
N ILE E 103 31.23 3.80 -36.38
CA ILE E 103 32.33 3.57 -35.45
C ILE E 103 32.92 4.91 -35.05
N GLU E 104 33.15 5.10 -33.76
CA GLU E 104 33.79 6.31 -33.29
C GLU E 104 35.26 6.08 -32.98
N LEU E 105 36.03 7.13 -33.22
CA LEU E 105 37.48 7.11 -33.10
C LEU E 105 37.91 8.24 -32.17
N GLN E 106 38.42 7.89 -31.02
CA GLN E 106 38.91 8.90 -30.11
C GLN E 106 40.40 9.10 -30.30
N PRO E 107 40.84 10.27 -30.71
CA PRO E 107 42.26 10.52 -30.94
C PRO E 107 43.02 10.64 -29.62
N GLY E 108 44.34 10.61 -29.75
CA GLY E 108 45.21 10.78 -28.60
C GLY E 108 46.46 11.54 -29.01
N ALA E 109 47.20 11.98 -28.01
CA ALA E 109 48.45 12.69 -28.22
C ALA E 109 49.70 11.82 -28.05
N LYS E 110 49.55 10.56 -27.69
CA LYS E 110 50.69 9.85 -27.11
C LYS E 110 51.67 9.32 -28.14
N GLY E 111 51.32 8.24 -28.84
CA GLY E 111 52.28 7.43 -29.55
C GLY E 111 52.23 7.58 -31.05
N SER E 112 52.79 6.59 -31.74
CA SER E 112 52.95 6.57 -33.18
C SER E 112 51.74 5.89 -33.82
N LYS E 113 51.86 5.49 -35.09
CA LYS E 113 50.79 4.73 -35.72
C LYS E 113 50.43 3.50 -34.91
N MET E 114 51.42 2.67 -34.58
CA MET E 114 51.24 1.47 -33.75
C MET E 114 50.07 0.64 -34.24
N ASP E 115 50.10 0.29 -35.52
CA ASP E 115 48.92 -0.20 -36.21
C ASP E 115 48.56 -1.61 -35.75
N LYS E 116 47.48 -2.14 -36.34
CA LYS E 116 46.75 -3.31 -35.85
C LYS E 116 46.17 -3.04 -34.46
N TYR E 117 45.19 -2.14 -34.45
CA TYR E 117 44.50 -1.75 -33.23
C TYR E 117 43.50 -2.82 -32.81
N ASP E 118 42.66 -2.49 -31.83
CA ASP E 118 41.54 -3.33 -31.47
C ASP E 118 40.33 -2.46 -31.23
N LEU E 119 39.17 -2.99 -31.58
CA LEU E 119 37.91 -2.26 -31.50
C LEU E 119 37.14 -2.66 -30.27
N LEU E 120 36.54 -1.69 -29.60
CA LEU E 120 35.85 -1.92 -28.36
C LEU E 120 34.36 -1.73 -28.54
N ASP E 121 33.59 -2.63 -27.97
CA ASP E 121 32.18 -2.40 -27.79
C ASP E 121 32.01 -1.57 -26.53
N SER E 122 31.02 -0.71 -26.54
CA SER E 122 30.71 0.26 -25.48
C SER E 122 31.78 1.35 -25.43
N PRO E 123 31.39 2.57 -25.07
CA PRO E 123 32.31 3.70 -25.09
C PRO E 123 33.06 3.84 -23.78
N PRO E 124 34.25 3.27 -23.66
CA PRO E 124 34.99 3.37 -22.40
C PRO E 124 35.09 4.81 -21.93
N LEU E 125 34.78 5.02 -20.66
CA LEU E 125 34.77 6.33 -20.03
C LEU E 125 36.05 6.70 -19.29
N ALA E 126 36.98 5.77 -19.10
CA ALA E 126 38.22 6.05 -18.40
C ALA E 126 39.40 5.30 -19.02
N PRO E 127 40.60 5.91 -19.07
CA PRO E 127 41.11 7.27 -18.86
C PRO E 127 41.26 8.18 -20.09
N PRO E 128 40.19 8.81 -20.60
CA PRO E 128 40.41 9.78 -21.68
C PRO E 128 41.26 10.95 -21.24
N ASP E 129 40.94 11.56 -20.10
CA ASP E 129 41.72 12.67 -19.55
C ASP E 129 42.68 12.26 -18.44
N ALA E 130 42.63 11.02 -17.98
CA ALA E 130 43.57 10.51 -16.98
C ALA E 130 43.47 11.22 -15.64
N LYS E 131 42.69 12.29 -15.55
CA LYS E 131 42.56 13.05 -14.32
C LYS E 131 41.56 12.38 -13.38
N GLY E 132 41.70 12.64 -12.09
CA GLY E 132 40.80 12.12 -11.08
C GLY E 132 41.43 11.02 -10.25
N ILE E 133 40.61 10.43 -9.38
CA ILE E 133 41.06 9.42 -8.44
C ILE E 133 40.38 8.11 -8.79
N ARG E 134 41.00 7.00 -8.39
CA ARG E 134 40.42 5.69 -8.58
C ARG E 134 40.45 4.95 -7.25
N VAL E 135 39.31 4.42 -6.84
CA VAL E 135 39.16 3.81 -5.53
C VAL E 135 38.76 2.36 -5.74
N ILE E 136 38.97 1.55 -4.72
CA ILE E 136 38.62 0.13 -4.79
C ILE E 136 37.63 -0.17 -3.67
N LEU E 137 36.73 -1.12 -3.92
CA LEU E 137 35.73 -1.49 -2.94
C LEU E 137 35.66 -3.00 -2.77
N ASP E 138 35.02 -3.41 -1.67
CA ASP E 138 34.64 -4.79 -1.43
C ASP E 138 33.19 -4.80 -1.00
N SER E 139 32.56 -5.97 -1.03
CA SER E 139 31.20 -6.06 -0.50
C SER E 139 30.87 -7.50 -0.21
N LYS E 140 29.80 -7.69 0.57
CA LYS E 140 29.28 -9.03 0.80
C LYS E 140 28.40 -9.49 -0.36
N LYS E 141 27.57 -8.61 -0.90
CA LYS E 141 26.60 -8.99 -1.91
C LYS E 141 26.81 -8.20 -3.19
N ALA E 142 26.56 -8.85 -4.33
CA ALA E 142 26.70 -8.20 -5.63
C ALA E 142 25.72 -7.07 -5.77
N GLY E 143 24.42 -7.38 -5.71
CA GLY E 143 23.43 -6.37 -5.47
C GLY E 143 23.44 -5.17 -6.37
N GLN E 144 23.65 -4.03 -5.73
CA GLN E 144 23.37 -2.71 -6.26
C GLN E 144 24.46 -2.15 -7.15
N LEU E 145 25.49 -2.91 -7.46
CA LEU E 145 26.64 -2.32 -8.11
C LEU E 145 26.84 -2.99 -9.46
N SER E 146 26.68 -2.23 -10.54
CA SER E 146 26.99 -2.69 -11.88
C SER E 146 27.57 -1.53 -12.67
N PRO E 147 28.57 -1.79 -13.52
CA PRO E 147 29.34 -0.69 -14.12
C PRO E 147 28.43 0.27 -14.87
N GLY E 148 28.82 1.53 -14.85
CA GLY E 148 27.98 2.60 -15.34
C GLY E 148 27.13 3.27 -14.28
N ASP E 149 26.85 2.60 -13.18
CA ASP E 149 26.05 3.20 -12.13
C ASP E 149 26.82 4.34 -11.48
N PRO E 150 26.21 5.49 -11.28
CA PRO E 150 26.96 6.67 -10.86
C PRO E 150 27.29 6.67 -9.38
N VAL E 151 28.37 7.38 -9.05
CA VAL E 151 28.81 7.57 -7.67
C VAL E 151 28.40 8.95 -7.22
N LEU E 152 27.57 9.01 -6.20
CA LEU E 152 26.95 10.25 -5.76
C LEU E 152 27.59 10.76 -4.49
N PHE E 153 27.72 12.07 -4.36
CA PHE E 153 28.10 12.72 -3.13
C PHE E 153 26.97 13.64 -2.74
N ARG E 154 26.28 13.33 -1.65
CA ARG E 154 25.09 14.08 -1.27
C ARG E 154 24.19 14.28 -2.48
N GLY E 155 24.01 13.21 -3.25
CA GLY E 155 23.12 13.23 -4.39
C GLY E 155 23.72 13.77 -5.66
N TYR E 156 24.82 14.51 -5.60
CA TYR E 156 25.40 15.14 -6.78
C TYR E 156 26.47 14.23 -7.37
N ARG E 157 26.39 13.97 -8.67
CA ARG E 157 27.16 12.89 -9.24
C ARG E 157 28.60 13.32 -9.45
N VAL E 158 29.53 12.69 -8.72
CA VAL E 158 30.94 13.04 -8.85
C VAL E 158 31.72 12.04 -9.69
N GLY E 159 31.11 10.96 -10.11
CA GLY E 159 31.88 9.96 -10.82
C GLY E 159 31.12 8.67 -10.93
N SER E 160 31.73 7.71 -11.61
CA SER E 160 31.01 6.52 -12.01
C SER E 160 31.85 5.29 -11.74
N VAL E 161 31.19 4.14 -11.81
CA VAL E 161 31.85 2.87 -11.49
C VAL E 161 32.66 2.41 -12.69
N GLU E 162 33.97 2.27 -12.50
CA GLU E 162 34.79 1.85 -13.63
C GLU E 162 34.59 0.37 -13.93
N THR E 163 34.81 -0.50 -12.95
CA THR E 163 34.68 -1.93 -13.22
C THR E 163 34.18 -2.68 -11.99
N SER E 164 33.69 -3.89 -12.22
CA SER E 164 33.27 -4.79 -11.15
C SER E 164 33.96 -6.13 -11.36
N THR E 165 34.84 -6.48 -10.44
CA THR E 165 35.59 -7.74 -10.52
C THR E 165 35.11 -8.67 -9.43
N PHE E 166 34.86 -9.92 -9.79
CA PHE E 166 34.55 -10.94 -8.80
C PHE E 166 35.84 -11.65 -8.43
N ASP E 167 35.93 -12.07 -7.18
CA ASP E 167 37.05 -12.88 -6.73
C ASP E 167 36.50 -14.23 -6.31
N THR E 168 36.92 -15.28 -7.03
CA THR E 168 36.44 -16.62 -6.73
C THR E 168 36.83 -17.01 -5.30
N GLN E 169 38.13 -17.02 -5.01
CA GLN E 169 38.59 -17.53 -3.74
C GLN E 169 38.06 -16.70 -2.59
N LYS E 170 38.33 -15.39 -2.60
CA LYS E 170 37.97 -14.57 -1.46
C LYS E 170 36.47 -14.46 -1.27
N ARG E 171 35.68 -14.78 -2.28
CA ARG E 171 34.23 -14.68 -2.23
C ARG E 171 33.75 -13.26 -1.99
N ASN E 172 34.58 -12.27 -2.31
CA ASN E 172 34.20 -10.87 -2.22
C ASN E 172 34.39 -10.18 -3.54
N ILE E 173 33.50 -9.22 -3.80
CA ILE E 173 33.41 -8.56 -5.10
C ILE E 173 34.10 -7.22 -5.00
N SER E 174 35.26 -7.09 -5.61
CA SER E 174 36.00 -5.84 -5.53
C SER E 174 35.64 -4.97 -6.72
N TYR E 175 35.44 -3.68 -6.46
CA TYR E 175 35.06 -2.75 -7.50
C TYR E 175 36.14 -1.71 -7.68
N GLN E 176 36.12 -1.06 -8.83
CA GLN E 176 37.00 0.06 -9.10
C GLN E 176 36.14 1.24 -9.52
N LEU E 177 36.18 2.29 -8.72
CA LEU E 177 35.43 3.52 -8.93
C LEU E 177 36.35 4.59 -9.46
N PHE E 178 35.78 5.51 -10.23
CA PHE E 178 36.52 6.60 -10.81
C PHE E 178 35.84 7.91 -10.45
N ILE E 179 36.54 8.74 -9.69
CA ILE E 179 36.05 10.03 -9.26
C ILE E 179 36.67 11.11 -10.13
N ASN E 180 35.85 12.01 -10.65
CA ASN E 180 36.31 13.03 -11.58
C ASN E 180 37.23 14.03 -10.90
N ALA E 181 37.94 14.78 -11.73
CA ALA E 181 39.10 15.55 -11.28
C ALA E 181 38.77 16.62 -10.24
N PRO E 182 37.89 17.58 -10.51
CA PRO E 182 37.68 18.65 -9.52
C PRO E 182 37.10 18.14 -8.22
N TYR E 183 36.47 16.96 -8.23
CA TYR E 183 35.89 16.40 -7.03
C TYR E 183 36.83 15.40 -6.37
N ASP E 184 38.01 15.19 -6.93
CA ASP E 184 38.98 14.29 -6.32
C ASP E 184 39.27 14.69 -4.89
N ARG E 185 39.31 15.99 -4.62
CA ARG E 185 39.69 16.48 -3.30
C ARG E 185 38.69 16.09 -2.23
N LEU E 186 37.57 15.48 -2.59
CA LEU E 186 36.54 15.19 -1.60
C LEU E 186 36.77 13.89 -0.85
N VAL E 187 37.63 13.00 -1.32
CA VAL E 187 37.71 11.69 -0.71
C VAL E 187 38.79 11.75 0.36
N THR E 188 38.38 11.86 1.60
CA THR E 188 39.24 11.82 2.76
C THR E 188 39.42 10.40 3.25
N ASN E 189 40.45 10.21 4.07
CA ASN E 189 40.57 8.97 4.83
C ASN E 189 39.26 8.56 5.46
N ASN E 190 38.52 9.53 5.98
CA ASN E 190 37.36 9.20 6.79
C ASN E 190 36.10 9.02 5.98
N VAL E 191 36.08 9.42 4.71
CA VAL E 191 34.90 9.22 3.89
C VAL E 191 34.57 7.75 3.81
N ARG E 192 33.28 7.44 3.85
CA ARG E 192 32.86 6.05 3.70
C ARG E 192 31.67 5.97 2.76
N PHE E 193 31.66 4.87 2.01
CA PHE E 193 30.68 4.60 0.97
C PHE E 193 29.54 3.77 1.53
N TRP E 194 28.34 4.03 1.06
CA TRP E 194 27.28 3.07 1.25
C TRP E 194 26.59 2.77 -0.06
N LYS E 195 26.13 1.54 -0.15
CA LYS E 195 25.59 0.95 -1.37
C LYS E 195 24.11 1.22 -1.48
N ASP E 196 23.66 1.64 -2.65
CA ASP E 196 22.26 1.99 -2.81
C ASP E 196 21.68 1.34 -4.05
N SER E 197 20.53 0.72 -3.89
CA SER E 197 19.60 0.48 -4.98
C SER E 197 18.20 0.41 -4.39
N GLY E 198 17.25 0.95 -5.13
CA GLY E 198 15.87 0.80 -4.77
C GLY E 198 15.48 1.64 -3.56
N ILE E 199 14.19 1.72 -3.34
CA ILE E 199 13.64 2.49 -2.24
C ILE E 199 13.88 1.73 -0.94
N ALA E 200 14.35 2.43 0.07
CA ALA E 200 14.44 1.88 1.42
C ALA E 200 13.51 2.69 2.32
N VAL E 201 12.41 2.09 2.74
CA VAL E 201 11.48 2.75 3.64
C VAL E 201 11.92 2.46 5.06
N ASP E 202 12.12 3.50 5.85
CA ASP E 202 12.60 3.37 7.21
C ASP E 202 11.57 3.98 8.16
N LEU E 203 11.02 3.16 9.04
CA LEU E 203 10.17 3.61 10.14
C LEU E 203 11.04 3.58 11.37
N THR E 204 11.44 4.75 11.87
CA THR E 204 12.40 4.81 12.97
C THR E 204 11.85 5.71 14.06
N SER E 205 12.63 5.85 15.14
CA SER E 205 12.20 6.67 16.26
C SER E 205 12.15 8.14 15.90
N ALA E 206 12.86 8.56 14.85
CA ALA E 206 12.68 9.92 14.36
C ALA E 206 11.34 10.06 13.65
N GLY E 207 11.13 9.25 12.62
CA GLY E 207 9.95 9.35 11.80
C GLY E 207 10.28 8.76 10.44
N MET E 208 9.23 8.61 9.64
CA MET E 208 9.39 7.86 8.39
C MET E 208 10.45 8.51 7.52
N ARG E 209 11.07 7.69 6.68
CA ARG E 209 12.11 8.16 5.81
C ARG E 209 12.18 7.24 4.60
N VAL E 210 12.83 7.70 3.56
CA VAL E 210 13.03 6.92 2.35
C VAL E 210 14.46 7.13 1.88
N GLU E 211 15.06 6.09 1.31
CA GLU E 211 16.44 6.13 0.85
C GLU E 211 16.47 5.67 -0.62
N MET E 212 16.94 6.56 -1.48
CA MET E 212 16.99 6.31 -2.91
C MET E 212 18.04 7.21 -3.51
N GLY E 213 18.44 6.90 -4.75
CA GLY E 213 19.26 7.81 -5.53
C GLY E 213 18.46 8.46 -6.63
N SER E 214 17.14 8.44 -6.49
CA SER E 214 16.19 8.99 -7.45
C SER E 214 16.25 8.28 -8.80
N LEU E 215 16.45 9.06 -9.85
CA LEU E 215 16.33 8.56 -11.21
C LEU E 215 17.15 7.30 -11.45
N THR E 216 18.47 7.44 -11.49
CA THR E 216 19.30 6.34 -11.98
C THR E 216 19.41 5.22 -10.95
N THR E 217 19.66 5.58 -9.70
CA THR E 217 20.02 4.57 -8.72
C THR E 217 18.85 3.63 -8.42
N LEU E 218 17.61 4.11 -8.53
CA LEU E 218 16.47 3.20 -8.48
C LEU E 218 16.57 2.15 -9.58
N LEU E 219 16.83 2.58 -10.80
CA LEU E 219 16.52 1.75 -11.96
C LEU E 219 17.60 0.71 -12.24
N SER E 220 18.83 0.93 -11.77
CA SER E 220 19.86 -0.11 -11.85
C SER E 220 20.61 -0.25 -10.54
N GLY E 221 21.43 0.72 -10.16
CA GLY E 221 22.20 0.62 -8.95
C GLY E 221 22.85 1.94 -8.62
N GLY E 222 23.71 1.92 -7.60
CA GLY E 222 24.39 3.15 -7.24
C GLY E 222 25.21 3.06 -5.98
N VAL E 223 26.10 4.03 -5.78
CA VAL E 223 26.97 4.09 -4.61
C VAL E 223 27.07 5.55 -4.21
N SER E 224 27.15 5.81 -2.91
CA SER E 224 27.32 7.20 -2.48
C SER E 224 28.31 7.24 -1.34
N PHE E 225 28.72 8.44 -0.94
CA PHE E 225 29.61 8.51 0.20
C PHE E 225 29.44 9.79 0.98
N ASP E 226 29.95 9.76 2.21
CA ASP E 226 29.99 10.97 3.02
C ASP E 226 31.19 10.94 3.94
N VAL E 227 31.25 11.96 4.79
CA VAL E 227 32.00 11.89 6.04
C VAL E 227 30.98 11.60 7.14
N PRO E 228 30.94 10.40 7.68
CA PRO E 228 29.85 10.05 8.59
C PRO E 228 29.82 10.99 9.78
N GLU E 229 28.70 11.01 10.46
CA GLU E 229 28.41 12.08 11.40
C GLU E 229 29.52 12.28 12.42
N GLY E 230 30.02 13.51 12.49
CA GLY E 230 30.94 13.90 13.53
C GLY E 230 32.30 13.23 13.50
N LEU E 231 33.02 13.34 12.40
CA LEU E 231 34.42 12.95 12.35
C LEU E 231 35.20 14.04 11.63
N ASP E 232 36.52 13.93 11.69
CA ASP E 232 37.37 14.87 11.00
C ASP E 232 37.54 14.47 9.54
N LEU E 233 37.70 15.48 8.68
CA LEU E 233 38.01 15.23 7.28
C LEU E 233 39.33 14.50 7.16
N GLY E 234 40.44 15.15 7.48
CA GLY E 234 41.70 14.46 7.61
C GLY E 234 42.39 14.02 6.33
N GLN E 235 42.60 14.96 5.43
CA GLN E 235 43.46 14.83 4.25
C GLN E 235 42.88 13.92 3.20
N PRO E 236 43.18 14.14 1.94
CA PRO E 236 42.74 13.22 0.89
C PRO E 236 43.54 11.94 0.92
N VAL E 237 43.34 11.08 -0.06
CA VAL E 237 43.84 9.73 -0.01
C VAL E 237 44.62 9.42 -1.27
N ALA E 238 45.73 8.69 -1.11
CA ALA E 238 46.46 8.16 -2.25
C ALA E 238 45.56 7.26 -3.10
N PRO E 239 45.88 7.08 -4.38
CA PRO E 239 44.99 6.32 -5.24
C PRO E 239 44.89 4.86 -4.82
N LYS E 240 43.79 4.24 -5.25
CA LYS E 240 43.56 2.80 -5.22
C LYS E 240 43.39 2.23 -3.82
N THR E 241 43.45 3.03 -2.78
CA THR E 241 43.23 2.52 -1.44
C THR E 241 41.83 1.92 -1.32
N ALA E 242 41.69 0.97 -0.42
CA ALA E 242 40.49 0.15 -0.32
C ALA E 242 39.54 0.69 0.74
N PHE E 243 38.25 0.65 0.44
CA PHE E 243 37.19 0.94 1.39
C PHE E 243 36.29 -0.29 1.48
N VAL E 244 35.43 -0.30 2.48
CA VAL E 244 34.43 -1.35 2.64
C VAL E 244 33.08 -0.75 2.31
N LEU E 245 32.28 -1.47 1.55
CA LEU E 245 30.98 -0.98 1.13
C LEU E 245 29.93 -1.46 2.10
N TYR E 246 29.36 -0.53 2.85
CA TYR E 246 28.35 -0.84 3.84
C TYR E 246 26.98 -0.70 3.20
N ASP E 247 26.06 -1.56 3.60
CA ASP E 247 24.83 -1.67 2.85
C ASP E 247 23.87 -0.53 3.11
N ASP E 248 23.94 0.07 4.30
CA ASP E 248 23.27 1.34 4.52
C ASP E 248 23.89 1.99 5.74
N GLN E 249 23.60 3.29 5.89
CA GLN E 249 24.23 4.09 6.93
C GLN E 249 24.20 3.38 8.27
N LYS E 250 23.10 2.68 8.58
CA LYS E 250 23.01 1.97 9.84
C LYS E 250 24.23 1.08 10.05
N SER E 251 24.52 0.21 9.09
CA SER E 251 25.68 -0.64 9.23
C SER E 251 26.97 0.16 9.36
N ILE E 252 27.04 1.34 8.72
CA ILE E 252 28.19 2.20 8.90
C ILE E 252 28.38 2.53 10.37
N GLN E 253 27.36 3.11 10.99
CA GLN E 253 27.53 3.60 12.34
C GLN E 253 27.70 2.45 13.32
N ASP E 254 27.45 1.22 12.89
CA ASP E 254 27.92 0.08 13.66
C ASP E 254 29.37 -0.23 13.35
N SER E 255 29.87 0.24 12.20
CA SER E 255 31.26 -0.05 11.87
C SER E 255 32.20 1.05 12.34
N LEU E 256 31.67 2.17 12.81
CA LEU E 256 32.54 3.25 13.24
C LEU E 256 33.44 2.81 14.39
N TYR E 257 32.86 2.14 15.38
CA TYR E 257 33.49 2.10 16.69
C TYR E 257 34.48 0.96 16.80
N THR E 258 34.00 -0.27 16.71
CA THR E 258 34.86 -1.42 16.43
C THR E 258 35.72 -1.82 17.62
N ASP E 259 35.88 -0.93 18.60
CA ASP E 259 36.73 -1.20 19.74
C ASP E 259 35.82 -1.58 20.91
N HIS E 260 35.80 -2.85 21.26
CA HIS E 260 34.75 -3.38 22.10
C HIS E 260 35.33 -4.02 23.33
N ILE E 261 34.81 -3.63 24.49
CA ILE E 261 35.03 -4.34 25.73
C ILE E 261 33.86 -5.29 25.89
N ASP E 262 34.12 -6.59 25.80
CA ASP E 262 33.05 -7.54 25.89
C ASP E 262 32.63 -7.75 27.33
N TYR E 263 31.35 -8.02 27.53
CA TYR E 263 30.81 -8.47 28.79
C TYR E 263 29.92 -9.66 28.54
N LEU E 264 29.54 -10.30 29.63
CA LEU E 264 28.64 -11.43 29.60
C LEU E 264 27.45 -11.11 30.47
N MET E 265 26.31 -11.72 30.19
CA MET E 265 25.15 -11.60 31.06
C MET E 265 24.42 -12.92 31.07
N PHE E 266 23.80 -13.23 32.19
CA PHE E 266 22.97 -14.42 32.30
C PHE E 266 21.54 -14.00 32.54
N PHE E 267 20.69 -14.21 31.55
CA PHE E 267 19.29 -13.93 31.72
C PHE E 267 18.55 -15.19 32.13
N LYS E 268 17.52 -15.02 32.96
CA LYS E 268 16.51 -16.04 32.94
C LYS E 268 15.33 -15.51 32.13
N ASP E 269 14.42 -14.75 32.75
CA ASP E 269 13.43 -13.95 32.04
C ASP E 269 12.92 -14.68 30.82
N SER E 270 13.08 -14.09 29.64
CA SER E 270 13.17 -14.87 28.43
C SER E 270 13.96 -14.09 27.41
N VAL E 271 14.67 -14.80 26.55
CA VAL E 271 15.33 -14.18 25.42
C VAL E 271 14.59 -14.67 24.20
N ARG E 272 13.71 -13.84 23.65
CA ARG E 272 13.09 -14.14 22.37
C ARG E 272 13.00 -12.84 21.61
N GLY E 273 13.61 -12.80 20.45
CA GLY E 273 13.58 -11.61 19.66
C GLY E 273 14.84 -10.77 19.73
N LEU E 274 15.75 -11.04 20.65
CA LEU E 274 17.00 -10.30 20.58
C LEU E 274 17.71 -10.69 19.31
N GLN E 275 17.90 -9.79 18.51
CA GLN E 275 18.74 -10.14 17.40
C GLN E 275 20.11 -9.57 17.65
N PRO E 276 21.16 -10.34 17.49
CA PRO E 276 22.49 -9.77 17.63
C PRO E 276 22.61 -8.52 16.78
N GLY E 277 23.05 -7.44 17.41
CA GLY E 277 22.96 -6.13 16.81
C GLY E 277 21.90 -5.24 17.41
N ALA E 278 21.15 -5.72 18.37
CA ALA E 278 20.17 -4.85 19.02
C ALA E 278 20.85 -4.06 20.14
N PRO E 279 20.50 -2.79 20.28
CA PRO E 279 21.33 -1.90 21.08
C PRO E 279 21.26 -2.24 22.55
N VAL E 280 22.24 -1.73 23.29
CA VAL E 280 22.29 -1.82 24.75
C VAL E 280 22.33 -0.40 25.27
N GLU E 281 21.25 0.01 25.93
CA GLU E 281 21.09 1.41 26.29
C GLU E 281 21.19 1.58 27.79
N PHE E 282 21.68 2.75 28.19
CA PHE E 282 21.64 3.19 29.58
C PHE E 282 20.65 4.35 29.64
N ARG E 283 19.48 4.09 30.21
CA ARG E 283 18.42 5.09 30.27
C ARG E 283 18.14 5.68 28.90
N GLY E 284 18.49 4.95 27.85
CA GLY E 284 18.33 5.45 26.51
C GLY E 284 19.52 6.16 25.91
N ILE E 285 20.73 5.86 26.36
CA ILE E 285 21.93 6.32 25.70
C ILE E 285 22.73 5.10 25.30
N ARG E 286 23.02 4.97 24.02
CA ARG E 286 23.48 3.68 23.52
C ARG E 286 24.95 3.49 23.88
N LEU E 287 25.22 2.49 24.71
CA LEU E 287 26.58 2.17 25.11
C LEU E 287 27.22 1.06 24.31
N GLY E 288 26.46 0.34 23.49
CA GLY E 288 27.02 -0.82 22.86
C GLY E 288 25.93 -1.78 22.45
N THR E 289 26.36 -2.85 21.80
CA THR E 289 25.44 -3.67 21.04
C THR E 289 25.58 -5.12 21.44
N VAL E 290 24.47 -5.84 21.44
CA VAL E 290 24.49 -7.26 21.71
C VAL E 290 25.17 -7.97 20.56
N SER E 291 26.16 -8.80 20.86
CA SER E 291 26.98 -9.43 19.85
C SER E 291 26.51 -10.84 19.51
N LYS E 292 26.52 -11.73 20.49
CA LYS E 292 26.09 -13.10 20.26
C LYS E 292 24.96 -13.47 21.20
N VAL E 293 23.96 -14.14 20.66
CA VAL E 293 22.97 -14.78 21.48
C VAL E 293 22.58 -16.11 20.89
N PRO E 294 22.44 -17.14 21.73
CA PRO E 294 23.02 -17.20 23.06
C PRO E 294 24.49 -17.46 22.92
N PHE E 295 25.20 -17.75 23.99
CA PHE E 295 26.65 -17.86 23.93
C PHE E 295 27.08 -19.30 24.19
N PHE E 296 27.73 -19.90 23.21
CA PHE E 296 28.18 -21.29 23.27
C PHE E 296 29.68 -21.34 23.54
N ALA E 297 30.05 -21.94 24.68
CA ALA E 297 31.44 -22.25 24.94
C ALA E 297 31.49 -23.64 25.55
N PRO E 298 32.49 -24.45 25.16
CA PRO E 298 32.61 -25.78 25.79
C PRO E 298 32.84 -25.71 27.28
N ASN E 299 33.40 -24.59 27.77
CA ASN E 299 33.40 -24.37 29.20
C ASN E 299 31.99 -24.11 29.71
N MET E 300 31.22 -23.31 28.96
CA MET E 300 29.82 -23.12 29.30
C MET E 300 29.01 -24.38 29.02
N ARG E 301 29.61 -25.37 28.35
CA ARG E 301 28.93 -26.67 28.24
C ARG E 301 28.81 -27.32 29.60
N GLN E 302 29.88 -27.26 30.40
CA GLN E 302 29.81 -27.79 31.75
C GLN E 302 29.15 -26.80 32.71
N THR E 303 29.56 -25.53 32.67
CA THR E 303 29.09 -24.59 33.68
C THR E 303 27.66 -24.13 33.40
N PHE E 304 27.34 -23.89 32.13
CA PHE E 304 25.98 -23.49 31.77
C PHE E 304 24.99 -24.62 32.00
N ASN E 305 25.41 -25.87 31.77
CA ASN E 305 24.56 -27.01 32.12
C ASN E 305 24.28 -27.06 33.61
N ASP E 306 25.11 -26.42 34.43
CA ASP E 306 24.75 -26.18 35.82
C ASP E 306 23.85 -24.95 35.96
N ASP E 307 24.02 -23.97 35.07
CA ASP E 307 23.31 -22.69 35.21
C ASP E 307 21.84 -22.80 34.84
N TYR E 308 21.53 -23.35 33.66
CA TYR E 308 20.18 -23.30 33.07
C TYR E 308 19.66 -21.88 33.01
N ARG E 309 20.56 -20.95 32.73
CA ARG E 309 20.25 -19.60 32.32
C ARG E 309 20.87 -19.38 30.96
N ILE E 310 20.47 -18.31 30.29
CA ILE E 310 20.87 -18.06 28.92
C ILE E 310 21.98 -17.03 28.90
N PRO E 311 23.17 -17.36 28.42
CA PRO E 311 24.24 -16.38 28.30
C PRO E 311 24.05 -15.49 27.09
N VAL E 312 24.47 -14.25 27.25
CA VAL E 312 24.39 -13.25 26.19
C VAL E 312 25.66 -12.43 26.24
N LEU E 313 26.26 -12.16 25.10
CA LEU E 313 27.42 -11.28 25.06
C LEU E 313 27.01 -9.84 24.79
N ILE E 314 27.75 -8.93 25.36
CA ILE E 314 27.60 -7.52 25.07
C ILE E 314 28.92 -6.98 24.58
N ARG E 315 28.88 -6.15 23.56
CA ARG E 315 30.03 -5.37 23.17
C ARG E 315 29.78 -3.96 23.66
N ILE E 316 30.50 -3.55 24.69
CA ILE E 316 30.44 -2.14 25.11
C ILE E 316 31.44 -1.37 24.27
N GLU E 317 30.94 -0.35 23.57
CA GLU E 317 31.78 0.41 22.67
C GLU E 317 32.01 1.78 23.27
N PRO E 318 33.19 2.06 23.83
CA PRO E 318 33.32 3.24 24.69
C PRO E 318 33.10 4.53 23.95
N GLU E 319 33.53 4.62 22.69
CA GLU E 319 33.53 5.90 22.00
C GLU E 319 32.15 6.52 21.97
N ARG E 320 31.11 5.69 22.03
CA ARG E 320 29.75 6.20 21.93
C ARG E 320 29.49 7.28 22.97
N LEU E 321 30.18 7.22 24.10
CA LEU E 321 30.10 8.29 25.07
C LEU E 321 31.01 9.47 24.71
N LYS E 322 32.27 9.19 24.41
CA LYS E 322 33.28 10.22 24.23
C LYS E 322 34.62 9.59 23.92
N ASP E 330 40.42 2.40 31.75
CA ASP E 330 39.87 3.20 32.85
C ASP E 330 38.41 2.86 33.09
N VAL E 331 37.70 2.59 32.00
CA VAL E 331 36.27 2.33 32.09
C VAL E 331 35.99 1.14 32.99
N VAL E 332 36.86 0.13 32.93
CA VAL E 332 36.68 -1.05 33.77
C VAL E 332 36.59 -0.66 35.23
N GLU E 333 37.39 0.33 35.65
CA GLU E 333 37.25 0.87 37.00
C GLU E 333 35.85 1.42 37.21
N HIS E 334 35.39 2.27 36.30
CA HIS E 334 34.10 2.91 36.44
C HIS E 334 33.00 1.87 36.62
N LEU E 335 32.87 0.97 35.65
CA LEU E 335 31.76 0.01 35.68
C LEU E 335 31.92 -0.99 36.81
N GLY E 336 33.09 -1.61 36.91
CA GLY E 336 33.33 -2.54 38.00
C GLY E 336 33.01 -1.95 39.35
N GLU E 337 33.21 -0.65 39.51
CA GLU E 337 32.74 0.02 40.71
C GLU E 337 31.24 0.29 40.66
N LEU E 338 30.65 0.34 39.47
CA LEU E 338 29.23 0.65 39.40
C LEU E 338 28.35 -0.54 39.75
N LEU E 339 28.78 -1.76 39.44
CA LEU E 339 27.97 -2.91 39.81
C LEU E 339 27.72 -2.91 41.32
N LYS E 340 28.79 -2.72 42.09
CA LYS E 340 28.64 -2.54 43.53
C LYS E 340 27.78 -1.34 43.85
N ARG E 341 27.67 -0.38 42.93
CA ARG E 341 26.80 0.76 43.11
C ARG E 341 25.42 0.55 42.51
N GLY E 342 25.13 -0.64 41.97
CA GLY E 342 23.78 -0.98 41.57
C GLY E 342 23.39 -1.01 40.08
N LEU E 343 24.34 -1.04 39.15
CA LEU E 343 23.97 -1.33 37.77
C LEU E 343 23.41 -2.73 37.64
N ARG E 344 22.40 -2.89 36.78
CA ARG E 344 21.77 -4.17 36.57
C ARG E 344 21.25 -4.22 35.15
N GLY E 345 21.35 -5.39 34.53
CA GLY E 345 20.83 -5.57 33.19
C GLY E 345 19.39 -5.99 33.18
N SER E 346 18.68 -5.59 32.13
CA SER E 346 17.26 -5.90 31.99
C SER E 346 16.93 -5.97 30.51
N LEU E 347 15.79 -6.55 30.20
CA LEU E 347 15.30 -6.60 28.84
C LEU E 347 14.07 -5.72 28.73
N LYS E 348 14.14 -4.70 27.90
CA LYS E 348 12.96 -3.90 27.60
C LYS E 348 12.59 -4.08 26.13
N THR E 349 11.49 -3.47 25.75
CA THR E 349 10.87 -3.75 24.47
C THR E 349 10.74 -2.47 23.66
N GLY E 350 11.53 -2.38 22.59
CA GLY E 350 11.30 -1.37 21.58
C GLY E 350 10.14 -1.81 20.71
N ASN E 351 9.90 -1.05 19.63
CA ASN E 351 8.77 -1.41 18.78
C ASN E 351 7.50 -1.46 19.59
N LEU E 352 7.10 -2.67 20.01
CA LEU E 352 5.78 -3.11 20.45
C LEU E 352 5.07 -3.72 19.27
N VAL E 353 5.69 -3.65 18.11
CA VAL E 353 5.28 -4.42 16.95
C VAL E 353 6.52 -5.09 16.39
N THR E 354 6.44 -6.40 16.18
CA THR E 354 7.57 -7.32 16.02
C THR E 354 8.20 -7.57 17.38
N GLY E 355 7.90 -6.70 18.35
CA GLY E 355 8.34 -6.91 19.71
C GLY E 355 9.81 -7.25 19.85
N ALA E 356 10.67 -6.53 19.15
CA ALA E 356 12.08 -6.73 19.36
C ALA E 356 12.46 -6.25 20.75
N LEU E 357 13.55 -6.80 21.27
CA LEU E 357 14.00 -6.51 22.61
C LEU E 357 15.36 -5.82 22.56
N TYR E 358 15.67 -5.08 23.62
CA TYR E 358 17.01 -4.57 23.81
C TYR E 358 17.33 -4.62 25.27
N VAL E 359 18.56 -4.28 25.63
CA VAL E 359 19.05 -4.50 26.97
C VAL E 359 19.14 -3.15 27.66
N ASP E 360 18.24 -2.87 28.58
CA ASP E 360 18.33 -1.67 29.38
C ASP E 360 19.28 -1.90 30.52
N LEU E 361 19.95 -0.84 30.93
CA LEU E 361 21.02 -0.96 31.91
C LEU E 361 20.82 0.16 32.91
N ASP E 362 20.49 -0.16 34.15
CA ASP E 362 20.12 0.88 35.12
C ASP E 362 20.03 0.39 36.55
N ASN E 377 33.00 -16.67 33.67
CA ASN E 377 33.87 -17.24 32.66
C ASN E 377 34.95 -16.21 32.33
N GLY E 378 35.71 -16.45 31.26
CA GLY E 378 36.82 -15.58 30.94
C GLY E 378 36.42 -14.13 30.79
N TYR E 379 35.19 -13.87 30.38
CA TYR E 379 34.63 -12.53 30.31
C TYR E 379 34.05 -12.11 31.65
N GLN E 380 34.07 -10.80 31.91
CA GLN E 380 33.39 -10.30 33.10
C GLN E 380 31.89 -10.50 32.97
N ILE E 381 31.19 -10.46 34.10
CA ILE E 381 29.75 -10.76 34.14
C ILE E 381 29.00 -9.60 34.76
N ILE E 382 27.91 -9.20 34.13
CA ILE E 382 26.99 -8.20 34.65
C ILE E 382 25.77 -8.92 35.20
N PRO E 383 25.32 -8.63 36.41
CA PRO E 383 24.10 -9.26 36.93
C PRO E 383 22.87 -8.73 36.23
N THR E 384 21.77 -9.47 36.38
CA THR E 384 20.55 -9.20 35.64
C THR E 384 19.36 -9.18 36.58
N VAL E 385 18.71 -8.02 36.69
CA VAL E 385 17.42 -7.97 37.35
C VAL E 385 16.36 -8.51 36.41
N SER E 386 15.42 -9.25 36.96
CA SER E 386 14.34 -9.79 36.14
C SER E 386 13.49 -8.64 35.59
N GLY E 387 12.81 -8.91 34.48
CA GLY E 387 12.01 -7.88 33.85
C GLY E 387 10.96 -7.39 34.81
N GLY E 388 10.77 -6.08 34.86
CA GLY E 388 9.77 -5.54 35.77
C GLY E 388 8.37 -6.00 35.40
N LEU E 389 8.06 -5.98 34.11
CA LEU E 389 6.73 -6.40 33.66
C LEU E 389 6.48 -7.85 33.98
N ALA E 390 7.49 -8.69 33.75
CA ALA E 390 7.36 -10.11 34.02
C ALA E 390 7.19 -10.33 35.51
N GLN E 391 7.94 -9.57 36.32
CA GLN E 391 7.86 -9.71 37.76
C GLN E 391 6.46 -9.38 38.21
N ILE E 392 5.91 -8.32 37.61
CA ILE E 392 4.57 -7.89 37.92
C ILE E 392 3.56 -8.95 37.52
N GLN E 393 3.77 -9.59 36.37
CA GLN E 393 2.82 -10.59 35.90
C GLN E 393 2.87 -11.83 36.76
N GLN E 394 3.93 -11.96 37.54
CA GLN E 394 4.28 -13.23 38.13
C GLN E 394 3.86 -13.28 39.57
N ARG E 395 4.43 -12.43 40.41
CA ARG E 395 3.81 -12.19 41.70
C ARG E 395 2.34 -11.90 41.51
N LEU E 396 2.00 -11.24 40.41
CA LEU E 396 0.61 -11.06 40.04
C LEU E 396 -0.10 -12.39 39.97
N MET E 397 0.37 -13.27 39.10
CA MET E 397 -0.23 -14.59 39.02
C MET E 397 -0.19 -15.28 40.36
N GLU E 398 0.71 -14.83 41.22
CA GLU E 398 1.05 -15.58 42.42
C GLU E 398 0.04 -15.31 43.51
N ALA E 399 0.11 -14.11 44.10
CA ALA E 399 -0.93 -13.71 45.03
C ALA E 399 -2.29 -13.85 44.39
N LEU E 400 -2.34 -13.86 43.05
CA LEU E 400 -3.55 -14.29 42.38
C LEU E 400 -3.96 -15.69 42.84
N ASP E 401 -3.06 -16.65 42.68
CA ASP E 401 -3.36 -17.98 43.17
C ASP E 401 -3.71 -17.95 44.65
N LYS E 402 -2.86 -17.30 45.46
CA LYS E 402 -3.13 -17.22 46.89
C LYS E 402 -4.50 -16.64 47.16
N ILE E 403 -5.02 -15.86 46.22
CA ILE E 403 -6.37 -15.33 46.37
C ILE E 403 -7.38 -16.40 46.05
N ASN E 404 -7.15 -17.17 44.99
CA ASN E 404 -7.94 -18.35 44.77
C ASN E 404 -7.97 -19.22 46.03
N LYS E 405 -6.90 -19.13 46.83
CA LYS E 405 -6.86 -19.84 48.10
C LYS E 405 -7.90 -19.31 49.07
N LEU E 406 -8.60 -18.25 48.69
CA LEU E 406 -9.74 -17.81 49.46
C LEU E 406 -11.02 -18.23 48.76
N UNK E 407 -13.51 -19.49 56.02
CA UNK E 407 -13.36 -18.31 55.19
C UNK E 407 -14.65 -17.53 55.17
N UNK E 408 -15.11 -17.21 53.95
CA UNK E 408 -16.41 -16.60 53.78
C UNK E 408 -17.45 -17.33 54.59
N UNK E 409 -17.36 -18.66 54.57
CA UNK E 409 -18.13 -19.46 55.51
C UNK E 409 -17.85 -19.03 56.94
N UNK E 410 -16.62 -19.24 57.42
CA UNK E 410 -16.28 -18.92 58.79
C UNK E 410 -16.77 -17.53 59.16
N UNK E 411 -16.66 -16.60 58.23
CA UNK E 411 -17.22 -15.27 58.42
C UNK E 411 -18.72 -15.35 58.71
N UNK E 412 -19.48 -15.96 57.79
CA UNK E 412 -20.93 -16.04 57.96
C UNK E 412 -21.28 -16.59 59.33
N UNK E 413 -20.49 -17.56 59.81
CA UNK E 413 -20.69 -18.07 61.15
C UNK E 413 -20.50 -16.98 62.19
N UNK E 414 -19.38 -16.27 62.11
CA UNK E 414 -19.13 -15.20 63.07
C UNK E 414 -20.31 -14.26 63.16
N UNK E 415 -20.86 -13.84 62.01
CA UNK E 415 -22.01 -12.95 62.02
C UNK E 415 -23.12 -13.48 62.92
N UNK E 416 -23.43 -14.76 62.77
CA UNK E 416 -24.42 -15.38 63.63
C UNK E 416 -24.02 -15.24 65.09
N UNK E 417 -22.83 -15.74 65.44
CA UNK E 417 -22.38 -15.65 66.82
C UNK E 417 -22.63 -14.25 67.35
N UNK E 418 -22.37 -13.26 66.51
CA UNK E 418 -22.66 -11.88 66.86
C UNK E 418 -24.12 -11.72 67.23
N UNK E 419 -25.01 -11.77 66.24
CA UNK E 419 -26.40 -11.41 66.51
C UNK E 419 -26.92 -12.14 67.74
N UNK E 420 -26.63 -13.44 67.83
CA UNK E 420 -26.97 -14.20 69.03
C UNK E 420 -26.49 -13.46 70.26
N UNK E 421 -25.21 -13.08 70.26
CA UNK E 421 -24.70 -12.31 71.35
C UNK E 421 -25.53 -11.04 71.56
N UNK E 422 -25.84 -10.33 70.49
CA UNK E 422 -26.58 -9.07 70.62
C UNK E 422 -27.81 -9.26 71.48
N UNK E 423 -28.64 -10.23 71.09
CA UNK E 423 -29.80 -10.56 71.91
C UNK E 423 -29.39 -10.83 73.35
N UNK E 424 -28.43 -11.75 73.52
CA UNK E 424 -28.01 -12.12 74.87
C UNK E 424 -27.71 -10.88 75.71
N UNK E 425 -26.91 -9.97 75.16
CA UNK E 425 -26.54 -8.76 75.90
C UNK E 425 -27.75 -7.95 76.27
N UNK E 426 -28.71 -7.84 75.34
CA UNK E 426 -29.95 -7.18 75.71
C UNK E 426 -30.50 -7.77 76.99
N UNK E 427 -30.67 -9.10 77.01
CA UNK E 427 -31.09 -9.75 78.25
C UNK E 427 -30.23 -9.30 79.42
N UNK E 428 -28.92 -9.24 79.21
CA UNK E 428 -28.02 -8.85 80.29
C UNK E 428 -28.41 -7.51 80.86
N UNK E 429 -28.28 -6.52 79.98
CA UNK E 429 -28.54 -5.11 80.26
C UNK E 429 -29.92 -5.01 80.86
N UNK E 430 -30.87 -5.84 80.45
CA UNK E 430 -32.18 -5.82 81.13
C UNK E 430 -31.84 -6.23 82.58
N UNK E 431 -30.93 -7.20 82.66
CA UNK E 431 -30.39 -7.73 83.91
C UNK E 431 -29.63 -6.59 84.58
N UNK E 432 -29.00 -5.75 83.77
CA UNK E 432 -28.25 -4.60 84.27
C UNK E 432 -29.17 -3.59 84.97
N UNK E 433 -30.36 -3.41 84.41
CA UNK E 433 -31.41 -2.56 84.92
C UNK E 433 -31.88 -3.15 86.23
N UNK E 434 -31.96 -4.48 86.26
CA UNK E 434 -32.37 -5.19 87.47
C UNK E 434 -31.32 -4.91 88.55
N UNK E 435 -30.06 -4.90 88.14
CA UNK E 435 -28.90 -4.61 88.99
C UNK E 435 -28.96 -3.19 89.53
N UNK E 436 -29.42 -2.27 88.69
CA UNK E 436 -29.59 -0.87 89.05
C UNK E 436 -30.68 -0.77 90.10
N UNK E 437 -31.73 -1.57 89.92
CA UNK E 437 -32.85 -1.60 90.85
C UNK E 437 -32.24 -2.06 92.16
N UNK E 438 -31.32 -3.02 92.05
CA UNK E 438 -30.58 -3.53 93.18
C UNK E 438 -29.84 -2.31 93.68
N UNK E 439 -29.30 -1.51 92.75
CA UNK E 439 -28.66 -0.27 93.16
C UNK E 439 -29.48 0.45 94.22
N UNK E 440 2.71 12.18 13.89
CA UNK E 440 3.63 13.12 13.26
C UNK E 440 4.53 12.40 12.26
N UNK E 441 4.08 11.24 11.78
CA UNK E 441 4.87 10.40 10.88
C UNK E 441 4.76 10.92 9.46
N UNK E 442 5.91 11.17 8.84
CA UNK E 442 5.91 11.71 7.48
C UNK E 442 6.80 10.86 6.58
N UNK E 443 6.19 10.15 5.64
CA UNK E 443 6.91 9.35 4.66
C UNK E 443 7.02 10.13 3.36
N UNK E 444 8.22 10.56 3.03
CA UNK E 444 8.47 11.33 1.82
C UNK E 444 9.06 10.41 0.78
N UNK E 445 8.27 10.09 -0.23
CA UNK E 445 8.67 9.13 -1.25
C UNK E 445 9.38 9.89 -2.36
N UNK E 446 10.68 9.70 -2.46
CA UNK E 446 11.47 10.41 -3.44
C UNK E 446 11.20 9.81 -4.81
N UNK E 447 10.75 10.64 -5.73
CA UNK E 447 10.44 10.20 -7.08
C UNK E 447 11.53 10.66 -8.04
N UNK E 448 11.28 10.41 -9.32
CA UNK E 448 12.24 10.62 -10.39
C UNK E 448 13.34 9.59 -10.28
N UNK E 449 20.83 3.42 -15.75
CA UNK E 449 19.91 3.32 -16.87
C UNK E 449 19.31 4.67 -17.22
N UNK E 450 20.04 5.46 -17.99
CA UNK E 450 19.49 6.70 -18.53
C UNK E 450 19.34 6.48 -20.04
N UNK E 451 18.78 7.47 -20.74
CA UNK E 451 18.35 7.29 -22.11
C UNK E 451 19.36 7.92 -23.06
N UNK E 452 19.56 7.29 -24.21
CA UNK E 452 20.53 7.75 -25.20
C UNK E 452 19.76 8.17 -26.44
N UNK E 453 20.42 8.97 -27.27
CA UNK E 453 19.75 9.70 -28.34
C UNK E 453 20.63 9.80 -29.57
N GLY F 17 30.89 -22.82 -54.27
CA GLY F 17 31.43 -23.21 -52.98
C GLY F 17 30.62 -24.30 -52.29
N PRO F 18 31.04 -24.69 -51.10
CA PRO F 18 30.36 -25.78 -50.39
C PRO F 18 28.92 -25.40 -50.07
N GLU F 19 28.06 -26.40 -50.07
CA GLU F 19 26.65 -26.18 -49.85
C GLU F 19 26.10 -27.25 -48.91
N VAL F 20 25.24 -26.82 -47.99
CA VAL F 20 24.83 -27.63 -46.86
C VAL F 20 23.31 -27.68 -46.82
N THR F 21 22.79 -28.77 -46.29
CA THR F 21 21.36 -28.91 -46.07
C THR F 21 21.06 -28.81 -44.58
N LEU F 22 19.89 -28.27 -44.26
CA LEU F 22 19.46 -28.10 -42.88
C LEU F 22 18.04 -28.60 -42.75
N ILE F 23 17.64 -28.92 -41.51
CA ILE F 23 16.33 -29.47 -41.24
C ILE F 23 15.72 -28.77 -40.04
N THR F 24 14.44 -28.41 -40.15
CA THR F 24 13.70 -27.86 -39.01
C THR F 24 12.30 -28.43 -39.00
N ALA F 25 11.61 -28.22 -37.87
CA ALA F 25 10.18 -28.49 -37.84
C ALA F 25 9.39 -27.34 -38.41
N ASN F 26 9.86 -26.12 -38.18
CA ASN F 26 9.16 -24.93 -38.67
C ASN F 26 10.19 -23.91 -39.10
N ALA F 27 9.94 -23.28 -40.25
CA ALA F 27 10.96 -22.49 -40.91
C ALA F 27 10.88 -21.01 -40.59
N GLU F 28 9.91 -20.59 -39.79
CA GLU F 28 9.84 -19.20 -39.35
C GLU F 28 9.94 -18.24 -40.52
N GLY F 29 10.67 -17.14 -40.33
CA GLY F 29 10.69 -16.11 -41.34
C GLY F 29 11.79 -16.25 -42.35
N ILE F 30 12.33 -17.45 -42.51
CA ILE F 30 13.44 -17.63 -43.43
C ILE F 30 12.91 -17.58 -44.86
N GLU F 31 13.42 -16.65 -45.64
CA GLU F 31 12.99 -16.46 -47.02
C GLU F 31 14.13 -16.81 -47.96
N GLY F 32 13.80 -17.55 -49.01
CA GLY F 32 14.80 -18.02 -49.95
C GLY F 32 15.62 -16.91 -50.57
N GLY F 33 16.94 -17.02 -50.44
CA GLY F 33 17.85 -16.11 -51.08
C GLY F 33 18.09 -14.80 -50.37
N LYS F 34 17.18 -14.37 -49.49
CA LYS F 34 17.40 -13.13 -48.76
C LYS F 34 18.00 -13.31 -47.38
N THR F 35 18.07 -14.52 -46.84
CA THR F 35 18.56 -14.74 -45.48
C THR F 35 19.97 -15.27 -45.56
N THR F 36 20.89 -14.61 -44.92
CA THR F 36 22.31 -14.82 -45.15
C THR F 36 22.94 -15.47 -43.94
N ILE F 37 23.33 -16.74 -44.07
CA ILE F 37 24.02 -17.41 -42.99
C ILE F 37 25.29 -16.65 -42.67
N LYS F 38 25.50 -16.33 -41.40
CA LYS F 38 26.70 -15.61 -41.02
C LYS F 38 27.09 -15.96 -39.60
N SER F 39 28.39 -16.07 -39.36
CA SER F 39 28.93 -16.30 -38.03
C SER F 39 29.63 -15.04 -37.56
N ARG F 40 29.42 -14.67 -36.31
CA ARG F 40 29.96 -13.43 -35.78
C ARG F 40 29.62 -12.28 -36.69
N SER F 41 28.40 -12.29 -37.19
CA SER F 41 27.87 -11.20 -37.99
C SER F 41 28.79 -10.88 -39.16
N VAL F 42 29.29 -11.93 -39.82
CA VAL F 42 30.07 -11.80 -41.03
C VAL F 42 29.53 -12.80 -42.03
N ASP F 43 29.19 -12.34 -43.22
CA ASP F 43 28.38 -13.18 -44.09
C ASP F 43 29.22 -14.31 -44.65
N VAL F 44 28.83 -15.55 -44.32
CA VAL F 44 29.49 -16.72 -44.84
C VAL F 44 28.72 -17.38 -45.95
N GLY F 45 27.54 -16.90 -46.29
CA GLY F 45 26.77 -17.54 -47.34
C GLY F 45 25.29 -17.26 -47.18
N VAL F 46 24.53 -17.78 -48.13
CA VAL F 46 23.12 -17.46 -48.29
C VAL F 46 22.30 -18.73 -48.32
N VAL F 47 21.18 -18.72 -47.61
CA VAL F 47 20.19 -19.78 -47.77
C VAL F 47 19.67 -19.75 -49.20
N GLU F 48 19.79 -20.87 -49.90
CA GLU F 48 19.26 -20.87 -51.25
C GLU F 48 17.75 -20.97 -51.26
N SER F 49 17.20 -22.01 -50.62
CA SER F 49 15.77 -22.24 -50.77
C SER F 49 15.25 -23.12 -49.65
N ALA F 50 13.93 -23.07 -49.46
CA ALA F 50 13.26 -23.89 -48.46
C ALA F 50 12.22 -24.77 -49.15
N THR F 51 12.16 -26.02 -48.74
CA THR F 51 11.25 -26.97 -49.37
C THR F 51 10.71 -27.93 -48.34
N LEU F 52 9.41 -28.21 -48.40
CA LEU F 52 8.82 -29.17 -47.50
C LEU F 52 9.40 -30.56 -47.72
N ALA F 53 9.48 -31.33 -46.67
CA ALA F 53 9.85 -32.72 -46.85
C ALA F 53 8.69 -33.50 -47.43
N ASP F 54 9.01 -34.60 -48.08
CA ASP F 54 7.99 -35.45 -48.67
C ASP F 54 7.10 -36.07 -47.62
N ASP F 55 7.53 -36.03 -46.36
CA ASP F 55 6.71 -36.47 -45.24
C ASP F 55 5.90 -35.35 -44.63
N LEU F 56 6.11 -34.11 -45.06
CA LEU F 56 5.35 -32.96 -44.57
C LEU F 56 5.64 -32.71 -43.11
N THR F 57 6.38 -33.61 -42.47
CA THR F 57 6.62 -33.48 -41.05
C THR F 57 7.72 -32.48 -40.75
N HIS F 58 8.70 -32.33 -41.63
CA HIS F 58 9.79 -31.39 -41.39
C HIS F 58 10.09 -30.66 -42.68
N VAL F 59 10.92 -29.62 -42.58
CA VAL F 59 11.25 -28.76 -43.69
C VAL F 59 12.74 -28.78 -43.92
N GLU F 60 13.14 -28.85 -45.18
CA GLU F 60 14.52 -28.82 -45.60
C GLU F 60 14.90 -27.43 -46.06
N ILE F 61 16.14 -27.06 -45.81
CA ILE F 61 16.66 -25.75 -46.19
C ILE F 61 17.99 -25.98 -46.89
N LYS F 62 18.07 -25.63 -48.17
CA LYS F 62 19.30 -25.74 -48.92
C LYS F 62 20.03 -24.41 -48.89
N ALA F 63 21.27 -24.43 -48.40
CA ALA F 63 22.06 -23.24 -48.20
C ALA F 63 23.41 -23.38 -48.88
N ARG F 64 23.96 -22.25 -49.32
CA ARG F 64 25.24 -22.22 -50.03
C ARG F 64 26.19 -21.32 -49.26
N LEU F 65 27.23 -21.91 -48.68
CA LEU F 65 28.29 -21.14 -48.05
C LEU F 65 29.20 -20.51 -49.09
N ASN F 66 29.97 -19.52 -48.64
CA ASN F 66 30.92 -18.85 -49.51
C ASN F 66 32.01 -19.81 -49.97
N SER F 67 32.69 -19.41 -51.03
CA SER F 67 33.59 -20.30 -51.76
C SER F 67 34.68 -20.87 -50.87
N GLY F 68 35.50 -20.03 -50.28
CA GLY F 68 36.65 -20.54 -49.58
C GLY F 68 36.41 -21.11 -48.22
N MET F 69 35.17 -21.11 -47.74
CA MET F 69 34.88 -21.37 -46.34
C MET F 69 34.54 -22.82 -46.03
N GLU F 70 34.74 -23.73 -46.98
CA GLU F 70 34.42 -25.13 -46.72
C GLU F 70 35.08 -25.66 -45.47
N LYS F 71 36.10 -24.97 -44.96
CA LYS F 71 36.75 -25.39 -43.73
C LYS F 71 35.82 -25.38 -42.53
N LEU F 72 34.60 -24.86 -42.67
CA LEU F 72 33.84 -24.47 -41.51
C LEU F 72 32.86 -25.53 -41.02
N LEU F 73 32.64 -26.61 -41.78
CA LEU F 73 31.64 -27.63 -41.45
C LEU F 73 31.84 -28.32 -40.10
N HIS F 74 32.90 -29.12 -39.97
CA HIS F 74 33.38 -29.58 -38.67
C HIS F 74 32.50 -30.51 -37.84
N LYS F 75 31.25 -30.75 -38.24
CA LYS F 75 30.40 -31.76 -37.61
C LYS F 75 30.00 -31.43 -36.18
N ASP F 76 30.69 -30.48 -35.55
CA ASP F 76 30.26 -29.97 -34.26
C ASP F 76 29.52 -28.65 -34.39
N THR F 77 29.44 -28.09 -35.59
CA THR F 77 28.83 -26.79 -35.78
C THR F 77 27.36 -26.82 -35.41
N VAL F 78 26.87 -25.66 -34.98
CA VAL F 78 25.48 -25.55 -34.55
C VAL F 78 24.88 -24.35 -35.23
N PHE F 79 23.79 -24.56 -35.95
CA PHE F 79 23.05 -23.48 -36.58
C PHE F 79 21.87 -23.08 -35.71
N TRP F 80 21.64 -21.77 -35.59
CA TRP F 80 20.40 -21.36 -34.94
C TRP F 80 19.89 -20.09 -35.60
N VAL F 81 18.58 -19.96 -35.63
CA VAL F 81 17.95 -18.80 -36.23
C VAL F 81 17.97 -17.64 -35.24
N VAL F 82 18.36 -16.47 -35.70
CA VAL F 82 18.19 -15.25 -34.93
C VAL F 82 16.83 -14.67 -35.28
N LYS F 83 15.94 -14.59 -34.31
CA LYS F 83 14.55 -14.39 -34.62
C LYS F 83 14.02 -13.17 -33.89
N PRO F 84 12.93 -12.57 -34.35
CA PRO F 84 12.30 -11.50 -33.58
C PRO F 84 11.34 -12.02 -32.52
N GLN F 85 11.81 -12.95 -31.70
CA GLN F 85 10.93 -13.56 -30.71
C GLN F 85 10.74 -12.62 -29.53
N ILE F 86 9.54 -12.65 -28.97
CA ILE F 86 9.22 -11.90 -27.76
C ILE F 86 8.14 -12.68 -27.03
N GLY F 87 8.13 -12.58 -25.71
CA GLY F 87 7.19 -13.33 -24.91
C GLY F 87 7.73 -13.57 -23.53
N ARG F 88 7.26 -14.66 -22.93
CA ARG F 88 7.72 -15.03 -21.59
C ARG F 88 9.20 -15.39 -21.58
N GLU F 89 9.62 -16.34 -22.41
CA GLU F 89 10.95 -16.91 -22.30
C GLU F 89 12.07 -15.92 -22.61
N GLY F 90 11.76 -14.73 -23.10
CA GLY F 90 12.78 -13.72 -23.32
C GLY F 90 12.32 -12.75 -24.40
N ILE F 91 13.22 -11.82 -24.73
CA ILE F 91 12.99 -10.85 -25.79
C ILE F 91 14.20 -10.84 -26.71
N SER F 92 13.99 -11.10 -27.99
CA SER F 92 15.10 -11.23 -28.92
C SER F 92 14.70 -10.68 -30.29
N GLY F 93 15.60 -9.92 -30.89
CA GLY F 93 15.27 -9.30 -32.17
C GLY F 93 16.12 -8.06 -32.43
N LEU F 94 15.54 -7.16 -33.24
CA LEU F 94 16.10 -5.89 -33.71
C LEU F 94 17.13 -6.00 -34.82
N GLY F 95 17.72 -7.17 -35.00
CA GLY F 95 18.51 -7.37 -36.19
C GLY F 95 17.54 -7.88 -37.23
N THR F 96 16.46 -8.43 -36.70
CA THR F 96 15.43 -9.04 -37.49
C THR F 96 14.48 -8.01 -38.09
N LEU F 97 14.09 -7.01 -37.30
CA LEU F 97 13.21 -5.97 -37.80
C LEU F 97 13.86 -5.09 -38.84
N LEU F 98 15.16 -5.26 -39.08
CA LEU F 98 15.85 -4.50 -40.10
C LEU F 98 16.53 -5.41 -41.12
N SER F 99 17.48 -6.23 -40.69
CA SER F 99 18.19 -7.10 -41.62
C SER F 99 17.48 -8.41 -41.90
N GLY F 100 16.33 -8.67 -41.29
CA GLY F 100 15.53 -9.81 -41.69
C GLY F 100 16.04 -11.20 -41.40
N VAL F 101 16.27 -11.53 -40.12
CA VAL F 101 16.35 -12.91 -39.67
C VAL F 101 17.49 -13.66 -40.34
N TYR F 102 18.71 -13.36 -39.96
CA TYR F 102 19.83 -14.13 -40.45
C TYR F 102 20.00 -15.41 -39.62
N ILE F 103 20.59 -16.42 -40.24
CA ILE F 103 20.95 -17.65 -39.55
C ILE F 103 22.38 -17.56 -39.06
N GLU F 104 22.62 -17.93 -37.81
CA GLU F 104 23.98 -17.96 -37.31
C GLU F 104 24.54 -19.37 -37.28
N LEU F 105 25.84 -19.45 -37.50
CA LEU F 105 26.58 -20.69 -37.63
C LEU F 105 27.73 -20.68 -36.64
N GLN F 106 27.67 -21.54 -35.64
CA GLN F 106 28.75 -21.64 -34.70
C GLN F 106 29.70 -22.74 -35.12
N PRO F 107 30.95 -22.42 -35.43
CA PRO F 107 31.91 -23.44 -35.85
C PRO F 107 32.36 -24.29 -34.69
N GLY F 108 33.04 -25.39 -35.04
CA GLY F 108 33.59 -26.28 -34.04
C GLY F 108 34.90 -26.86 -34.54
N ALA F 109 35.63 -27.48 -33.63
CA ALA F 109 36.90 -28.12 -33.95
C ALA F 109 36.80 -29.63 -34.11
N LYS F 110 35.63 -30.23 -33.90
CA LYS F 110 35.59 -31.65 -33.63
C LYS F 110 35.70 -32.53 -34.87
N GLY F 111 34.62 -32.62 -35.65
CA GLY F 111 34.44 -33.69 -36.60
C GLY F 111 34.59 -33.24 -38.05
N SER F 112 34.05 -34.06 -38.94
CA SER F 112 34.17 -33.90 -40.38
C SER F 112 32.97 -33.09 -40.90
N LYS F 113 32.74 -33.12 -42.21
CA LYS F 113 31.55 -32.47 -42.76
C LYS F 113 30.28 -32.96 -42.07
N MET F 114 30.08 -34.27 -42.03
CA MET F 114 28.94 -34.90 -41.34
C MET F 114 27.62 -34.23 -41.75
N ASP F 115 27.40 -34.17 -43.05
CA ASP F 115 26.38 -33.27 -43.59
C ASP F 115 24.98 -33.78 -43.28
N LYS F 116 23.98 -33.02 -43.74
CA LYS F 116 22.59 -33.10 -43.31
C LYS F 116 22.47 -32.77 -41.81
N TYR F 117 22.73 -31.51 -41.51
CA TYR F 117 22.66 -30.99 -40.15
C TYR F 117 21.22 -30.78 -39.72
N ASP F 118 21.04 -30.12 -38.59
CA ASP F 118 19.72 -29.69 -38.16
C ASP F 118 19.83 -28.28 -37.61
N LEU F 119 18.79 -27.50 -37.81
CA LEU F 119 18.77 -26.10 -37.43
C LEU F 119 17.97 -25.93 -36.15
N LEU F 120 18.48 -25.09 -35.26
CA LEU F 120 17.87 -24.89 -33.97
C LEU F 120 17.27 -23.50 -33.86
N ASP F 121 16.07 -23.43 -33.31
CA ASP F 121 15.53 -22.17 -32.86
C ASP F 121 16.13 -21.88 -31.49
N SER F 122 16.35 -20.61 -31.21
CA SER F 122 16.97 -20.11 -29.99
C SER F 122 18.46 -20.45 -29.98
N PRO F 123 19.29 -19.59 -29.39
CA PRO F 123 20.73 -19.79 -29.41
C PRO F 123 21.20 -20.63 -28.24
N PRO F 124 21.32 -21.94 -28.40
CA PRO F 124 21.76 -22.79 -27.28
C PRO F 124 23.03 -22.24 -26.64
N LEU F 125 23.00 -22.16 -25.31
CA LEU F 125 24.10 -21.62 -24.52
C LEU F 125 25.07 -22.67 -23.97
N ALA F 126 24.75 -23.95 -24.07
CA ALA F 126 25.62 -25.00 -23.55
C ALA F 126 25.60 -26.22 -24.46
N PRO F 127 26.74 -26.91 -24.62
CA PRO F 127 28.16 -26.70 -24.31
C PRO F 127 29.05 -26.11 -25.42
N PRO F 128 29.05 -24.79 -25.65
CA PRO F 128 30.02 -24.25 -26.60
C PRO F 128 31.46 -24.48 -26.16
N ASP F 129 31.78 -24.14 -24.91
CA ASP F 129 33.11 -24.35 -24.36
C ASP F 129 33.23 -25.60 -23.49
N ALA F 130 32.13 -26.28 -23.20
CA ALA F 130 32.15 -27.54 -22.45
C ALA F 130 32.67 -27.39 -21.02
N LYS F 131 33.18 -26.21 -20.67
CA LYS F 131 33.72 -25.99 -19.33
C LYS F 131 32.59 -25.69 -18.34
N GLY F 132 32.85 -25.96 -17.07
CA GLY F 132 31.91 -25.67 -16.01
C GLY F 132 31.28 -26.95 -15.46
N ILE F 133 30.32 -26.73 -14.54
CA ILE F 133 29.66 -27.83 -13.85
C ILE F 133 28.20 -27.83 -14.24
N ARG F 134 27.56 -29.00 -14.12
CA ARG F 134 26.14 -29.13 -14.38
C ARG F 134 25.50 -29.81 -13.19
N VAL F 135 24.43 -29.22 -12.68
CA VAL F 135 23.80 -29.68 -11.45
C VAL F 135 22.36 -30.02 -11.79
N ILE F 136 21.73 -30.82 -10.94
CA ILE F 136 20.35 -31.23 -11.14
C ILE F 136 19.55 -30.79 -9.93
N LEU F 137 18.28 -30.47 -10.14
CA LEU F 137 17.42 -30.03 -9.07
C LEU F 137 16.08 -30.76 -9.10
N ASP F 138 15.36 -30.67 -7.99
CA ASP F 138 13.98 -31.09 -7.87
C ASP F 138 13.20 -29.98 -7.20
N SER F 139 11.88 -30.02 -7.30
CA SER F 139 11.09 -29.06 -6.55
C SER F 139 9.66 -29.56 -6.41
N LYS F 140 8.93 -28.93 -5.50
CA LYS F 140 7.51 -29.21 -5.37
C LYS F 140 6.69 -28.46 -6.42
N LYS F 141 7.02 -27.21 -6.70
CA LYS F 141 6.22 -26.37 -7.56
C LYS F 141 7.05 -25.87 -8.74
N ALA F 142 6.40 -25.75 -9.90
CA ALA F 142 7.06 -25.27 -11.10
C ALA F 142 7.52 -23.83 -10.92
N GLY F 143 6.58 -22.93 -10.70
CA GLY F 143 6.92 -21.64 -10.15
C GLY F 143 7.99 -20.86 -10.86
N GLN F 144 9.04 -20.59 -10.12
CA GLN F 144 10.03 -19.57 -10.41
C GLN F 144 11.11 -20.02 -11.38
N LEU F 145 11.00 -21.19 -11.96
CA LEU F 145 12.12 -21.72 -12.71
C LEU F 145 11.70 -21.94 -14.16
N SER F 146 12.30 -21.17 -15.08
CA SER F 146 12.11 -21.39 -16.50
C SER F 146 13.43 -21.13 -17.20
N PRO F 147 13.75 -21.90 -18.24
CA PRO F 147 15.10 -21.86 -18.80
C PRO F 147 15.47 -20.47 -19.26
N GLY F 148 16.76 -20.16 -19.13
CA GLY F 148 17.25 -18.82 -19.32
C GLY F 148 17.34 -17.99 -18.05
N ASP F 149 16.60 -18.34 -17.02
CA ASP F 149 16.66 -17.58 -15.77
C ASP F 149 18.01 -17.80 -15.11
N PRO F 150 18.67 -16.75 -14.66
CA PRO F 150 20.05 -16.88 -14.21
C PRO F 150 20.18 -17.47 -12.83
N VAL F 151 21.33 -18.09 -12.59
CA VAL F 151 21.68 -18.67 -11.29
C VAL F 151 22.64 -17.72 -10.60
N LEU F 152 22.23 -17.21 -9.44
CA LEU F 152 22.94 -16.16 -8.75
C LEU F 152 23.67 -16.73 -7.53
N PHE F 153 24.85 -16.19 -7.27
CA PHE F 153 25.57 -16.45 -6.02
C PHE F 153 25.76 -15.12 -5.33
N ARG F 154 25.11 -14.94 -4.19
CA ARG F 154 25.12 -13.64 -3.53
C ARG F 154 24.86 -12.53 -4.53
N GLY F 155 23.87 -12.75 -5.39
CA GLY F 155 23.46 -11.77 -6.35
C GLY F 155 24.27 -11.71 -7.63
N TYR F 156 25.48 -12.28 -7.64
CA TYR F 156 26.34 -12.19 -8.80
C TYR F 156 26.14 -13.41 -9.68
N ARG F 157 25.93 -13.20 -10.97
CA ARG F 157 25.41 -14.27 -11.82
C ARG F 157 26.54 -15.21 -12.19
N VAL F 158 26.46 -16.46 -11.73
CA VAL F 158 27.49 -17.45 -12.05
C VAL F 158 27.08 -18.41 -13.12
N GLY F 159 25.85 -18.36 -13.60
CA GLY F 159 25.42 -19.36 -14.55
C GLY F 159 23.92 -19.34 -14.71
N SER F 160 23.45 -20.18 -15.61
CA SER F 160 22.07 -20.09 -16.04
C SER F 160 21.44 -21.47 -16.08
N VAL F 161 20.12 -21.49 -16.20
CA VAL F 161 19.37 -22.74 -16.17
C VAL F 161 19.44 -23.39 -17.54
N GLU F 162 19.98 -24.61 -17.60
CA GLU F 162 20.10 -25.26 -18.89
C GLU F 162 18.74 -25.77 -19.36
N THR F 163 18.08 -26.61 -18.56
CA THR F 163 16.79 -27.17 -19.00
C THR F 163 15.87 -27.38 -17.81
N SER F 164 14.58 -27.52 -18.12
CA SER F 164 13.57 -27.86 -17.13
C SER F 164 12.78 -29.06 -17.63
N THR F 165 12.91 -30.18 -16.93
CA THR F 165 12.23 -31.41 -17.31
C THR F 165 11.15 -31.72 -16.29
N PHE F 166 9.97 -32.06 -16.77
CA PHE F 166 8.91 -32.54 -15.90
C PHE F 166 8.96 -34.04 -15.85
N ASP F 167 8.62 -34.59 -14.69
CA ASP F 167 8.49 -36.03 -14.55
C ASP F 167 7.03 -36.35 -14.25
N THR F 168 6.39 -37.07 -15.16
CA THR F 168 4.98 -37.41 -14.96
C THR F 168 4.80 -38.24 -13.70
N GLN F 169 5.46 -39.39 -13.64
CA GLN F 169 5.24 -40.32 -12.54
C GLN F 169 5.63 -39.70 -11.21
N LYS F 170 6.88 -39.27 -11.09
CA LYS F 170 7.36 -38.80 -9.79
C LYS F 170 6.67 -37.52 -9.34
N ARG F 171 6.01 -36.81 -10.25
CA ARG F 171 5.35 -35.55 -9.94
C ARG F 171 6.31 -34.49 -9.42
N ASN F 172 7.59 -34.61 -9.75
CA ASN F 172 8.58 -33.61 -9.39
C ASN F 172 9.32 -33.14 -10.64
N ILE F 173 9.68 -31.87 -10.61
CA ILE F 173 10.23 -31.17 -11.76
C ILE F 173 11.74 -31.09 -11.60
N SER F 174 12.47 -31.88 -12.38
CA SER F 174 13.91 -31.88 -12.25
C SER F 174 14.51 -30.89 -13.23
N TYR F 175 15.49 -30.13 -12.77
CA TYR F 175 16.12 -29.12 -13.59
C TYR F 175 17.58 -29.46 -13.80
N GLN F 176 18.16 -28.87 -14.83
CA GLN F 176 19.59 -28.98 -15.09
C GLN F 176 20.16 -27.58 -15.20
N LEU F 177 21.05 -27.25 -14.27
CA LEU F 177 21.71 -25.97 -14.19
C LEU F 177 23.12 -26.08 -14.71
N PHE F 178 23.62 -24.98 -15.25
CA PHE F 178 24.97 -24.93 -15.78
C PHE F 178 25.72 -23.79 -15.14
N ILE F 179 26.77 -24.11 -14.39
CA ILE F 179 27.61 -23.14 -13.72
C ILE F 179 28.87 -22.94 -14.52
N ASN F 180 29.23 -21.68 -14.77
CA ASN F 180 30.36 -21.35 -15.61
C ASN F 180 31.67 -21.76 -14.97
N ALA F 181 32.72 -21.81 -15.80
CA ALA F 181 33.96 -22.49 -15.44
C ALA F 181 34.67 -21.89 -14.23
N PRO F 182 35.04 -20.62 -14.21
CA PRO F 182 35.80 -20.12 -13.06
C PRO F 182 35.02 -20.16 -11.77
N TYR F 183 33.70 -20.22 -11.83
CA TYR F 183 32.89 -20.29 -10.63
C TYR F 183 32.50 -21.71 -10.29
N ASP F 184 32.95 -22.69 -11.07
CA ASP F 184 32.67 -24.08 -10.75
C ASP F 184 33.11 -24.44 -9.35
N ARG F 185 34.25 -23.88 -8.92
CA ARG F 185 34.81 -24.22 -7.62
C ARG F 185 33.93 -23.81 -6.46
N LEU F 186 32.83 -23.10 -6.71
CA LEU F 186 32.02 -22.61 -5.62
C LEU F 186 31.01 -23.60 -5.10
N VAL F 187 30.72 -24.68 -5.83
CA VAL F 187 29.62 -25.54 -5.43
C VAL F 187 30.20 -26.64 -4.56
N THR F 188 30.04 -26.50 -3.26
CA THR F 188 30.42 -27.50 -2.28
C THR F 188 29.29 -28.48 -2.03
N ASN F 189 29.64 -29.61 -1.41
CA ASN F 189 28.62 -30.50 -0.87
C ASN F 189 27.57 -29.73 -0.09
N ASN F 190 27.99 -28.74 0.67
CA ASN F 190 27.09 -28.11 1.61
C ASN F 190 26.29 -26.96 1.01
N VAL F 191 26.67 -26.47 -0.17
CA VAL F 191 25.91 -25.41 -0.80
C VAL F 191 24.49 -25.85 -1.03
N ARG F 192 23.55 -24.94 -0.81
CA ARG F 192 22.15 -25.25 -1.08
C ARG F 192 21.48 -24.10 -1.81
N PHE F 193 20.56 -24.48 -2.68
CA PHE F 193 19.86 -23.58 -3.58
C PHE F 193 18.55 -23.16 -2.95
N TRP F 194 18.16 -21.92 -3.17
CA TRP F 194 16.78 -21.56 -2.94
C TRP F 194 16.21 -20.85 -4.14
N LYS F 195 14.92 -21.06 -4.33
CA LYS F 195 14.17 -20.66 -5.50
C LYS F 195 13.63 -19.25 -5.33
N ASP F 196 13.80 -18.40 -6.33
CA ASP F 196 13.37 -17.02 -6.20
C ASP F 196 12.55 -16.60 -7.41
N SER F 197 11.41 -15.97 -7.13
CA SER F 197 10.76 -15.09 -8.09
C SER F 197 9.96 -14.08 -7.29
N GLY F 198 9.94 -12.85 -7.78
CA GLY F 198 9.08 -11.84 -7.20
C GLY F 198 9.56 -11.36 -5.84
N ILE F 199 8.95 -10.29 -5.41
CA ILE F 199 9.29 -9.68 -4.13
C ILE F 199 8.73 -10.53 -3.01
N ALA F 200 9.55 -10.80 -2.00
CA ALA F 200 9.08 -11.44 -0.78
C ALA F 200 9.26 -10.45 0.36
N VAL F 201 8.16 -9.91 0.87
CA VAL F 201 8.22 -9.00 2.01
C VAL F 201 8.15 -9.82 3.28
N ASP F 202 9.13 -9.64 4.15
CA ASP F 202 9.22 -10.39 5.39
C ASP F 202 9.18 -9.43 6.57
N LEU F 203 8.16 -9.57 7.41
CA LEU F 203 8.07 -8.87 8.69
C LEU F 203 8.46 -9.88 9.75
N THR F 204 9.65 -9.73 10.32
CA THR F 204 10.16 -10.73 11.24
C THR F 204 10.62 -10.06 12.52
N SER F 205 11.10 -10.87 13.46
CA SER F 205 11.54 -10.34 14.74
C SER F 205 12.80 -9.48 14.60
N ALA F 206 13.55 -9.64 13.52
CA ALA F 206 14.63 -8.70 13.26
C ALA F 206 14.08 -7.36 12.80
N GLY F 207 13.32 -7.38 11.73
CA GLY F 207 12.80 -6.16 11.13
C GLY F 207 12.51 -6.43 9.68
N MET F 208 11.86 -5.46 9.04
CA MET F 208 11.34 -5.70 7.70
C MET F 208 12.47 -6.08 6.76
N ARG F 209 12.13 -6.83 5.73
CA ARG F 209 13.09 -7.28 4.76
C ARG F 209 12.37 -7.53 3.45
N VAL F 210 13.15 -7.62 2.38
CA VAL F 210 12.62 -7.92 1.06
C VAL F 210 13.55 -8.93 0.39
N GLU F 211 12.99 -9.82 -0.41
CA GLU F 211 13.75 -10.86 -1.09
C GLU F 211 13.44 -10.80 -2.58
N MET F 212 14.46 -10.56 -3.39
CA MET F 212 14.31 -10.42 -4.83
C MET F 212 15.65 -10.71 -5.47
N GLY F 213 15.63 -10.94 -6.78
CA GLY F 213 16.85 -11.00 -7.55
C GLY F 213 17.04 -9.77 -8.42
N SER F 214 16.33 -8.70 -8.06
CA SER F 214 16.33 -7.43 -8.76
C SER F 214 15.79 -7.54 -10.18
N LEU F 215 16.60 -7.10 -11.14
CA LEU F 215 16.14 -6.94 -12.51
C LEU F 215 15.50 -8.22 -13.05
N THR F 216 16.31 -9.26 -13.30
CA THR F 216 15.82 -10.39 -14.06
C THR F 216 14.90 -11.25 -13.24
N THR F 217 15.29 -11.56 -12.01
CA THR F 217 14.58 -12.58 -11.25
C THR F 217 13.16 -12.14 -10.89
N LEU F 218 12.93 -10.84 -10.72
CA LEU F 218 11.56 -10.36 -10.61
C LEU F 218 10.74 -10.73 -11.83
N LEU F 219 11.28 -10.47 -13.02
CA LEU F 219 10.45 -10.38 -14.20
C LEU F 219 10.14 -11.74 -14.81
N SER F 220 10.95 -12.76 -14.53
CA SER F 220 10.60 -14.12 -14.92
C SER F 220 10.83 -15.11 -13.78
N GLY F 221 12.07 -15.39 -13.42
CA GLY F 221 12.35 -16.34 -12.38
C GLY F 221 13.81 -16.29 -11.99
N GLY F 222 14.21 -17.24 -11.14
CA GLY F 222 15.60 -17.27 -10.73
C GLY F 222 15.91 -18.28 -9.64
N VAL F 223 17.20 -18.59 -9.47
CA VAL F 223 17.67 -19.52 -8.47
C VAL F 223 18.95 -18.96 -7.89
N SER F 224 19.17 -19.17 -6.60
CA SER F 224 20.43 -18.71 -6.02
C SER F 224 20.96 -19.77 -5.07
N PHE F 225 22.18 -19.59 -4.58
CA PHE F 225 22.66 -20.54 -3.60
C PHE F 225 23.64 -19.93 -2.64
N ASP F 226 23.86 -20.63 -1.53
CA ASP F 226 24.87 -20.23 -0.57
C ASP F 226 25.45 -21.45 0.11
N VAL F 227 26.32 -21.18 1.07
CA VAL F 227 26.61 -22.11 2.16
C VAL F 227 25.82 -21.64 3.35
N PRO F 228 24.74 -22.31 3.73
CA PRO F 228 23.85 -21.76 4.75
C PRO F 228 24.60 -21.53 6.04
N GLU F 229 24.02 -20.73 6.91
CA GLU F 229 24.75 -20.14 8.03
C GLU F 229 25.47 -21.20 8.85
N GLY F 230 26.77 -21.02 9.00
CA GLY F 230 27.55 -21.82 9.92
C GLY F 230 27.68 -23.29 9.58
N LEU F 231 28.19 -23.60 8.40
CA LEU F 231 28.59 -24.95 8.05
C LEU F 231 29.95 -24.91 7.36
N ASP F 232 30.54 -26.08 7.20
CA ASP F 232 31.81 -26.17 6.50
C ASP F 232 31.60 -26.20 4.99
N LEU F 233 32.56 -25.63 4.27
CA LEU F 233 32.56 -25.72 2.81
C LEU F 233 32.62 -27.17 2.37
N GLY F 234 33.75 -27.84 2.59
CA GLY F 234 33.81 -29.27 2.40
C GLY F 234 33.83 -29.80 0.99
N GLN F 235 34.76 -29.30 0.19
CA GLN F 235 35.14 -29.85 -1.11
C GLN F 235 34.09 -29.58 -2.17
N PRO F 236 34.49 -29.46 -3.43
CA PRO F 236 33.50 -29.31 -4.49
C PRO F 236 32.82 -30.64 -4.78
N VAL F 237 32.01 -30.69 -5.82
CA VAL F 237 31.11 -31.81 -6.04
C VAL F 237 31.30 -32.34 -7.45
N ALA F 238 31.23 -33.67 -7.58
CA ALA F 238 31.21 -34.31 -8.88
C ALA F 238 29.99 -33.82 -9.68
N PRO F 239 30.05 -33.90 -11.00
CA PRO F 239 28.96 -33.36 -11.81
C PRO F 239 27.65 -34.09 -11.58
N LYS F 240 26.56 -33.40 -11.90
CA LYS F 240 25.21 -33.94 -12.03
C LYS F 240 24.59 -34.37 -10.71
N THR F 241 25.29 -34.25 -9.59
CA THR F 241 24.69 -34.61 -8.32
C THR F 241 23.45 -33.76 -8.05
N ALA F 242 22.53 -34.32 -7.28
CA ALA F 242 21.21 -33.74 -7.09
C ALA F 242 21.15 -32.91 -5.82
N PHE F 243 20.45 -31.79 -5.91
CA PHE F 243 20.10 -30.96 -4.76
C PHE F 243 18.59 -30.83 -4.69
N VAL F 244 18.10 -30.33 -3.57
CA VAL F 244 16.69 -30.06 -3.39
C VAL F 244 16.50 -28.56 -3.40
N LEU F 245 15.49 -28.09 -4.11
CA LEU F 245 15.26 -26.67 -4.23
C LEU F 245 14.26 -26.23 -3.17
N TYR F 246 14.73 -25.45 -2.22
CA TYR F 246 13.91 -24.97 -1.13
C TYR F 246 13.35 -23.62 -1.50
N ASP F 247 12.12 -23.37 -1.07
CA ASP F 247 11.40 -22.23 -1.62
C ASP F 247 11.88 -20.91 -1.03
N ASP F 248 12.38 -20.93 0.19
CA ASP F 248 13.11 -19.77 0.69
C ASP F 248 13.96 -20.21 1.87
N GLN F 249 14.91 -19.37 2.24
CA GLN F 249 15.89 -19.71 3.27
C GLN F 249 15.23 -20.34 4.49
N LYS F 250 14.06 -19.83 4.87
CA LYS F 250 13.36 -20.38 6.02
C LYS F 250 13.24 -21.89 5.89
N SER F 251 12.67 -22.37 4.78
CA SER F 251 12.54 -23.80 4.61
C SER F 251 13.90 -24.49 4.63
N ILE F 252 14.95 -23.83 4.15
CA ILE F 252 16.28 -24.41 4.26
C ILE F 252 16.61 -24.71 5.71
N GLN F 253 16.55 -23.69 6.56
CA GLN F 253 17.02 -23.89 7.92
C GLN F 253 16.10 -24.81 8.70
N ASP F 254 14.93 -25.12 8.14
CA ASP F 254 14.18 -26.25 8.66
C ASP F 254 14.69 -27.56 8.07
N SER F 255 15.37 -27.50 6.92
CA SER F 255 15.86 -28.73 6.33
C SER F 255 17.27 -29.07 6.78
N LEU F 256 17.94 -28.17 7.48
CA LEU F 256 19.30 -28.45 7.91
C LEU F 256 19.36 -29.67 8.81
N TYR F 257 18.46 -29.73 9.79
CA TYR F 257 18.72 -30.56 10.95
C TYR F 257 18.25 -31.99 10.74
N THR F 258 16.95 -32.19 10.57
CA THR F 258 16.43 -33.42 9.99
C THR F 258 16.51 -34.60 10.95
N ASP F 259 17.31 -34.49 12.00
CA ASP F 259 17.49 -35.59 12.94
C ASP F 259 16.66 -35.26 14.18
N HIS F 260 15.56 -35.97 14.35
CA HIS F 260 14.52 -35.54 15.27
C HIS F 260 14.25 -36.61 16.29
N ILE F 261 14.28 -36.23 17.56
CA ILE F 261 13.74 -37.03 18.63
C ILE F 261 12.32 -36.57 18.86
N ASP F 262 11.35 -37.41 18.56
CA ASP F 262 9.97 -37.01 18.69
C ASP F 262 9.54 -37.08 20.14
N TYR F 263 8.64 -36.18 20.51
CA TYR F 263 7.93 -36.22 21.77
C TYR F 263 6.46 -36.02 21.52
N LEU F 264 5.68 -36.27 22.55
CA LEU F 264 4.24 -36.07 22.52
C LEU F 264 3.88 -35.09 23.62
N MET F 265 2.77 -34.39 23.45
CA MET F 265 2.25 -33.56 24.51
C MET F 265 0.74 -33.60 24.46
N PHE F 266 0.11 -33.48 25.62
CA PHE F 266 -1.33 -33.41 25.71
C PHE F 266 -1.73 -32.05 26.24
N PHE F 267 -2.32 -31.23 25.38
CA PHE F 267 -2.82 -29.95 25.82
C PHE F 267 -4.29 -30.06 26.16
N LYS F 268 -4.70 -29.29 27.18
CA LYS F 268 -6.11 -28.94 27.18
C LYS F 268 -6.24 -27.52 26.67
N ASP F 269 -6.07 -26.51 27.53
CA ASP F 269 -5.88 -25.13 27.12
C ASP F 269 -6.74 -24.82 25.91
N SER F 270 -6.11 -24.40 24.81
CA SER F 270 -6.70 -24.60 23.50
C SER F 270 -5.59 -24.65 22.48
N VAL F 271 -5.80 -25.42 21.43
CA VAL F 271 -4.89 -25.41 20.30
C VAL F 271 -5.66 -24.77 19.17
N ARG F 272 -5.40 -23.51 18.90
CA ARG F 272 -5.93 -22.86 17.71
C ARG F 272 -4.84 -21.97 17.16
N GLY F 273 -4.46 -22.21 15.93
CA GLY F 273 -3.43 -21.42 15.31
C GLY F 273 -2.07 -22.06 15.30
N LEU F 274 -1.85 -23.17 15.99
CA LEU F 274 -0.57 -23.82 15.83
C LEU F 274 -0.49 -24.34 14.42
N GLN F 275 0.39 -23.88 13.72
CA GLN F 275 0.57 -24.51 12.45
C GLN F 275 1.76 -25.43 12.54
N PRO F 276 1.66 -26.65 12.10
CA PRO F 276 2.84 -27.52 12.10
C PRO F 276 3.99 -26.81 11.42
N GLY F 277 5.12 -26.77 12.11
CA GLY F 277 6.21 -25.91 11.72
C GLY F 277 6.39 -24.70 12.60
N ALA F 278 5.57 -24.53 13.60
CA ALA F 278 5.77 -23.41 14.51
C ALA F 278 6.77 -23.81 15.60
N PRO F 279 7.67 -22.91 15.97
CA PRO F 279 8.84 -23.33 16.74
C PRO F 279 8.46 -23.76 18.14
N VAL F 280 9.39 -24.49 18.76
CA VAL F 280 9.30 -24.89 20.17
C VAL F 280 10.51 -24.31 20.86
N GLU F 281 10.28 -23.35 21.75
CA GLU F 281 11.37 -22.58 22.31
C GLU F 281 11.54 -22.91 23.79
N PHE F 282 12.78 -22.82 24.26
CA PHE F 282 13.09 -22.86 25.68
C PHE F 282 13.56 -21.47 26.08
N ARG F 283 12.72 -20.73 26.78
CA ARG F 283 13.02 -19.35 27.15
C ARG F 283 13.42 -18.53 25.95
N GLY F 284 13.01 -18.97 24.76
CA GLY F 284 13.39 -18.29 23.55
C GLY F 284 14.64 -18.81 22.87
N ILE F 285 14.99 -20.06 23.05
CA ILE F 285 16.03 -20.69 22.28
C ILE F 285 15.41 -21.88 21.59
N ARG F 286 15.49 -21.93 20.26
CA ARG F 286 14.65 -22.85 19.52
C ARG F 286 15.24 -24.25 19.61
N LEU F 287 14.50 -25.16 20.23
CA LEU F 287 14.91 -26.54 20.36
C LEU F 287 14.33 -27.47 19.31
N GLY F 288 13.34 -27.02 18.55
CA GLY F 288 12.66 -27.94 17.67
C GLY F 288 11.28 -27.42 17.32
N THR F 289 10.62 -28.17 16.46
CA THR F 289 9.46 -27.65 15.76
C THR F 289 8.29 -28.59 15.94
N VAL F 290 7.10 -28.02 16.02
CA VAL F 290 5.89 -28.81 16.09
C VAL F 290 5.67 -29.48 14.74
N SER F 291 5.47 -30.80 14.77
CA SER F 291 5.39 -31.59 13.54
C SER F 291 3.96 -31.83 13.11
N LYS F 292 3.17 -32.49 13.95
CA LYS F 292 1.78 -32.77 13.60
C LYS F 292 0.85 -32.21 14.66
N VAL F 293 -0.23 -31.59 14.21
CA VAL F 293 -1.32 -31.26 15.09
C VAL F 293 -2.64 -31.48 14.39
N PRO F 294 -3.61 -32.06 15.10
CA PRO F 294 -3.41 -32.86 16.29
C PRO F 294 -2.85 -34.20 15.87
N PHE F 295 -2.76 -35.17 16.76
CA PHE F 295 -2.11 -36.43 16.43
C PHE F 295 -3.11 -37.57 16.42
N PHE F 296 -3.26 -38.20 15.27
CA PHE F 296 -4.21 -39.28 15.06
C PHE F 296 -3.49 -40.63 15.08
N ALA F 297 -3.84 -41.48 16.03
CA ALA F 297 -3.39 -42.85 16.01
C ALA F 297 -4.56 -43.73 16.41
N PRO F 298 -4.73 -44.89 15.76
CA PRO F 298 -5.82 -45.79 16.16
C PRO F 298 -5.68 -46.27 17.58
N ASN F 299 -4.47 -46.28 18.12
CA ASN F 299 -4.30 -46.48 19.57
C ASN F 299 -4.83 -45.28 20.32
N MET F 300 -4.53 -44.07 19.84
CA MET F 300 -5.11 -42.87 20.42
C MET F 300 -6.59 -42.77 20.11
N ARG F 301 -7.11 -43.62 19.24
CA ARG F 301 -8.55 -43.68 19.05
C ARG F 301 -9.22 -44.20 20.32
N GLN F 302 -8.64 -45.24 20.92
CA GLN F 302 -9.17 -45.74 22.18
C GLN F 302 -8.70 -44.89 23.36
N THR F 303 -7.40 -44.60 23.43
CA THR F 303 -6.87 -43.94 24.62
C THR F 303 -7.22 -42.46 24.66
N PHE F 304 -7.13 -41.79 23.50
CA PHE F 304 -7.50 -40.38 23.44
C PHE F 304 -8.98 -40.17 23.67
N ASN F 305 -9.83 -41.10 23.20
CA ASN F 305 -11.25 -41.03 23.53
C ASN F 305 -11.49 -41.14 25.02
N ASP F 306 -10.53 -41.70 25.77
CA ASP F 306 -10.55 -41.56 27.22
C ASP F 306 -9.98 -40.22 27.68
N ASP F 307 -9.02 -39.69 26.93
CA ASP F 307 -8.31 -38.48 27.35
C ASP F 307 -9.16 -37.22 27.22
N TYR F 308 -9.75 -36.98 26.04
CA TYR F 308 -10.39 -35.70 25.71
C TYR F 308 -9.44 -34.54 25.93
N ARG F 309 -8.18 -34.78 25.62
CA ARG F 309 -7.18 -33.74 25.46
C ARG F 309 -6.61 -33.86 24.06
N ILE F 310 -5.89 -32.84 23.63
CA ILE F 310 -5.44 -32.75 22.24
C ILE F 310 -3.97 -33.18 22.19
N PRO F 311 -3.63 -34.22 21.47
CA PRO F 311 -2.23 -34.60 21.31
C PRO F 311 -1.53 -33.73 20.29
N VAL F 312 -0.25 -33.49 20.54
CA VAL F 312 0.58 -32.70 19.66
C VAL F 312 1.95 -33.35 19.61
N LEU F 313 2.52 -33.47 18.43
CA LEU F 313 3.88 -34.00 18.32
C LEU F 313 4.90 -32.88 18.31
N ILE F 314 6.05 -33.17 18.88
CA ILE F 314 7.18 -32.26 18.81
C ILE F 314 8.35 -32.99 18.18
N ARG F 315 9.06 -32.32 17.31
CA ARG F 315 10.34 -32.82 16.84
C ARG F 315 11.40 -32.00 17.55
N ILE F 316 12.10 -32.61 18.50
CA ILE F 316 13.24 -31.96 19.11
C ILE F 316 14.46 -32.21 18.22
N GLU F 317 15.08 -31.14 17.76
CA GLU F 317 16.20 -31.26 16.85
C GLU F 317 17.48 -30.90 17.58
N PRO F 318 18.30 -31.86 17.97
CA PRO F 318 19.36 -31.56 18.95
C PRO F 318 20.37 -30.57 18.44
N GLU F 319 20.71 -30.62 17.16
CA GLU F 319 21.81 -29.82 16.66
C GLU F 319 21.62 -28.35 16.94
N ARG F 320 20.37 -27.91 17.06
CA ARG F 320 20.11 -26.49 17.26
C ARG F 320 20.87 -25.96 18.47
N LEU F 321 21.13 -26.81 19.45
CA LEU F 321 21.98 -26.41 20.57
C LEU F 321 23.47 -26.50 20.22
N LYS F 322 23.89 -27.63 19.67
CA LYS F 322 25.30 -27.92 19.47
C LYS F 322 25.47 -29.29 18.85
N ASP F 330 22.12 -39.44 24.53
CA ASP F 330 22.49 -38.83 25.81
C ASP F 330 21.42 -37.83 26.24
N VAL F 331 20.85 -37.13 25.26
CA VAL F 331 19.89 -36.08 25.56
C VAL F 331 18.70 -36.64 26.33
N VAL F 332 18.29 -37.87 25.98
CA VAL F 332 17.16 -38.48 26.67
C VAL F 332 17.40 -38.52 28.17
N GLU F 333 18.64 -38.78 28.57
CA GLU F 333 19.00 -38.69 29.98
C GLU F 333 18.73 -37.28 30.50
N HIS F 334 19.26 -36.28 29.80
CA HIS F 334 19.13 -34.91 30.24
C HIS F 334 17.66 -34.55 30.46
N LEU F 335 16.84 -34.68 29.41
CA LEU F 335 15.46 -34.24 29.50
C LEU F 335 14.65 -35.11 30.44
N GLY F 336 14.72 -36.43 30.25
CA GLY F 336 14.02 -37.34 31.15
C GLY F 336 14.31 -37.06 32.60
N GLU F 337 15.53 -36.62 32.90
CA GLU F 337 15.82 -36.14 34.24
C GLU F 337 15.27 -34.73 34.49
N LEU F 338 15.04 -33.96 33.43
CA LEU F 338 14.57 -32.60 33.65
C LEU F 338 13.09 -32.54 33.97
N LEU F 339 12.28 -33.45 33.43
CA LEU F 339 10.87 -33.43 33.77
C LEU F 339 10.70 -33.54 35.28
N LYS F 340 11.38 -34.51 35.88
CA LYS F 340 11.41 -34.60 37.33
C LYS F 340 11.99 -33.35 37.96
N ARG F 341 12.77 -32.57 37.21
CA ARG F 341 13.28 -31.30 37.68
C ARG F 341 12.40 -30.13 37.30
N GLY F 342 11.26 -30.37 36.66
CA GLY F 342 10.27 -29.33 36.45
C GLY F 342 10.10 -28.70 35.06
N LEU F 343 10.59 -29.30 33.99
CA LEU F 343 10.19 -28.84 32.66
C LEU F 343 8.71 -29.05 32.44
N ARG F 344 8.09 -28.10 31.75
CA ARG F 344 6.67 -28.17 31.47
C ARG F 344 6.39 -27.45 30.16
N GLY F 345 5.46 -27.99 29.38
CA GLY F 345 5.09 -27.36 28.14
C GLY F 345 3.96 -26.36 28.31
N SER F 346 3.97 -25.34 27.46
CA SER F 346 2.97 -24.28 27.52
C SER F 346 2.79 -23.72 26.12
N LEU F 347 1.70 -22.98 25.94
CA LEU F 347 1.46 -22.30 24.68
C LEU F 347 1.57 -20.81 24.90
N LYS F 348 2.50 -20.18 24.22
CA LYS F 348 2.58 -18.74 24.23
C LYS F 348 2.28 -18.20 22.84
N THR F 349 2.24 -16.89 22.73
CA THR F 349 1.71 -16.22 21.55
C THR F 349 2.77 -15.31 20.95
N GLY F 350 3.29 -15.68 19.79
CA GLY F 350 4.06 -14.78 18.98
C GLY F 350 3.11 -13.85 18.26
N ASN F 351 3.66 -13.02 17.37
CA ASN F 351 2.79 -12.09 16.67
C ASN F 351 2.07 -11.21 17.68
N LEU F 352 0.81 -11.58 17.98
CA LEU F 352 -0.26 -10.79 18.58
C LEU F 352 -1.12 -10.25 17.46
N VAL F 353 -0.71 -10.48 16.23
CA VAL F 353 -1.54 -10.28 15.06
C VAL F 353 -1.45 -11.53 14.21
N THR F 354 -2.60 -12.08 13.84
CA THR F 354 -2.80 -13.45 13.37
C THR F 354 -2.72 -14.39 14.56
N GLY F 355 -2.16 -13.92 15.67
CA GLY F 355 -2.15 -14.68 16.90
C GLY F 355 -1.69 -16.11 16.74
N ALA F 356 -0.61 -16.31 16.01
CA ALA F 356 -0.04 -17.64 15.95
C ALA F 356 0.52 -18.02 17.30
N LEU F 357 0.61 -19.32 17.55
CA LEU F 357 1.05 -19.84 18.83
C LEU F 357 2.35 -20.61 18.65
N TYR F 358 3.11 -20.74 19.73
CA TYR F 358 4.23 -21.64 19.76
C TYR F 358 4.31 -22.25 21.13
N VAL F 359 5.23 -23.18 21.31
CA VAL F 359 5.26 -23.99 22.51
C VAL F 359 6.43 -23.54 23.36
N ASP F 360 6.16 -22.85 24.45
CA ASP F 360 7.23 -22.48 25.37
C ASP F 360 7.50 -23.64 26.30
N LEU F 361 8.74 -23.76 26.73
CA LEU F 361 9.15 -24.93 27.49
C LEU F 361 9.98 -24.40 28.66
N ASP F 362 9.49 -24.56 29.88
CA ASP F 362 10.16 -23.95 31.03
C ASP F 362 9.65 -24.43 32.37
N ASN F 377 1.93 -43.23 25.05
CA ASN F 377 1.92 -44.03 23.82
C ASN F 377 3.36 -44.35 23.46
N GLY F 378 3.59 -44.87 22.27
CA GLY F 378 4.93 -45.30 21.89
C GLY F 378 5.96 -44.20 22.01
N TYR F 379 5.54 -42.95 21.85
CA TYR F 379 6.40 -41.80 22.05
C TYR F 379 6.42 -41.39 23.52
N GLN F 380 7.54 -40.80 23.95
CA GLN F 380 7.58 -40.24 25.29
C GLN F 380 6.62 -39.05 25.38
N ILE F 381 6.27 -38.67 26.61
CA ILE F 381 5.27 -37.64 26.85
C ILE F 381 5.85 -36.56 27.75
N ILE F 382 5.63 -35.32 27.37
CA ILE F 382 5.99 -34.15 28.17
C ILE F 382 4.73 -33.60 28.81
N PRO F 383 4.71 -33.35 30.10
CA PRO F 383 3.52 -32.76 30.72
C PRO F 383 3.35 -31.31 30.33
N THR F 384 2.14 -30.79 30.55
CA THR F 384 1.76 -29.47 30.08
C THR F 384 1.13 -28.67 31.21
N VAL F 385 1.78 -27.57 31.58
CA VAL F 385 1.13 -26.60 32.45
C VAL F 385 0.15 -25.78 31.64
N SER F 386 -0.99 -25.49 32.22
CA SER F 386 -1.98 -24.68 31.54
C SER F 386 -1.43 -23.27 31.30
N GLY F 387 -1.98 -22.60 30.29
CA GLY F 387 -1.50 -21.28 29.95
C GLY F 387 -1.65 -20.36 31.14
N GLY F 388 -0.64 -19.55 31.40
CA GLY F 388 -0.71 -18.64 32.52
C GLY F 388 -1.82 -17.62 32.33
N LEU F 389 -1.94 -17.08 31.13
CA LEU F 389 -2.98 -16.09 30.86
C LEU F 389 -4.36 -16.70 31.04
N ALA F 390 -4.53 -17.91 30.54
CA ALA F 390 -5.82 -18.58 30.65
C ALA F 390 -6.13 -18.85 32.10
N GLN F 391 -5.12 -19.25 32.87
CA GLN F 391 -5.30 -19.56 34.28
C GLN F 391 -5.76 -18.30 34.99
N ILE F 392 -5.13 -17.19 34.63
CA ILE F 392 -5.47 -15.91 35.21
C ILE F 392 -6.89 -15.50 34.84
N GLN F 393 -7.30 -15.78 33.61
CA GLN F 393 -8.63 -15.38 33.17
C GLN F 393 -9.69 -16.24 33.83
N GLN F 394 -9.27 -17.35 34.40
CA GLN F 394 -10.21 -18.41 34.74
C GLN F 394 -10.52 -18.39 36.21
N ARG F 395 -9.51 -18.62 37.05
CA ARG F 395 -9.65 -18.27 38.45
C ARG F 395 -10.18 -16.84 38.55
N LEU F 396 -9.76 -15.99 37.61
CA LEU F 396 -10.31 -14.66 37.52
C LEU F 396 -11.82 -14.71 37.39
N MET F 397 -12.29 -15.36 36.34
CA MET F 397 -13.72 -15.49 36.17
C MET F 397 -14.34 -16.17 37.38
N GLU F 398 -13.51 -16.89 38.14
CA GLU F 398 -14.03 -17.80 39.15
C GLU F 398 -14.34 -17.05 40.42
N ALA F 399 -13.30 -16.65 41.14
CA ALA F 399 -13.53 -15.78 42.28
C ALA F 399 -14.34 -14.56 41.87
N LEU F 400 -14.33 -14.24 40.57
CA LEU F 400 -15.30 -13.30 40.06
C LEU F 400 -16.71 -13.75 40.37
N ASP F 401 -17.08 -14.95 39.93
CA ASP F 401 -18.39 -15.47 40.28
C ASP F 401 -18.59 -15.49 41.79
N LYS F 402 -17.62 -16.04 42.53
CA LYS F 402 -17.72 -16.09 43.98
C LYS F 402 -17.95 -14.69 44.56
N ILE F 403 -17.53 -13.67 43.84
CA ILE F 403 -17.77 -12.32 44.28
C ILE F 403 -19.20 -11.93 43.99
N ASN F 404 -19.70 -12.29 42.81
CA ASN F 404 -21.14 -12.15 42.57
C ASN F 404 -21.91 -12.85 43.68
N LYS F 405 -21.31 -13.86 44.30
CA LYS F 405 -21.94 -14.53 45.43
C LYS F 405 -22.05 -13.60 46.62
N LEU F 406 -21.49 -12.40 46.52
CA LEU F 406 -21.74 -11.40 47.53
C LEU F 406 -22.75 -10.38 47.00
N UNK F 407 -25.34 -10.48 54.33
CA UNK F 407 -24.22 -9.84 53.65
C UNK F 407 -24.24 -8.36 53.95
N UNK F 408 -24.15 -7.55 52.89
CA UNK F 408 -24.29 -6.12 53.03
C UNK F 408 -25.50 -5.79 53.89
N UNK F 409 -26.58 -6.53 53.68
CA UNK F 409 -27.69 -6.48 54.62
C UNK F 409 -27.22 -6.81 56.02
N UNK F 410 -26.78 -8.05 56.24
CA UNK F 410 -26.38 -8.48 57.58
C UNK F 410 -25.46 -7.45 58.21
N UNK F 411 -24.57 -6.88 57.41
CA UNK F 411 -23.74 -5.77 57.88
C UNK F 411 -24.59 -4.62 58.40
N UNK F 412 -25.47 -4.09 57.55
CA UNK F 412 -26.29 -2.96 57.94
C UNK F 412 -26.99 -3.23 59.26
N UNK F 413 -27.42 -4.47 59.46
CA UNK F 413 -28.01 -4.86 60.74
C UNK F 413 -27.01 -4.69 61.87
N UNK F 414 -25.82 -5.26 61.71
CA UNK F 414 -24.81 -5.14 62.74
C UNK F 414 -24.63 -3.69 63.17
N UNK F 415 -24.51 -2.78 62.19
CA UNK F 415 -24.34 -1.36 62.52
C UNK F 415 -25.40 -0.91 63.51
N UNK F 416 -26.65 -1.25 63.23
CA UNK F 416 -27.72 -0.92 64.15
C UNK F 416 -27.45 -1.50 65.53
N UNK F 417 -27.26 -2.82 65.60
CA UNK F 417 -27.00 -3.44 66.88
C UNK F 417 -25.94 -2.66 67.64
N UNK F 418 -24.94 -2.20 66.91
CA UNK F 418 -23.93 -1.33 67.50
C UNK F 418 -24.56 -0.11 68.12
N UNK F 419 -25.03 0.83 67.30
CA UNK F 419 -25.46 2.11 67.85
C UNK F 419 -26.39 1.92 69.03
N UNK F 420 -27.35 1.00 68.89
CA UNK F 420 -28.21 0.65 70.01
C UNK F 420 -27.36 0.35 71.24
N UNK F 421 -26.38 -0.53 71.07
CA UNK F 421 -25.49 -0.80 72.17
C UNK F 421 -24.84 0.48 72.68
N UNK F 422 -24.36 1.33 71.79
CA UNK F 422 -23.67 2.54 72.21
C UNK F 422 -24.51 3.30 73.23
N UNK F 423 -25.75 3.60 72.86
CA UNK F 423 -26.65 4.23 73.81
C UNK F 423 -26.72 3.44 75.11
N UNK F 424 -27.01 2.14 74.99
CA UNK F 424 -27.15 1.32 76.18
C UNK F 424 -25.96 1.50 77.11
N UNK F 425 -24.75 1.41 76.58
CA UNK F 425 -23.56 1.53 77.39
C UNK F 425 -23.51 2.88 78.07
N UNK F 426 -23.87 3.94 77.35
CA UNK F 426 -23.96 5.23 78.01
C UNK F 426 -24.80 5.12 79.27
N UNK F 427 -26.02 4.59 79.14
CA UNK F 427 -26.83 4.34 80.32
C UNK F 427 -26.03 3.60 81.38
N UNK F 428 -25.33 2.59 80.87
CA UNK F 428 -24.44 1.73 81.60
C UNK F 428 -23.35 2.64 82.12
N UNK F 429 -22.99 3.64 81.32
CA UNK F 429 -21.97 4.61 81.72
C UNK F 429 -22.55 5.35 82.92
N UNK F 430 -23.84 5.63 82.83
CA UNK F 430 -24.60 6.29 83.89
C UNK F 430 -24.56 5.32 85.05
N UNK F 431 -24.66 4.03 84.71
CA UNK F 431 -24.61 2.96 85.69
C UNK F 431 -23.24 3.06 86.32
N UNK F 432 -22.25 3.38 85.50
CA UNK F 432 -20.88 3.54 85.96
C UNK F 432 -20.82 4.69 86.96
N UNK F 433 -21.56 5.76 86.69
CA UNK F 433 -21.62 6.92 87.57
C UNK F 433 -22.22 6.53 88.91
N UNK F 434 -23.25 5.69 88.85
CA UNK F 434 -23.93 5.20 90.04
C UNK F 434 -22.96 4.36 90.85
N UNK F 435 -22.14 3.57 90.15
CA UNK F 435 -21.13 2.73 90.77
C UNK F 435 -20.11 3.61 91.47
N UNK F 436 -19.75 4.71 90.84
CA UNK F 436 -18.80 5.68 91.39
C UNK F 436 -19.38 6.29 92.67
N UNK F 437 -20.68 6.58 92.65
CA UNK F 437 -21.35 7.14 93.82
C UNK F 437 -21.32 6.10 94.95
N UNK F 438 -21.53 4.86 94.56
CA UNK F 438 -21.54 3.70 95.45
C UNK F 438 -20.17 3.54 96.10
N UNK F 439 -19.13 3.86 95.34
CA UNK F 439 -17.77 3.74 95.84
C UNK F 439 -17.68 4.63 97.06
N UNK F 440 11.40 0.89 14.78
CA UNK F 440 12.69 0.72 14.14
C UNK F 440 12.58 -0.19 12.91
N UNK F 441 11.37 -0.28 12.36
CA UNK F 441 11.08 -1.17 11.24
C UNK F 441 11.52 -0.52 9.94
N UNK F 442 12.34 -1.21 9.16
CA UNK F 442 12.84 -0.67 7.92
C UNK F 442 12.60 -1.64 6.78
N UNK F 443 11.71 -1.28 5.86
CA UNK F 443 11.43 -2.07 4.66
C UNK F 443 12.20 -1.49 3.50
N UNK F 444 13.20 -2.23 3.02
CA UNK F 444 14.03 -1.78 1.92
C UNK F 444 13.57 -2.51 0.68
N UNK F 445 12.92 -1.78 -0.23
CA UNK F 445 12.35 -2.39 -1.42
C UNK F 445 13.39 -2.36 -2.52
N UNK F 446 13.92 -3.53 -2.86
CA UNK F 446 14.96 -3.62 -3.86
C UNK F 446 14.35 -3.41 -5.23
N UNK F 447 14.85 -2.41 -5.95
CA UNK F 447 14.36 -2.07 -7.27
C UNK F 447 15.34 -2.56 -8.31
N UNK F 448 15.04 -2.20 -9.56
CA UNK F 448 15.75 -2.67 -10.74
C UNK F 448 15.44 -4.13 -10.96
N UNK F 449 14.23 -12.33 -18.39
CA UNK F 449 13.70 -11.38 -19.35
C UNK F 449 14.55 -10.11 -19.40
N UNK F 450 15.63 -10.16 -20.18
CA UNK F 450 16.43 -8.97 -20.45
C UNK F 450 16.20 -8.62 -21.92
N UNK F 451 16.78 -7.51 -22.37
CA UNK F 451 16.45 -6.94 -23.67
C UNK F 451 17.54 -7.27 -24.68
N UNK F 452 17.14 -7.51 -25.91
CA UNK F 452 18.06 -7.86 -26.97
C UNK F 452 18.05 -6.75 -28.01
N UNK F 453 19.10 -6.72 -28.83
CA UNK F 453 19.40 -5.56 -29.64
C UNK F 453 19.99 -5.99 -30.98
#